data_3CNR
# 
_entry.id   3CNR 
# 
_audit_conform.dict_name       mmcif_pdbx.dic 
_audit_conform.dict_version    5.399 
_audit_conform.dict_location   http://mmcif.pdb.org/dictionaries/ascii/mmcif_pdbx.dic 
# 
loop_
_database_2.database_id 
_database_2.database_code 
_database_2.pdbx_database_accession 
_database_2.pdbx_DOI 
PDB   3CNR         pdb_00003cnr 10.2210/pdb3cnr/pdb 
RCSB  RCSB046997   ?            ?                   
WWPDB D_1000046997 ?            ?                   
# 
loop_
_pdbx_audit_revision_history.ordinal 
_pdbx_audit_revision_history.data_content_type 
_pdbx_audit_revision_history.major_revision 
_pdbx_audit_revision_history.minor_revision 
_pdbx_audit_revision_history.revision_date 
1 'Structure model' 1 0 2009-03-31 
2 'Structure model' 1 1 2011-07-13 
3 'Structure model' 1 2 2017-10-25 
4 'Structure model' 1 3 2024-11-20 
# 
_pdbx_audit_revision_details.ordinal             1 
_pdbx_audit_revision_details.revision_ordinal    1 
_pdbx_audit_revision_details.data_content_type   'Structure model' 
_pdbx_audit_revision_details.provider            repository 
_pdbx_audit_revision_details.type                'Initial release' 
_pdbx_audit_revision_details.description         ? 
_pdbx_audit_revision_details.details             ? 
# 
loop_
_pdbx_audit_revision_group.ordinal 
_pdbx_audit_revision_group.revision_ordinal 
_pdbx_audit_revision_group.data_content_type 
_pdbx_audit_revision_group.group 
1 2 'Structure model' 'Version format compliance' 
2 3 'Structure model' Advisory                    
3 3 'Structure model' 'Refinement description'    
4 4 'Structure model' Advisory                    
5 4 'Structure model' 'Data collection'           
6 4 'Structure model' 'Database references'       
7 4 'Structure model' 'Derived calculations'      
8 4 'Structure model' 'Refinement description'    
9 4 'Structure model' 'Structure summary'         
# 
loop_
_pdbx_audit_revision_category.ordinal 
_pdbx_audit_revision_category.revision_ordinal 
_pdbx_audit_revision_category.data_content_type 
_pdbx_audit_revision_category.category 
1  3 'Structure model' pdbx_unobs_or_zero_occ_atoms 
2  3 'Structure model' software                     
3  4 'Structure model' chem_comp_atom               
4  4 'Structure model' chem_comp_bond               
5  4 'Structure model' database_2                   
6  4 'Structure model' pdbx_entry_details           
7  4 'Structure model' pdbx_modification_feature    
8  4 'Structure model' pdbx_unobs_or_zero_occ_atoms 
9  4 'Structure model' struct_conn                  
10 4 'Structure model' struct_ncs_dom_lim           
# 
loop_
_pdbx_audit_revision_item.ordinal 
_pdbx_audit_revision_item.revision_ordinal 
_pdbx_audit_revision_item.data_content_type 
_pdbx_audit_revision_item.item 
1 3 'Structure model' '_software.name'                       
2 4 'Structure model' '_database_2.pdbx_DOI'                 
3 4 'Structure model' '_database_2.pdbx_database_accession'  
4 4 'Structure model' '_struct_conn.pdbx_leaving_atom_flag'  
5 4 'Structure model' '_struct_ncs_dom_lim.beg_auth_comp_id' 
6 4 'Structure model' '_struct_ncs_dom_lim.end_auth_comp_id' 
# 
_pdbx_database_status.status_code                     REL 
_pdbx_database_status.entry_id                        3CNR 
_pdbx_database_status.recvd_initial_deposition_date   2008-03-26 
_pdbx_database_status.deposit_site                    RCSB 
_pdbx_database_status.process_site                    RCSB 
_pdbx_database_status.status_code_sf                  REL 
_pdbx_database_status.status_code_mr                  ? 
_pdbx_database_status.SG_entry                        ? 
_pdbx_database_status.pdb_format_compatible           Y 
_pdbx_database_status.status_code_cs                  ? 
_pdbx_database_status.methods_development_category    ? 
_pdbx_database_status.status_code_nmr_data            ? 
# 
loop_
_audit_author.name 
_audit_author.pdbx_ordinal 
'Guzzo, C.R.' 1 
'Farah, C.S.' 2 
# 
_citation.id                        primary 
_citation.title                     
'PILZ protein structure and interactions with PILB and the FIMX EAL domain: implications for control of type IV pilus biogenesis.' 
_citation.journal_abbrev            J.Mol.Biol. 
_citation.journal_volume            393 
_citation.page_first                848 
_citation.page_last                 866 
_citation.year                      2009 
_citation.journal_id_ASTM           JMOBAK 
_citation.country                   UK 
_citation.journal_id_ISSN           0022-2836 
_citation.journal_id_CSD            0070 
_citation.book_publisher            ? 
_citation.pdbx_database_id_PubMed   19646999 
_citation.pdbx_database_id_DOI      10.1016/j.jmb.2009.07.065 
# 
loop_
_citation_author.citation_id 
_citation_author.name 
_citation_author.ordinal 
_citation_author.identifier_ORCID 
primary 'Guzzo, C.R.'   1 ? 
primary 'Salinas, R.K.' 2 ? 
primary 'Andrade, M.O.' 3 ? 
primary 'Farah, C.S.'   4 ? 
# 
loop_
_entity.id 
_entity.type 
_entity.src_method 
_entity.pdbx_description 
_entity.formula_weight 
_entity.pdbx_number_of_molecules 
_entity.pdbx_ec 
_entity.pdbx_mutation 
_entity.pdbx_fragment 
_entity.details 
1 polymer man 'Type IV fimbriae assembly protein' 12677.885 2   ? ? ? ? 
2 water   nat water                               18.015    119 ? ? ? ? 
# 
_entity_poly.entity_id                      1 
_entity_poly.type                           'polypeptide(L)' 
_entity_poly.nstd_linkage                   no 
_entity_poly.nstd_monomer                   yes 
_entity_poly.pdbx_seq_one_letter_code       
;(MSE)SA(MSE)NARQGILSLALKDKPALYSAY(MSE)PFVKGGGIFVPTPKRY(MSE)LGDEVFLLLTLPDSSERLPVA
GKVIWTTPAGAQGNRAAGIGVQFPDGPEGEAVRNKIETLLAGLTTSDKPTHT(MSE)
;
_entity_poly.pdbx_seq_one_letter_code_can   
;MSAMNARQGILSLALKDKPALYSAYMPFVKGGGIFVPTPKRYMLGDEVFLLLTLPDSSERLPVAGKVIWTTPAGAQGNRA
AGIGVQFPDGPEGEAVRNKIETLLAGLTTSDKPTHTM
;
_entity_poly.pdbx_strand_id                 A,B 
_entity_poly.pdbx_target_identifier         ? 
# 
_pdbx_entity_nonpoly.entity_id   2 
_pdbx_entity_nonpoly.name        water 
_pdbx_entity_nonpoly.comp_id     HOH 
# 
loop_
_entity_poly_seq.entity_id 
_entity_poly_seq.num 
_entity_poly_seq.mon_id 
_entity_poly_seq.hetero 
1 1   MSE n 
1 2   SER n 
1 3   ALA n 
1 4   MSE n 
1 5   ASN n 
1 6   ALA n 
1 7   ARG n 
1 8   GLN n 
1 9   GLY n 
1 10  ILE n 
1 11  LEU n 
1 12  SER n 
1 13  LEU n 
1 14  ALA n 
1 15  LEU n 
1 16  LYS n 
1 17  ASP n 
1 18  LYS n 
1 19  PRO n 
1 20  ALA n 
1 21  LEU n 
1 22  TYR n 
1 23  SER n 
1 24  ALA n 
1 25  TYR n 
1 26  MSE n 
1 27  PRO n 
1 28  PHE n 
1 29  VAL n 
1 30  LYS n 
1 31  GLY n 
1 32  GLY n 
1 33  GLY n 
1 34  ILE n 
1 35  PHE n 
1 36  VAL n 
1 37  PRO n 
1 38  THR n 
1 39  PRO n 
1 40  LYS n 
1 41  ARG n 
1 42  TYR n 
1 43  MSE n 
1 44  LEU n 
1 45  GLY n 
1 46  ASP n 
1 47  GLU n 
1 48  VAL n 
1 49  PHE n 
1 50  LEU n 
1 51  LEU n 
1 52  LEU n 
1 53  THR n 
1 54  LEU n 
1 55  PRO n 
1 56  ASP n 
1 57  SER n 
1 58  SER n 
1 59  GLU n 
1 60  ARG n 
1 61  LEU n 
1 62  PRO n 
1 63  VAL n 
1 64  ALA n 
1 65  GLY n 
1 66  LYS n 
1 67  VAL n 
1 68  ILE n 
1 69  TRP n 
1 70  THR n 
1 71  THR n 
1 72  PRO n 
1 73  ALA n 
1 74  GLY n 
1 75  ALA n 
1 76  GLN n 
1 77  GLY n 
1 78  ASN n 
1 79  ARG n 
1 80  ALA n 
1 81  ALA n 
1 82  GLY n 
1 83  ILE n 
1 84  GLY n 
1 85  VAL n 
1 86  GLN n 
1 87  PHE n 
1 88  PRO n 
1 89  ASP n 
1 90  GLY n 
1 91  PRO n 
1 92  GLU n 
1 93  GLY n 
1 94  GLU n 
1 95  ALA n 
1 96  VAL n 
1 97  ARG n 
1 98  ASN n 
1 99  LYS n 
1 100 ILE n 
1 101 GLU n 
1 102 THR n 
1 103 LEU n 
1 104 LEU n 
1 105 ALA n 
1 106 GLY n 
1 107 LEU n 
1 108 THR n 
1 109 THR n 
1 110 SER n 
1 111 ASP n 
1 112 LYS n 
1 113 PRO n 
1 114 THR n 
1 115 HIS n 
1 116 THR n 
1 117 MSE n 
# 
_entity_src_gen.entity_id                          1 
_entity_src_gen.pdbx_src_id                        1 
_entity_src_gen.pdbx_alt_source_flag               sample 
_entity_src_gen.pdbx_seq_type                      ? 
_entity_src_gen.pdbx_beg_seq_num                   ? 
_entity_src_gen.pdbx_end_seq_num                   ? 
_entity_src_gen.gene_src_common_name               ? 
_entity_src_gen.gene_src_genus                     ? 
_entity_src_gen.pdbx_gene_src_gene                 pilZ 
_entity_src_gen.gene_src_species                   ? 
_entity_src_gen.gene_src_strain                    306 
_entity_src_gen.gene_src_tissue                    ? 
_entity_src_gen.gene_src_tissue_fraction           ? 
_entity_src_gen.gene_src_details                   ? 
_entity_src_gen.pdbx_gene_src_fragment             ? 
_entity_src_gen.pdbx_gene_src_scientific_name      'Xanthomonas axonopodis pv. citri' 
_entity_src_gen.pdbx_gene_src_ncbi_taxonomy_id     92829 
_entity_src_gen.pdbx_gene_src_variant              ? 
_entity_src_gen.pdbx_gene_src_cell_line            ? 
_entity_src_gen.pdbx_gene_src_atcc                 ? 
_entity_src_gen.pdbx_gene_src_organ                ? 
_entity_src_gen.pdbx_gene_src_organelle            ? 
_entity_src_gen.pdbx_gene_src_cell                 ? 
_entity_src_gen.pdbx_gene_src_cellular_location    ? 
_entity_src_gen.host_org_common_name               ? 
_entity_src_gen.pdbx_host_org_scientific_name      'Escherichia coli' 
_entity_src_gen.pdbx_host_org_ncbi_taxonomy_id     562 
_entity_src_gen.host_org_genus                     ? 
_entity_src_gen.pdbx_host_org_gene                 ? 
_entity_src_gen.pdbx_host_org_organ                ? 
_entity_src_gen.host_org_species                   ? 
_entity_src_gen.pdbx_host_org_tissue               ? 
_entity_src_gen.pdbx_host_org_tissue_fraction      ? 
_entity_src_gen.pdbx_host_org_strain               'BL21(DE3)' 
_entity_src_gen.pdbx_host_org_variant              ? 
_entity_src_gen.pdbx_host_org_cell_line            ? 
_entity_src_gen.pdbx_host_org_atcc                 ? 
_entity_src_gen.pdbx_host_org_culture_collection   ? 
_entity_src_gen.pdbx_host_org_cell                 ? 
_entity_src_gen.pdbx_host_org_organelle            ? 
_entity_src_gen.pdbx_host_org_cellular_location    ? 
_entity_src_gen.pdbx_host_org_vector_type          PLASMID 
_entity_src_gen.pdbx_host_org_vector               ? 
_entity_src_gen.host_org_details                   ? 
_entity_src_gen.expression_system_id               ? 
_entity_src_gen.plasmid_name                       pET3a 
_entity_src_gen.plasmid_details                    ? 
_entity_src_gen.pdbx_description                   ? 
# 
loop_
_chem_comp.id 
_chem_comp.type 
_chem_comp.mon_nstd_flag 
_chem_comp.name 
_chem_comp.pdbx_synonyms 
_chem_comp.formula 
_chem_comp.formula_weight 
ALA 'L-peptide linking' y ALANINE          ? 'C3 H7 N O2'     89.093  
ARG 'L-peptide linking' y ARGININE         ? 'C6 H15 N4 O2 1' 175.209 
ASN 'L-peptide linking' y ASPARAGINE       ? 'C4 H8 N2 O3'    132.118 
ASP 'L-peptide linking' y 'ASPARTIC ACID'  ? 'C4 H7 N O4'     133.103 
GLN 'L-peptide linking' y GLUTAMINE        ? 'C5 H10 N2 O3'   146.144 
GLU 'L-peptide linking' y 'GLUTAMIC ACID'  ? 'C5 H9 N O4'     147.129 
GLY 'peptide linking'   y GLYCINE          ? 'C2 H5 N O2'     75.067  
HIS 'L-peptide linking' y HISTIDINE        ? 'C6 H10 N3 O2 1' 156.162 
HOH non-polymer         . WATER            ? 'H2 O'           18.015  
ILE 'L-peptide linking' y ISOLEUCINE       ? 'C6 H13 N O2'    131.173 
LEU 'L-peptide linking' y LEUCINE          ? 'C6 H13 N O2'    131.173 
LYS 'L-peptide linking' y LYSINE           ? 'C6 H15 N2 O2 1' 147.195 
MSE 'L-peptide linking' n SELENOMETHIONINE ? 'C5 H11 N O2 Se' 196.106 
PHE 'L-peptide linking' y PHENYLALANINE    ? 'C9 H11 N O2'    165.189 
PRO 'L-peptide linking' y PROLINE          ? 'C5 H9 N O2'     115.130 
SER 'L-peptide linking' y SERINE           ? 'C3 H7 N O3'     105.093 
THR 'L-peptide linking' y THREONINE        ? 'C4 H9 N O3'     119.119 
TRP 'L-peptide linking' y TRYPTOPHAN       ? 'C11 H12 N2 O2'  204.225 
TYR 'L-peptide linking' y TYROSINE         ? 'C9 H11 N O3'    181.189 
VAL 'L-peptide linking' y VALINE           ? 'C5 H11 N O2'    117.146 
# 
loop_
_pdbx_poly_seq_scheme.asym_id 
_pdbx_poly_seq_scheme.entity_id 
_pdbx_poly_seq_scheme.seq_id 
_pdbx_poly_seq_scheme.mon_id 
_pdbx_poly_seq_scheme.ndb_seq_num 
_pdbx_poly_seq_scheme.pdb_seq_num 
_pdbx_poly_seq_scheme.auth_seq_num 
_pdbx_poly_seq_scheme.pdb_mon_id 
_pdbx_poly_seq_scheme.auth_mon_id 
_pdbx_poly_seq_scheme.pdb_strand_id 
_pdbx_poly_seq_scheme.pdb_ins_code 
_pdbx_poly_seq_scheme.hetero 
A 1 1   MSE 1   1   ?   ?   ?   A . n 
A 1 2   SER 2   2   ?   ?   ?   A . n 
A 1 3   ALA 3   3   ?   ?   ?   A . n 
A 1 4   MSE 4   4   ?   ?   ?   A . n 
A 1 5   ASN 5   5   ?   ?   ?   A . n 
A 1 6   ALA 6   6   ?   ?   ?   A . n 
A 1 7   ARG 7   7   ?   ?   ?   A . n 
A 1 8   GLN 8   8   ?   ?   ?   A . n 
A 1 9   GLY 9   9   9   GLY GLY A . n 
A 1 10  ILE 10  10  10  ILE ILE A . n 
A 1 11  LEU 11  11  11  LEU LEU A . n 
A 1 12  SER 12  12  12  SER SER A . n 
A 1 13  LEU 13  13  13  LEU LEU A . n 
A 1 14  ALA 14  14  14  ALA ALA A . n 
A 1 15  LEU 15  15  15  LEU LEU A . n 
A 1 16  LYS 16  16  16  LYS LYS A . n 
A 1 17  ASP 17  17  17  ASP ASP A . n 
A 1 18  LYS 18  18  18  LYS LYS A . n 
A 1 19  PRO 19  19  19  PRO PRO A . n 
A 1 20  ALA 20  20  20  ALA ALA A . n 
A 1 21  LEU 21  21  21  LEU LEU A . n 
A 1 22  TYR 22  22  22  TYR TYR A . n 
A 1 23  SER 23  23  23  SER SER A . n 
A 1 24  ALA 24  24  24  ALA ALA A . n 
A 1 25  TYR 25  25  25  TYR TYR A . n 
A 1 26  MSE 26  26  26  MSE MSE A . n 
A 1 27  PRO 27  27  27  PRO PRO A . n 
A 1 28  PHE 28  28  28  PHE PHE A . n 
A 1 29  VAL 29  29  29  VAL VAL A . n 
A 1 30  LYS 30  30  30  LYS LYS A . n 
A 1 31  GLY 31  31  31  GLY GLY A . n 
A 1 32  GLY 32  32  32  GLY GLY A . n 
A 1 33  GLY 33  33  33  GLY GLY A . n 
A 1 34  ILE 34  34  34  ILE ILE A . n 
A 1 35  PHE 35  35  35  PHE PHE A . n 
A 1 36  VAL 36  36  36  VAL VAL A . n 
A 1 37  PRO 37  37  37  PRO PRO A . n 
A 1 38  THR 38  38  38  THR THR A . n 
A 1 39  PRO 39  39  39  PRO PRO A . n 
A 1 40  LYS 40  40  40  LYS LYS A . n 
A 1 41  ARG 41  41  41  ARG ARG A . n 
A 1 42  TYR 42  42  42  TYR TYR A . n 
A 1 43  MSE 43  43  43  MSE MSE A . n 
A 1 44  LEU 44  44  44  LEU LEU A . n 
A 1 45  GLY 45  45  45  GLY GLY A . n 
A 1 46  ASP 46  46  46  ASP ASP A . n 
A 1 47  GLU 47  47  47  GLU GLU A . n 
A 1 48  VAL 48  48  48  VAL VAL A . n 
A 1 49  PHE 49  49  49  PHE PHE A . n 
A 1 50  LEU 50  50  50  LEU LEU A . n 
A 1 51  LEU 51  51  51  LEU LEU A . n 
A 1 52  LEU 52  52  52  LEU LEU A . n 
A 1 53  THR 53  53  53  THR THR A . n 
A 1 54  LEU 54  54  54  LEU LEU A . n 
A 1 55  PRO 55  55  55  PRO PRO A . n 
A 1 56  ASP 56  56  56  ASP ASP A . n 
A 1 57  SER 57  57  57  SER SER A . n 
A 1 58  SER 58  58  58  SER SER A . n 
A 1 59  GLU 59  59  59  GLU GLU A . n 
A 1 60  ARG 60  60  60  ARG ARG A . n 
A 1 61  LEU 61  61  61  LEU LEU A . n 
A 1 62  PRO 62  62  62  PRO PRO A . n 
A 1 63  VAL 63  63  63  VAL VAL A . n 
A 1 64  ALA 64  64  64  ALA ALA A . n 
A 1 65  GLY 65  65  65  GLY GLY A . n 
A 1 66  LYS 66  66  66  LYS LYS A . n 
A 1 67  VAL 67  67  67  VAL VAL A . n 
A 1 68  ILE 68  68  68  ILE ILE A . n 
A 1 69  TRP 69  69  69  TRP TRP A . n 
A 1 70  THR 70  70  70  THR THR A . n 
A 1 71  THR 71  71  71  THR THR A . n 
A 1 72  PRO 72  72  72  PRO PRO A . n 
A 1 73  ALA 73  73  73  ALA ALA A . n 
A 1 74  GLY 74  74  ?   ?   ?   A . n 
A 1 75  ALA 75  75  ?   ?   ?   A . n 
A 1 76  GLN 76  76  ?   ?   ?   A . n 
A 1 77  GLY 77  77  ?   ?   ?   A . n 
A 1 78  ASN 78  78  ?   ?   ?   A . n 
A 1 79  ARG 79  79  ?   ?   ?   A . n 
A 1 80  ALA 80  80  80  ALA ALA A . n 
A 1 81  ALA 81  81  81  ALA ALA A . n 
A 1 82  GLY 82  82  82  GLY GLY A . n 
A 1 83  ILE 83  83  83  ILE ILE A . n 
A 1 84  GLY 84  84  84  GLY GLY A . n 
A 1 85  VAL 85  85  85  VAL VAL A . n 
A 1 86  GLN 86  86  86  GLN GLN A . n 
A 1 87  PHE 87  87  87  PHE PHE A . n 
A 1 88  PRO 88  88  88  PRO PRO A . n 
A 1 89  ASP 89  89  89  ASP ASP A . n 
A 1 90  GLY 90  90  90  GLY GLY A . n 
A 1 91  PRO 91  91  91  PRO PRO A . n 
A 1 92  GLU 92  92  92  GLU GLU A . n 
A 1 93  GLY 93  93  93  GLY GLY A . n 
A 1 94  GLU 94  94  94  GLU GLU A . n 
A 1 95  ALA 95  95  95  ALA ALA A . n 
A 1 96  VAL 96  96  96  VAL VAL A . n 
A 1 97  ARG 97  97  97  ARG ARG A . n 
A 1 98  ASN 98  98  98  ASN ASN A . n 
A 1 99  LYS 99  99  99  LYS LYS A . n 
A 1 100 ILE 100 100 100 ILE ILE A . n 
A 1 101 GLU 101 101 101 GLU GLU A . n 
A 1 102 THR 102 102 102 THR THR A . n 
A 1 103 LEU 103 103 103 LEU LEU A . n 
A 1 104 LEU 104 104 104 LEU LEU A . n 
A 1 105 ALA 105 105 105 ALA ALA A . n 
A 1 106 GLY 106 106 ?   ?   ?   A . n 
A 1 107 LEU 107 107 ?   ?   ?   A . n 
A 1 108 THR 108 108 ?   ?   ?   A . n 
A 1 109 THR 109 109 ?   ?   ?   A . n 
A 1 110 SER 110 110 ?   ?   ?   A . n 
A 1 111 ASP 111 111 ?   ?   ?   A . n 
A 1 112 LYS 112 112 ?   ?   ?   A . n 
A 1 113 PRO 113 113 ?   ?   ?   A . n 
A 1 114 THR 114 114 ?   ?   ?   A . n 
A 1 115 HIS 115 115 ?   ?   ?   A . n 
A 1 116 THR 116 116 ?   ?   ?   A . n 
A 1 117 MSE 117 117 ?   ?   ?   A . n 
B 1 1   MSE 1   1   ?   ?   ?   B . n 
B 1 2   SER 2   2   ?   ?   ?   B . n 
B 1 3   ALA 3   3   ?   ?   ?   B . n 
B 1 4   MSE 4   4   ?   ?   ?   B . n 
B 1 5   ASN 5   5   ?   ?   ?   B . n 
B 1 6   ALA 6   6   ?   ?   ?   B . n 
B 1 7   ARG 7   7   ?   ?   ?   B . n 
B 1 8   GLN 8   8   8   GLN GLN B . n 
B 1 9   GLY 9   9   9   GLY GLY B . n 
B 1 10  ILE 10  10  10  ILE ILE B . n 
B 1 11  LEU 11  11  11  LEU LEU B . n 
B 1 12  SER 12  12  12  SER SER B . n 
B 1 13  LEU 13  13  13  LEU LEU B . n 
B 1 14  ALA 14  14  14  ALA ALA B . n 
B 1 15  LEU 15  15  15  LEU LEU B . n 
B 1 16  LYS 16  16  16  LYS LYS B . n 
B 1 17  ASP 17  17  17  ASP ASP B . n 
B 1 18  LYS 18  18  18  LYS LYS B . n 
B 1 19  PRO 19  19  19  PRO PRO B . n 
B 1 20  ALA 20  20  20  ALA ALA B . n 
B 1 21  LEU 21  21  21  LEU LEU B . n 
B 1 22  TYR 22  22  22  TYR TYR B . n 
B 1 23  SER 23  23  23  SER SER B . n 
B 1 24  ALA 24  24  24  ALA ALA B . n 
B 1 25  TYR 25  25  25  TYR TYR B . n 
B 1 26  MSE 26  26  26  MSE MSE B . n 
B 1 27  PRO 27  27  27  PRO PRO B . n 
B 1 28  PHE 28  28  28  PHE PHE B . n 
B 1 29  VAL 29  29  29  VAL VAL B . n 
B 1 30  LYS 30  30  30  LYS LYS B . n 
B 1 31  GLY 31  31  31  GLY GLY B . n 
B 1 32  GLY 32  32  32  GLY GLY B . n 
B 1 33  GLY 33  33  33  GLY GLY B . n 
B 1 34  ILE 34  34  34  ILE ILE B . n 
B 1 35  PHE 35  35  35  PHE PHE B . n 
B 1 36  VAL 36  36  36  VAL VAL B . n 
B 1 37  PRO 37  37  37  PRO PRO B . n 
B 1 38  THR 38  38  38  THR THR B . n 
B 1 39  PRO 39  39  39  PRO PRO B . n 
B 1 40  LYS 40  40  40  LYS LYS B . n 
B 1 41  ARG 41  41  41  ARG ARG B . n 
B 1 42  TYR 42  42  42  TYR TYR B . n 
B 1 43  MSE 43  43  43  MSE MSE B . n 
B 1 44  LEU 44  44  44  LEU LEU B . n 
B 1 45  GLY 45  45  45  GLY GLY B . n 
B 1 46  ASP 46  46  46  ASP ASP B . n 
B 1 47  GLU 47  47  47  GLU GLU B . n 
B 1 48  VAL 48  48  48  VAL VAL B . n 
B 1 49  PHE 49  49  49  PHE PHE B . n 
B 1 50  LEU 50  50  50  LEU LEU B . n 
B 1 51  LEU 51  51  51  LEU LEU B . n 
B 1 52  LEU 52  52  52  LEU LEU B . n 
B 1 53  THR 53  53  53  THR THR B . n 
B 1 54  LEU 54  54  54  LEU LEU B . n 
B 1 55  PRO 55  55  55  PRO PRO B . n 
B 1 56  ASP 56  56  56  ASP ASP B . n 
B 1 57  SER 57  57  57  SER SER B . n 
B 1 58  SER 58  58  58  SER SER B . n 
B 1 59  GLU 59  59  59  GLU GLU B . n 
B 1 60  ARG 60  60  60  ARG ARG B . n 
B 1 61  LEU 61  61  61  LEU LEU B . n 
B 1 62  PRO 62  62  62  PRO PRO B . n 
B 1 63  VAL 63  63  63  VAL VAL B . n 
B 1 64  ALA 64  64  64  ALA ALA B . n 
B 1 65  GLY 65  65  65  GLY GLY B . n 
B 1 66  LYS 66  66  66  LYS LYS B . n 
B 1 67  VAL 67  67  67  VAL VAL B . n 
B 1 68  ILE 68  68  68  ILE ILE B . n 
B 1 69  TRP 69  69  69  TRP TRP B . n 
B 1 70  THR 70  70  70  THR THR B . n 
B 1 71  THR 71  71  71  THR THR B . n 
B 1 72  PRO 72  72  72  PRO PRO B . n 
B 1 73  ALA 73  73  73  ALA ALA B . n 
B 1 74  GLY 74  74  ?   ?   ?   B . n 
B 1 75  ALA 75  75  ?   ?   ?   B . n 
B 1 76  GLN 76  76  ?   ?   ?   B . n 
B 1 77  GLY 77  77  ?   ?   ?   B . n 
B 1 78  ASN 78  78  ?   ?   ?   B . n 
B 1 79  ARG 79  79  ?   ?   ?   B . n 
B 1 80  ALA 80  80  80  ALA ALA B . n 
B 1 81  ALA 81  81  81  ALA ALA B . n 
B 1 82  GLY 82  82  82  GLY GLY B . n 
B 1 83  ILE 83  83  83  ILE ILE B . n 
B 1 84  GLY 84  84  84  GLY GLY B . n 
B 1 85  VAL 85  85  85  VAL VAL B . n 
B 1 86  GLN 86  86  86  GLN GLN B . n 
B 1 87  PHE 87  87  87  PHE PHE B . n 
B 1 88  PRO 88  88  88  PRO PRO B . n 
B 1 89  ASP 89  89  89  ASP ASP B . n 
B 1 90  GLY 90  90  90  GLY GLY B . n 
B 1 91  PRO 91  91  91  PRO PRO B . n 
B 1 92  GLU 92  92  92  GLU GLU B . n 
B 1 93  GLY 93  93  93  GLY GLY B . n 
B 1 94  GLU 94  94  94  GLU GLU B . n 
B 1 95  ALA 95  95  95  ALA ALA B . n 
B 1 96  VAL 96  96  96  VAL VAL B . n 
B 1 97  ARG 97  97  97  ARG ARG B . n 
B 1 98  ASN 98  98  98  ASN ASN B . n 
B 1 99  LYS 99  99  99  LYS LYS B . n 
B 1 100 ILE 100 100 100 ILE ILE B . n 
B 1 101 GLU 101 101 101 GLU GLU B . n 
B 1 102 THR 102 102 102 THR THR B . n 
B 1 103 LEU 103 103 103 LEU LEU B . n 
B 1 104 LEU 104 104 104 LEU LEU B . n 
B 1 105 ALA 105 105 105 ALA ALA B . n 
B 1 106 GLY 106 106 106 GLY GLY B . n 
B 1 107 LEU 107 107 ?   ?   ?   B . n 
B 1 108 THR 108 108 ?   ?   ?   B . n 
B 1 109 THR 109 109 ?   ?   ?   B . n 
B 1 110 SER 110 110 ?   ?   ?   B . n 
B 1 111 ASP 111 111 ?   ?   ?   B . n 
B 1 112 LYS 112 112 ?   ?   ?   B . n 
B 1 113 PRO 113 113 ?   ?   ?   B . n 
B 1 114 THR 114 114 ?   ?   ?   B . n 
B 1 115 HIS 115 115 ?   ?   ?   B . n 
B 1 116 THR 116 116 ?   ?   ?   B . n 
B 1 117 MSE 117 117 ?   ?   ?   B . n 
# 
loop_
_pdbx_nonpoly_scheme.asym_id 
_pdbx_nonpoly_scheme.entity_id 
_pdbx_nonpoly_scheme.mon_id 
_pdbx_nonpoly_scheme.ndb_seq_num 
_pdbx_nonpoly_scheme.pdb_seq_num 
_pdbx_nonpoly_scheme.auth_seq_num 
_pdbx_nonpoly_scheme.pdb_mon_id 
_pdbx_nonpoly_scheme.auth_mon_id 
_pdbx_nonpoly_scheme.pdb_strand_id 
_pdbx_nonpoly_scheme.pdb_ins_code 
C 2 HOH 1  106 1   HOH HOH A . 
C 2 HOH 2  107 2   HOH HOH A . 
C 2 HOH 3  108 4   HOH HOH A . 
C 2 HOH 4  109 5   HOH HOH A . 
C 2 HOH 5  110 10  HOH HOH A . 
C 2 HOH 6  111 11  HOH HOH A . 
C 2 HOH 7  112 12  HOH HOH A . 
C 2 HOH 8  113 13  HOH HOH A . 
C 2 HOH 9  114 14  HOH HOH A . 
C 2 HOH 10 115 19  HOH HOH A . 
C 2 HOH 11 116 25  HOH HOH A . 
C 2 HOH 12 117 26  HOH HOH A . 
C 2 HOH 13 118 27  HOH HOH A . 
C 2 HOH 14 119 30  HOH HOH A . 
C 2 HOH 15 120 31  HOH HOH A . 
C 2 HOH 16 121 33  HOH HOH A . 
C 2 HOH 17 122 34  HOH HOH A . 
C 2 HOH 18 123 43  HOH HOH A . 
C 2 HOH 19 124 44  HOH HOH A . 
C 2 HOH 20 125 45  HOH HOH A . 
C 2 HOH 21 126 46  HOH HOH A . 
C 2 HOH 22 127 47  HOH HOH A . 
C 2 HOH 23 128 48  HOH HOH A . 
C 2 HOH 24 129 50  HOH HOH A . 
C 2 HOH 25 130 51  HOH HOH A . 
C 2 HOH 26 131 52  HOH HOH A . 
C 2 HOH 27 132 53  HOH HOH A . 
C 2 HOH 28 133 54  HOH HOH A . 
C 2 HOH 29 134 56  HOH HOH A . 
C 2 HOH 30 135 58  HOH HOH A . 
C 2 HOH 31 136 61  HOH HOH A . 
C 2 HOH 32 137 62  HOH HOH A . 
C 2 HOH 33 138 65  HOH HOH A . 
C 2 HOH 34 139 66  HOH HOH A . 
C 2 HOH 35 140 69  HOH HOH A . 
C 2 HOH 36 141 71  HOH HOH A . 
C 2 HOH 37 142 75  HOH HOH A . 
C 2 HOH 38 143 76  HOH HOH A . 
C 2 HOH 39 144 77  HOH HOH A . 
C 2 HOH 40 145 78  HOH HOH A . 
C 2 HOH 41 146 82  HOH HOH A . 
C 2 HOH 42 147 83  HOH HOH A . 
C 2 HOH 43 148 87  HOH HOH A . 
C 2 HOH 44 149 88  HOH HOH A . 
C 2 HOH 45 150 90  HOH HOH A . 
C 2 HOH 46 151 93  HOH HOH A . 
C 2 HOH 47 152 94  HOH HOH A . 
C 2 HOH 48 153 95  HOH HOH A . 
C 2 HOH 49 154 96  HOH HOH A . 
C 2 HOH 50 155 97  HOH HOH A . 
C 2 HOH 51 156 103 HOH HOH A . 
C 2 HOH 52 157 104 HOH HOH A . 
C 2 HOH 53 158 105 HOH HOH A . 
C 2 HOH 54 159 106 HOH HOH A . 
C 2 HOH 55 160 107 HOH HOH A . 
C 2 HOH 56 161 108 HOH HOH A . 
C 2 HOH 57 162 110 HOH HOH A . 
C 2 HOH 58 163 111 HOH HOH A . 
C 2 HOH 59 164 113 HOH HOH A . 
C 2 HOH 60 165 115 HOH HOH A . 
C 2 HOH 61 166 116 HOH HOH A . 
C 2 HOH 62 167 117 HOH HOH A . 
C 2 HOH 63 168 118 HOH HOH A . 
D 2 HOH 1  107 3   HOH HOH B . 
D 2 HOH 2  108 6   HOH HOH B . 
D 2 HOH 3  109 7   HOH HOH B . 
D 2 HOH 4  110 8   HOH HOH B . 
D 2 HOH 5  111 9   HOH HOH B . 
D 2 HOH 6  112 15  HOH HOH B . 
D 2 HOH 7  113 16  HOH HOH B . 
D 2 HOH 8  114 17  HOH HOH B . 
D 2 HOH 9  115 18  HOH HOH B . 
D 2 HOH 10 116 20  HOH HOH B . 
D 2 HOH 11 117 21  HOH HOH B . 
D 2 HOH 12 118 22  HOH HOH B . 
D 2 HOH 13 119 23  HOH HOH B . 
D 2 HOH 14 120 24  HOH HOH B . 
D 2 HOH 15 121 28  HOH HOH B . 
D 2 HOH 16 122 29  HOH HOH B . 
D 2 HOH 17 123 32  HOH HOH B . 
D 2 HOH 18 124 35  HOH HOH B . 
D 2 HOH 19 125 36  HOH HOH B . 
D 2 HOH 20 126 37  HOH HOH B . 
D 2 HOH 21 127 38  HOH HOH B . 
D 2 HOH 22 128 39  HOH HOH B . 
D 2 HOH 23 129 40  HOH HOH B . 
D 2 HOH 24 130 41  HOH HOH B . 
D 2 HOH 25 131 42  HOH HOH B . 
D 2 HOH 26 132 49  HOH HOH B . 
D 2 HOH 27 133 55  HOH HOH B . 
D 2 HOH 28 134 57  HOH HOH B . 
D 2 HOH 29 135 59  HOH HOH B . 
D 2 HOH 30 136 60  HOH HOH B . 
D 2 HOH 31 137 63  HOH HOH B . 
D 2 HOH 32 138 64  HOH HOH B . 
D 2 HOH 33 139 67  HOH HOH B . 
D 2 HOH 34 140 68  HOH HOH B . 
D 2 HOH 35 141 70  HOH HOH B . 
D 2 HOH 36 142 72  HOH HOH B . 
D 2 HOH 37 143 73  HOH HOH B . 
D 2 HOH 38 144 74  HOH HOH B . 
D 2 HOH 39 145 79  HOH HOH B . 
D 2 HOH 40 146 80  HOH HOH B . 
D 2 HOH 41 147 81  HOH HOH B . 
D 2 HOH 42 148 84  HOH HOH B . 
D 2 HOH 43 149 85  HOH HOH B . 
D 2 HOH 44 150 86  HOH HOH B . 
D 2 HOH 45 151 89  HOH HOH B . 
D 2 HOH 46 152 91  HOH HOH B . 
D 2 HOH 47 153 92  HOH HOH B . 
D 2 HOH 48 154 98  HOH HOH B . 
D 2 HOH 49 155 99  HOH HOH B . 
D 2 HOH 50 156 100 HOH HOH B . 
D 2 HOH 51 157 101 HOH HOH B . 
D 2 HOH 52 158 102 HOH HOH B . 
D 2 HOH 53 159 109 HOH HOH B . 
D 2 HOH 54 160 112 HOH HOH B . 
D 2 HOH 55 161 114 HOH HOH B . 
D 2 HOH 56 162 119 HOH HOH B . 
# 
loop_
_pdbx_unobs_or_zero_occ_atoms.id 
_pdbx_unobs_or_zero_occ_atoms.PDB_model_num 
_pdbx_unobs_or_zero_occ_atoms.polymer_flag 
_pdbx_unobs_or_zero_occ_atoms.occupancy_flag 
_pdbx_unobs_or_zero_occ_atoms.auth_asym_id 
_pdbx_unobs_or_zero_occ_atoms.auth_comp_id 
_pdbx_unobs_or_zero_occ_atoms.auth_seq_id 
_pdbx_unobs_or_zero_occ_atoms.PDB_ins_code 
_pdbx_unobs_or_zero_occ_atoms.auth_atom_id 
_pdbx_unobs_or_zero_occ_atoms.label_alt_id 
_pdbx_unobs_or_zero_occ_atoms.label_asym_id 
_pdbx_unobs_or_zero_occ_atoms.label_comp_id 
_pdbx_unobs_or_zero_occ_atoms.label_seq_id 
_pdbx_unobs_or_zero_occ_atoms.label_atom_id 
1 1 Y 0 A TYR 22 ? OH ? A TYR 22 OH 
2 1 Y 0 B ALA 20 ? C  ? B ALA 20 C  
# 
loop_
_software.name 
_software.classification 
_software.version 
_software.citation_id 
_software.pdbx_ordinal 
REFMAC   refinement        5.2.0019 ? 1 
MAR345   'data collection' .        ? 2 
HKL-2000 'data reduction'  .        ? 3 
HKL-2000 'data scaling'    .        ? 4 
SHARP    phasing           .        ? 5 
# 
_cell.entry_id           3CNR 
_cell.length_a           62.125 
_cell.length_b           62.125 
_cell.length_c           83.543 
_cell.angle_alpha        90.00 
_cell.angle_beta         90.00 
_cell.angle_gamma        120.00 
_cell.Z_PDB              12 
_cell.pdbx_unique_axis   ? 
_cell.length_a_esd       ? 
_cell.length_b_esd       ? 
_cell.length_c_esd       ? 
_cell.angle_alpha_esd    ? 
_cell.angle_beta_esd     ? 
_cell.angle_gamma_esd    ? 
# 
_symmetry.entry_id                         3CNR 
_symmetry.space_group_name_H-M             'P 61' 
_symmetry.pdbx_full_space_group_name_H-M   ? 
_symmetry.cell_setting                     ? 
_symmetry.Int_Tables_number                169 
_symmetry.space_group_name_Hall            ? 
# 
_exptl.entry_id          3CNR 
_exptl.method            'X-RAY DIFFRACTION' 
_exptl.crystals_number   1 
# 
_exptl_crystal.id                    1 
_exptl_crystal.density_meas          ? 
_exptl_crystal.density_Matthews      1.9 
_exptl_crystal.density_percent_sol   33.8 
_exptl_crystal.description           ? 
_exptl_crystal.F_000                 ? 
_exptl_crystal.preparation           ? 
# 
_exptl_crystal_grow.crystal_id      1 
_exptl_crystal_grow.method          'VAPOR DIFFUSION, SITTING DROP' 
_exptl_crystal_grow.temp            291 
_exptl_crystal_grow.temp_details    ? 
_exptl_crystal_grow.pH              8.0 
_exptl_crystal_grow.pdbx_details    
'24% PEG 4000, 0.1 M Tris-HCl, 0.2 M magnesium chloride, pH 8.0, VAPOR DIFFUSION, SITTING DROP, temperature 291K' 
_exptl_crystal_grow.pdbx_pH_range   . 
# 
_diffrn.id                     1 
_diffrn.ambient_temp           100 
_diffrn.ambient_temp_details   ? 
_diffrn.crystal_id             1 
# 
_diffrn_detector.diffrn_id              1 
_diffrn_detector.detector               CCD 
_diffrn_detector.type                   'MARMOSAIC 225 mm CCD' 
_diffrn_detector.pdbx_collection_date   2007-11-01 
_diffrn_detector.details                ? 
# 
_diffrn_radiation.diffrn_id                        1 
_diffrn_radiation.wavelength_id                    1 
_diffrn_radiation.pdbx_monochromatic_or_laue_m_l   M 
_diffrn_radiation.monochromator                    'Si(111)' 
_diffrn_radiation.pdbx_diffrn_protocol             MAD 
_diffrn_radiation.pdbx_scattering_type             x-ray 
# 
loop_
_diffrn_radiation_wavelength.id 
_diffrn_radiation_wavelength.wavelength 
_diffrn_radiation_wavelength.wt 
1 0.978294 1.0 
2 0.978581 1.0 
3 0.953724 1.0 
# 
_diffrn_source.diffrn_id                   1 
_diffrn_source.source                      SYNCHROTRON 
_diffrn_source.type                        'LNLS BEAMLINE W01B-MX2' 
_diffrn_source.pdbx_synchrotron_site       LNLS 
_diffrn_source.pdbx_synchrotron_beamline   W01B-MX2 
_diffrn_source.pdbx_wavelength             ? 
_diffrn_source.pdbx_wavelength_list        '0.978294, 0.978581, 0.953724' 
# 
_reflns.entry_id                     3CNR 
_reflns.observed_criterion_sigma_I   0 
_reflns.observed_criterion_sigma_F   0 
_reflns.d_resolution_low             40 
_reflns.d_resolution_high            1.85 
_reflns.number_obs                   13687 
_reflns.number_all                   ? 
_reflns.percent_possible_obs         99 
_reflns.pdbx_Rmerge_I_obs            0.086 
_reflns.pdbx_Rsym_value              ? 
_reflns.pdbx_netI_over_sigmaI        24.7 
_reflns.B_iso_Wilson_estimate        ? 
_reflns.pdbx_redundancy              10.7 
_reflns.R_free_details               ? 
_reflns.limit_h_max                  ? 
_reflns.limit_h_min                  ? 
_reflns.limit_k_max                  ? 
_reflns.limit_k_min                  ? 
_reflns.limit_l_max                  ? 
_reflns.limit_l_min                  ? 
_reflns.observed_criterion_F_max     ? 
_reflns.observed_criterion_F_min     ? 
_reflns.pdbx_chi_squared             ? 
_reflns.pdbx_scaling_rejects         ? 
_reflns.pdbx_diffrn_id               1 
_reflns.pdbx_ordinal                 1 
# 
_reflns_shell.d_res_high             1.85 
_reflns_shell.d_res_low              1.92 
_reflns_shell.percent_possible_all   92.1 
_reflns_shell.Rmerge_I_obs           0.601 
_reflns_shell.pdbx_Rsym_value        ? 
_reflns_shell.meanI_over_sigI_obs    1.74 
_reflns_shell.pdbx_redundancy        5.9 
_reflns_shell.percent_possible_obs   ? 
_reflns_shell.number_unique_all      ? 
_reflns_shell.number_measured_all    ? 
_reflns_shell.number_measured_obs    ? 
_reflns_shell.number_unique_obs      ? 
_reflns_shell.pdbx_chi_squared       ? 
_reflns_shell.pdbx_diffrn_id         ? 
_reflns_shell.pdbx_ordinal           1 
# 
_refine.entry_id                                 3CNR 
_refine.ls_number_reflns_obs                     13687 
_refine.ls_number_reflns_all                     13687 
_refine.pdbx_ls_sigma_I                          ? 
_refine.pdbx_ls_sigma_F                          ? 
_refine.pdbx_data_cutoff_high_absF               ? 
_refine.pdbx_data_cutoff_low_absF                ? 
_refine.pdbx_data_cutoff_high_rms_absF           ? 
_refine.ls_d_res_low                             35.00 
_refine.ls_d_res_high                            1.90 
_refine.ls_percent_reflns_obs                    99.77 
_refine.ls_R_factor_obs                          0.19285 
_refine.ls_R_factor_all                          ? 
_refine.ls_R_factor_R_work                       0.19027 
_refine.ls_R_factor_R_free                       0.24345 
_refine.ls_R_factor_R_free_error                 ? 
_refine.ls_R_factor_R_free_error_details         ? 
_refine.ls_percent_reflns_R_free                 5.1 
_refine.ls_number_reflns_R_free                  730 
_refine.ls_number_parameters                     ? 
_refine.ls_number_restraints                     ? 
_refine.occupancy_min                            ? 
_refine.occupancy_max                            ? 
_refine.correlation_coeff_Fo_to_Fc               0.960 
_refine.correlation_coeff_Fo_to_Fc_free          0.948 
_refine.B_iso_mean                               17.861 
_refine.aniso_B[1][1]                            0.94 
_refine.aniso_B[2][2]                            0.94 
_refine.aniso_B[3][3]                            -1.42 
_refine.aniso_B[1][2]                            0.47 
_refine.aniso_B[1][3]                            0.00 
_refine.aniso_B[2][3]                            0.00 
_refine.solvent_model_details                    'BABINET MODEL WITH MASK' 
_refine.solvent_model_param_ksol                 ? 
_refine.solvent_model_param_bsol                 ? 
_refine.pdbx_solvent_vdw_probe_radii             1.20 
_refine.pdbx_solvent_ion_probe_radii             0.80 
_refine.pdbx_solvent_shrinkage_radii             0.80 
_refine.pdbx_ls_cross_valid_method               THROUGHOUT 
_refine.details                                  
;Tyrosine 22 in both chains A and B do not present electron density for the side chain hydroxyl group. The occupancy of these OH groups were therefore set to zero. Tyrosine codons for this position were confirmed by sequencing.
;
_refine.pdbx_starting_model                      ? 
_refine.pdbx_method_to_determine_struct          MAD 
_refine.pdbx_isotropic_thermal_model             ? 
_refine.pdbx_stereochemistry_target_values       'MAXIMUM LIKELIHOOD' 
_refine.pdbx_stereochem_target_val_spec_case     ? 
_refine.pdbx_R_Free_selection_details            RANDOM 
_refine.pdbx_overall_ESU_R                       0.167 
_refine.pdbx_overall_ESU_R_Free                  0.159 
_refine.overall_SU_ML                            0.121 
_refine.pdbx_overall_phase_error                 ? 
_refine.overall_SU_B                             8.278 
_refine.ls_redundancy_reflns_obs                 ? 
_refine.B_iso_min                                ? 
_refine.B_iso_max                                ? 
_refine.overall_SU_R_Cruickshank_DPI             ? 
_refine.overall_SU_R_free                        ? 
_refine.ls_wR_factor_R_free                      ? 
_refine.ls_wR_factor_R_work                      ? 
_refine.overall_FOM_free_R_set                   ? 
_refine.overall_FOM_work_R_set                   ? 
_refine.pdbx_refine_id                           'X-RAY DIFFRACTION' 
_refine.pdbx_diffrn_id                           1 
_refine.pdbx_TLS_residual_ADP_flag               ? 
_refine.pdbx_overall_SU_R_free_Cruickshank_DPI   ? 
_refine.pdbx_overall_SU_R_Blow_DPI               ? 
_refine.pdbx_overall_SU_R_free_Blow_DPI          ? 
# 
_refine_hist.pdbx_refine_id                   'X-RAY DIFFRACTION' 
_refine_hist.cycle_id                         LAST 
_refine_hist.pdbx_number_atoms_protein        1433 
_refine_hist.pdbx_number_atoms_nucleic_acid   0 
_refine_hist.pdbx_number_atoms_ligand         0 
_refine_hist.number_atoms_solvent             119 
_refine_hist.number_atoms_total               1552 
_refine_hist.d_res_high                       1.90 
_refine_hist.d_res_low                        35.00 
# 
loop_
_refine_ls_restr.type 
_refine_ls_restr.dev_ideal 
_refine_ls_restr.dev_ideal_target 
_refine_ls_restr.weight 
_refine_ls_restr.number 
_refine_ls_restr.pdbx_refine_id 
_refine_ls_restr.pdbx_restraint_function 
r_bond_refined_d             0.016  0.022  ? 1470 'X-RAY DIFFRACTION' ? 
r_bond_other_d               ?      ?      ? ?    'X-RAY DIFFRACTION' ? 
r_angle_refined_deg          1.547  2.012  ? 2007 'X-RAY DIFFRACTION' ? 
r_angle_other_deg            ?      ?      ? ?    'X-RAY DIFFRACTION' ? 
r_dihedral_angle_1_deg       5.690  5.000  ? 197  'X-RAY DIFFRACTION' ? 
r_dihedral_angle_2_deg       33.173 23.333 ? 48   'X-RAY DIFFRACTION' ? 
r_dihedral_angle_3_deg       15.739 15.000 ? 249  'X-RAY DIFFRACTION' ? 
r_dihedral_angle_4_deg       13.979 15.000 ? 8    'X-RAY DIFFRACTION' ? 
r_chiral_restr               0.105  0.200  ? 232  'X-RAY DIFFRACTION' ? 
r_gen_planes_refined         0.006  0.020  ? 1091 'X-RAY DIFFRACTION' ? 
r_gen_planes_other           ?      ?      ? ?    'X-RAY DIFFRACTION' ? 
r_nbd_refined                0.238  0.200  ? 717  'X-RAY DIFFRACTION' ? 
r_nbd_other                  ?      ?      ? ?    'X-RAY DIFFRACTION' ? 
r_nbtor_refined              0.317  0.200  ? 1032 'X-RAY DIFFRACTION' ? 
r_nbtor_other                ?      ?      ? ?    'X-RAY DIFFRACTION' ? 
r_xyhbond_nbd_refined        0.166  0.200  ? 97   'X-RAY DIFFRACTION' ? 
r_xyhbond_nbd_other          ?      ?      ? ?    'X-RAY DIFFRACTION' ? 
r_metal_ion_refined          ?      ?      ? ?    'X-RAY DIFFRACTION' ? 
r_metal_ion_other            ?      ?      ? ?    'X-RAY DIFFRACTION' ? 
r_symmetry_vdw_refined       0.193  0.200  ? 48   'X-RAY DIFFRACTION' ? 
r_symmetry_vdw_other         ?      ?      ? ?    'X-RAY DIFFRACTION' ? 
r_symmetry_hbond_refined     0.219  0.200  ? 7    'X-RAY DIFFRACTION' ? 
r_symmetry_hbond_other       ?      ?      ? ?    'X-RAY DIFFRACTION' ? 
r_symmetry_metal_ion_refined ?      ?      ? ?    'X-RAY DIFFRACTION' ? 
r_symmetry_metal_ion_other   ?      ?      ? ?    'X-RAY DIFFRACTION' ? 
r_mcbond_it                  0.782  1.500  ? 971  'X-RAY DIFFRACTION' ? 
r_mcbond_other               ?      ?      ? ?    'X-RAY DIFFRACTION' ? 
r_mcangle_it                 1.163  2.000  ? 1526 'X-RAY DIFFRACTION' ? 
r_scbond_it                  1.821  3.000  ? 569  'X-RAY DIFFRACTION' ? 
r_scangle_it                 2.430  4.500  ? 474  'X-RAY DIFFRACTION' ? 
r_rigid_bond_restr           ?      ?      ? ?    'X-RAY DIFFRACTION' ? 
r_sphericity_free            ?      ?      ? ?    'X-RAY DIFFRACTION' ? 
r_sphericity_bonded          ?      ?      ? ?    'X-RAY DIFFRACTION' ? 
# 
loop_
_refine_ls_restr_ncs.dom_id 
_refine_ls_restr_ncs.pdbx_auth_asym_id 
_refine_ls_restr_ncs.pdbx_number 
_refine_ls_restr_ncs.rms_dev_position 
_refine_ls_restr_ncs.weight_position 
_refine_ls_restr_ncs.pdbx_type 
_refine_ls_restr_ncs.pdbx_ens_id 
_refine_ls_restr_ncs.pdbx_refine_id 
_refine_ls_restr_ncs.pdbx_ordinal 
_refine_ls_restr_ncs.ncs_model_details 
_refine_ls_restr_ncs.rms_dev_B_iso 
_refine_ls_restr_ncs.weight_B_iso 
_refine_ls_restr_ncs.pdbx_asym_id 
_refine_ls_restr_ncs.pdbx_rms 
_refine_ls_restr_ncs.pdbx_weight 
1 A 357 0.02 0.05 'tight positional'  1 'X-RAY DIFFRACTION' 1 ? ? ? ? ? ? 
1 A 324 0.64 0.50 'medium positional' 1 'X-RAY DIFFRACTION' 2 ? ? ? ? ? ? 
1 A 357 0.19 0.50 'tight thermal'     1 'X-RAY DIFFRACTION' 3 ? ? ? ? ? ? 
1 A 324 0.67 2.00 'medium thermal'    1 'X-RAY DIFFRACTION' 4 ? ? ? ? ? ? 
# 
_refine_ls_shell.pdbx_total_number_of_bins_used   20 
_refine_ls_shell.d_res_high                       1.900 
_refine_ls_shell.d_res_low                        1.949 
_refine_ls_shell.number_reflns_R_work             990 
_refine_ls_shell.R_factor_R_work                  0.228 
_refine_ls_shell.percent_reflns_obs               98.40 
_refine_ls_shell.R_factor_R_free                  0.295 
_refine_ls_shell.R_factor_R_free_error            ? 
_refine_ls_shell.percent_reflns_R_free            ? 
_refine_ls_shell.number_reflns_R_free             54 
_refine_ls_shell.number_reflns_all                ? 
_refine_ls_shell.R_factor_all                     ? 
_refine_ls_shell.redundancy_reflns_obs            ? 
_refine_ls_shell.number_reflns_obs                ? 
_refine_ls_shell.pdbx_refine_id                   'X-RAY DIFFRACTION' 
# 
loop_
_struct_ncs_dom.pdbx_ens_id 
_struct_ncs_dom.id 
_struct_ncs_dom.details 
1 1 A 
1 2 B 
1 3 A 
1 4 B 
# 
loop_
_struct_ncs_dom_lim.pdbx_ens_id 
_struct_ncs_dom_lim.dom_id 
_struct_ncs_dom_lim.pdbx_component_id 
_struct_ncs_dom_lim.beg_label_asym_id 
_struct_ncs_dom_lim.beg_label_comp_id 
_struct_ncs_dom_lim.beg_label_seq_id 
_struct_ncs_dom_lim.beg_label_alt_id 
_struct_ncs_dom_lim.end_label_asym_id 
_struct_ncs_dom_lim.end_label_comp_id 
_struct_ncs_dom_lim.end_label_seq_id 
_struct_ncs_dom_lim.end_label_alt_id 
_struct_ncs_dom_lim.beg_auth_asym_id 
_struct_ncs_dom_lim.beg_auth_comp_id 
_struct_ncs_dom_lim.beg_auth_seq_id 
_struct_ncs_dom_lim.end_auth_asym_id 
_struct_ncs_dom_lim.end_auth_comp_id 
_struct_ncs_dom_lim.end_auth_seq_id 
_struct_ncs_dom_lim.pdbx_refine_code 
_struct_ncs_dom_lim.selection_details 
1 1 1 A GLY 9  . A ALA 73  . A GLY 9  A ALA 73  2 ? 
1 2 1 B GLY 9  . B ALA 73  . B GLY 9  B ALA 73  2 ? 
1 3 2 A ALA 80 . A ALA 105 . A ALA 80 A ALA 105 2 ? 
1 4 2 B ALA 80 . B ALA 105 . B ALA 80 B ALA 105 2 ? 
# 
_struct_ncs_ens.id        1 
_struct_ncs_ens.details   ? 
# 
_struct.entry_id                  3CNR 
_struct.title                     'Crystal Structure of PilZ (XAC1133) from Xanthomonas axonopodis pv citri' 
_struct.pdbx_model_details        ? 
_struct.pdbx_CASP_flag            N 
_struct.pdbx_model_type_details   ? 
# 
_struct_keywords.entry_id        3CNR 
_struct_keywords.pdbx_keywords   'UNKNOWN FUNCTION' 
_struct_keywords.text            'PilZ, Xanthomonas citri, Type IV pilus assembly, UNKNOWN FUNCTION' 
# 
loop_
_struct_asym.id 
_struct_asym.pdbx_blank_PDB_chainid_flag 
_struct_asym.pdbx_modified 
_struct_asym.entity_id 
_struct_asym.details 
A N N 1 ? 
B N N 1 ? 
C N N 2 ? 
D N N 2 ? 
# 
_struct_ref.id                         1 
_struct_ref.db_name                    UNP 
_struct_ref.db_code                    Q8PND9_XANAC 
_struct_ref.pdbx_db_accession          Q8PND9 
_struct_ref.entity_id                  1 
_struct_ref.pdbx_seq_one_letter_code   
;MSAMNARQGILSLALKDKPALYSAYMPFVKGGGIFVPTPKRYMLGDEVFLLLTLPDSSERLPVAGKVIWTTPAGAQGNRA
AGIGVQFPDGPEGEAVRNKIETLLAGLTTSDKPTHTM
;
_struct_ref.pdbx_align_begin           1 
_struct_ref.pdbx_db_isoform            ? 
# 
loop_
_struct_ref_seq.align_id 
_struct_ref_seq.ref_id 
_struct_ref_seq.pdbx_PDB_id_code 
_struct_ref_seq.pdbx_strand_id 
_struct_ref_seq.seq_align_beg 
_struct_ref_seq.pdbx_seq_align_beg_ins_code 
_struct_ref_seq.seq_align_end 
_struct_ref_seq.pdbx_seq_align_end_ins_code 
_struct_ref_seq.pdbx_db_accession 
_struct_ref_seq.db_align_beg 
_struct_ref_seq.pdbx_db_align_beg_ins_code 
_struct_ref_seq.db_align_end 
_struct_ref_seq.pdbx_db_align_end_ins_code 
_struct_ref_seq.pdbx_auth_seq_align_beg 
_struct_ref_seq.pdbx_auth_seq_align_end 
1 1 3CNR A 1 ? 117 ? Q8PND9 1 ? 117 ? 1 117 
2 1 3CNR B 1 ? 117 ? Q8PND9 1 ? 117 ? 1 117 
# 
loop_
_pdbx_struct_assembly.id 
_pdbx_struct_assembly.details 
_pdbx_struct_assembly.method_details 
_pdbx_struct_assembly.oligomeric_details 
_pdbx_struct_assembly.oligomeric_count 
1 author_and_software_defined_assembly PISA monomeric 1 
2 author_and_software_defined_assembly PISA monomeric 1 
# 
loop_
_pdbx_struct_assembly_gen.assembly_id 
_pdbx_struct_assembly_gen.oper_expression 
_pdbx_struct_assembly_gen.asym_id_list 
1 1 A,C 
2 1 B,D 
# 
_pdbx_struct_oper_list.id                   1 
_pdbx_struct_oper_list.type                 'identity operation' 
_pdbx_struct_oper_list.name                 1_555 
_pdbx_struct_oper_list.symmetry_operation   x,y,z 
_pdbx_struct_oper_list.matrix[1][1]         1.0000000000 
_pdbx_struct_oper_list.matrix[1][2]         0.0000000000 
_pdbx_struct_oper_list.matrix[1][3]         0.0000000000 
_pdbx_struct_oper_list.vector[1]            0.0000000000 
_pdbx_struct_oper_list.matrix[2][1]         0.0000000000 
_pdbx_struct_oper_list.matrix[2][2]         1.0000000000 
_pdbx_struct_oper_list.matrix[2][3]         0.0000000000 
_pdbx_struct_oper_list.vector[2]            0.0000000000 
_pdbx_struct_oper_list.matrix[3][1]         0.0000000000 
_pdbx_struct_oper_list.matrix[3][2]         0.0000000000 
_pdbx_struct_oper_list.matrix[3][3]         1.0000000000 
_pdbx_struct_oper_list.vector[3]            0.0000000000 
# 
_struct_biol.id        1 
_struct_biol.details   ? 
# 
loop_
_struct_conf.conf_type_id 
_struct_conf.id 
_struct_conf.pdbx_PDB_helix_id 
_struct_conf.beg_label_comp_id 
_struct_conf.beg_label_asym_id 
_struct_conf.beg_label_seq_id 
_struct_conf.pdbx_beg_PDB_ins_code 
_struct_conf.end_label_comp_id 
_struct_conf.end_label_asym_id 
_struct_conf.end_label_seq_id 
_struct_conf.pdbx_end_PDB_ins_code 
_struct_conf.beg_auth_comp_id 
_struct_conf.beg_auth_asym_id 
_struct_conf.beg_auth_seq_id 
_struct_conf.end_auth_comp_id 
_struct_conf.end_auth_asym_id 
_struct_conf.end_auth_seq_id 
_struct_conf.pdbx_PDB_helix_class 
_struct_conf.details 
_struct_conf.pdbx_PDB_helix_length 
HELX_P HELX_P1 1 ASP A 17 ? ALA A 24  ? ASP A 17 ALA A 24  1 ? 8  
HELX_P HELX_P2 2 GLY A 90 ? ALA A 105 ? GLY A 90 ALA A 105 1 ? 16 
HELX_P HELX_P3 3 ASP B 17 ? ALA B 24  ? ASP B 17 ALA B 24  1 ? 8  
HELX_P HELX_P4 4 GLY B 90 ? GLY B 106 ? GLY B 90 GLY B 106 1 ? 17 
# 
_struct_conf_type.id          HELX_P 
_struct_conf_type.criteria    ? 
_struct_conf_type.reference   ? 
# 
loop_
_struct_conn.id 
_struct_conn.conn_type_id 
_struct_conn.pdbx_leaving_atom_flag 
_struct_conn.pdbx_PDB_id 
_struct_conn.ptnr1_label_asym_id 
_struct_conn.ptnr1_label_comp_id 
_struct_conn.ptnr1_label_seq_id 
_struct_conn.ptnr1_label_atom_id 
_struct_conn.pdbx_ptnr1_label_alt_id 
_struct_conn.pdbx_ptnr1_PDB_ins_code 
_struct_conn.pdbx_ptnr1_standard_comp_id 
_struct_conn.ptnr1_symmetry 
_struct_conn.ptnr2_label_asym_id 
_struct_conn.ptnr2_label_comp_id 
_struct_conn.ptnr2_label_seq_id 
_struct_conn.ptnr2_label_atom_id 
_struct_conn.pdbx_ptnr2_label_alt_id 
_struct_conn.pdbx_ptnr2_PDB_ins_code 
_struct_conn.ptnr1_auth_asym_id 
_struct_conn.ptnr1_auth_comp_id 
_struct_conn.ptnr1_auth_seq_id 
_struct_conn.ptnr2_auth_asym_id 
_struct_conn.ptnr2_auth_comp_id 
_struct_conn.ptnr2_auth_seq_id 
_struct_conn.ptnr2_symmetry 
_struct_conn.pdbx_ptnr3_label_atom_id 
_struct_conn.pdbx_ptnr3_label_seq_id 
_struct_conn.pdbx_ptnr3_label_comp_id 
_struct_conn.pdbx_ptnr3_label_asym_id 
_struct_conn.pdbx_ptnr3_label_alt_id 
_struct_conn.pdbx_ptnr3_PDB_ins_code 
_struct_conn.details 
_struct_conn.pdbx_dist_value 
_struct_conn.pdbx_value_order 
_struct_conn.pdbx_role 
covale1 covale both ? A TYR 25 C ? ? ? 1_555 A MSE 26 N ? ? A TYR 25 A MSE 26 1_555 ? ? ? ? ? ? ? 1.325 ? ? 
covale2 covale both ? A MSE 26 C ? ? ? 1_555 A PRO 27 N ? ? A MSE 26 A PRO 27 1_555 ? ? ? ? ? ? ? 1.348 ? ? 
covale3 covale both ? A TYR 42 C ? ? ? 1_555 A MSE 43 N ? ? A TYR 42 A MSE 43 1_555 ? ? ? ? ? ? ? 1.328 ? ? 
covale4 covale both ? A MSE 43 C ? ? ? 1_555 A LEU 44 N ? ? A MSE 43 A LEU 44 1_555 ? ? ? ? ? ? ? 1.330 ? ? 
covale5 covale both ? B TYR 25 C ? ? ? 1_555 B MSE 26 N ? ? B TYR 25 B MSE 26 1_555 ? ? ? ? ? ? ? 1.334 ? ? 
covale6 covale both ? B MSE 26 C ? ? ? 1_555 B PRO 27 N ? ? B MSE 26 B PRO 27 1_555 ? ? ? ? ? ? ? 1.341 ? ? 
covale7 covale both ? B TYR 42 C ? ? ? 1_555 B MSE 43 N ? ? B TYR 42 B MSE 43 1_555 ? ? ? ? ? ? ? 1.328 ? ? 
covale8 covale both ? B MSE 43 C ? ? ? 1_555 B LEU 44 N ? ? B MSE 43 B LEU 44 1_555 ? ? ? ? ? ? ? 1.331 ? ? 
# 
_struct_conn_type.id          covale 
_struct_conn_type.criteria    ? 
_struct_conn_type.reference   ? 
# 
loop_
_pdbx_modification_feature.ordinal 
_pdbx_modification_feature.label_comp_id 
_pdbx_modification_feature.label_asym_id 
_pdbx_modification_feature.label_seq_id 
_pdbx_modification_feature.label_alt_id 
_pdbx_modification_feature.modified_residue_label_comp_id 
_pdbx_modification_feature.modified_residue_label_asym_id 
_pdbx_modification_feature.modified_residue_label_seq_id 
_pdbx_modification_feature.modified_residue_label_alt_id 
_pdbx_modification_feature.auth_comp_id 
_pdbx_modification_feature.auth_asym_id 
_pdbx_modification_feature.auth_seq_id 
_pdbx_modification_feature.PDB_ins_code 
_pdbx_modification_feature.symmetry 
_pdbx_modification_feature.modified_residue_auth_comp_id 
_pdbx_modification_feature.modified_residue_auth_asym_id 
_pdbx_modification_feature.modified_residue_auth_seq_id 
_pdbx_modification_feature.modified_residue_PDB_ins_code 
_pdbx_modification_feature.modified_residue_symmetry 
_pdbx_modification_feature.comp_id_linking_atom 
_pdbx_modification_feature.modified_residue_id_linking_atom 
_pdbx_modification_feature.modified_residue_id 
_pdbx_modification_feature.ref_pcm_id 
_pdbx_modification_feature.ref_comp_id 
_pdbx_modification_feature.type 
_pdbx_modification_feature.category 
1 MSE A 26 ? . . . . MSE A 26 ? 1_555 . . . . . . . MET 1 MSE Selenomethionine 'Named protein modification' 
2 MSE A 43 ? . . . . MSE A 43 ? 1_555 . . . . . . . MET 1 MSE Selenomethionine 'Named protein modification' 
3 MSE B 26 ? . . . . MSE B 26 ? 1_555 . . . . . . . MET 1 MSE Selenomethionine 'Named protein modification' 
4 MSE B 43 ? . . . . MSE B 43 ? 1_555 . . . . . . . MET 1 MSE Selenomethionine 'Named protein modification' 
# 
loop_
_struct_sheet.id 
_struct_sheet.type 
_struct_sheet.number_strands 
_struct_sheet.details 
A ? 6 ? 
B ? 6 ? 
# 
loop_
_struct_sheet_order.sheet_id 
_struct_sheet_order.range_id_1 
_struct_sheet_order.range_id_2 
_struct_sheet_order.offset 
_struct_sheet_order.sense 
A 1 2 ? parallel      
A 2 3 ? anti-parallel 
A 3 4 ? anti-parallel 
A 4 5 ? anti-parallel 
A 5 6 ? anti-parallel 
B 1 2 ? parallel      
B 2 3 ? anti-parallel 
B 3 4 ? anti-parallel 
B 4 5 ? anti-parallel 
B 5 6 ? anti-parallel 
# 
loop_
_struct_sheet_range.sheet_id 
_struct_sheet_range.id 
_struct_sheet_range.beg_label_comp_id 
_struct_sheet_range.beg_label_asym_id 
_struct_sheet_range.beg_label_seq_id 
_struct_sheet_range.pdbx_beg_PDB_ins_code 
_struct_sheet_range.end_label_comp_id 
_struct_sheet_range.end_label_asym_id 
_struct_sheet_range.end_label_seq_id 
_struct_sheet_range.pdbx_end_PDB_ins_code 
_struct_sheet_range.beg_auth_comp_id 
_struct_sheet_range.beg_auth_asym_id 
_struct_sheet_range.beg_auth_seq_id 
_struct_sheet_range.end_auth_comp_id 
_struct_sheet_range.end_auth_asym_id 
_struct_sheet_range.end_auth_seq_id 
A 1 LEU A 11 ? ALA A 14 ? LEU A 11 ALA A 14 
A 2 GLU A 47 ? THR A 53 ? GLU A 47 THR A 53 
A 3 ARG A 60 ? THR A 71 ? ARG A 60 THR A 71 
A 4 GLY A 82 ? GLN A 86 ? GLY A 82 GLN A 86 
A 5 GLY A 33 ? PRO A 37 ? GLY A 33 PRO A 37 
A 6 TYR A 25 ? MSE A 26 ? TYR A 25 MSE A 26 
B 1 LEU B 11 ? ALA B 14 ? LEU B 11 ALA B 14 
B 2 GLU B 47 ? THR B 53 ? GLU B 47 THR B 53 
B 3 ARG B 60 ? THR B 71 ? ARG B 60 THR B 71 
B 4 GLY B 82 ? GLN B 86 ? GLY B 82 GLN B 86 
B 5 GLY B 33 ? PRO B 37 ? GLY B 33 PRO B 37 
B 6 TYR B 25 ? MSE B 26 ? TYR B 25 MSE B 26 
# 
loop_
_pdbx_struct_sheet_hbond.sheet_id 
_pdbx_struct_sheet_hbond.range_id_1 
_pdbx_struct_sheet_hbond.range_id_2 
_pdbx_struct_sheet_hbond.range_1_label_atom_id 
_pdbx_struct_sheet_hbond.range_1_label_comp_id 
_pdbx_struct_sheet_hbond.range_1_label_asym_id 
_pdbx_struct_sheet_hbond.range_1_label_seq_id 
_pdbx_struct_sheet_hbond.range_1_PDB_ins_code 
_pdbx_struct_sheet_hbond.range_1_auth_atom_id 
_pdbx_struct_sheet_hbond.range_1_auth_comp_id 
_pdbx_struct_sheet_hbond.range_1_auth_asym_id 
_pdbx_struct_sheet_hbond.range_1_auth_seq_id 
_pdbx_struct_sheet_hbond.range_2_label_atom_id 
_pdbx_struct_sheet_hbond.range_2_label_comp_id 
_pdbx_struct_sheet_hbond.range_2_label_asym_id 
_pdbx_struct_sheet_hbond.range_2_label_seq_id 
_pdbx_struct_sheet_hbond.range_2_PDB_ins_code 
_pdbx_struct_sheet_hbond.range_2_auth_atom_id 
_pdbx_struct_sheet_hbond.range_2_auth_comp_id 
_pdbx_struct_sheet_hbond.range_2_auth_asym_id 
_pdbx_struct_sheet_hbond.range_2_auth_seq_id 
A 1 2 N LEU A 11 ? N LEU A 11 O PHE A 49 ? O PHE A 49 
A 2 3 N LEU A 52 ? N LEU A 52 O LEU A 61 ? O LEU A 61 
A 3 4 N LYS A 66 ? N LYS A 66 O GLN A 86 ? O GLN A 86 
A 4 5 O ILE A 83 ? O ILE A 83 N VAL A 36 ? N VAL A 36 
A 5 6 O GLY A 33 ? O GLY A 33 N MSE A 26 ? N MSE A 26 
B 1 2 N LEU B 11 ? N LEU B 11 O PHE B 49 ? O PHE B 49 
B 2 3 N LEU B 52 ? N LEU B 52 O LEU B 61 ? O LEU B 61 
B 3 4 N LYS B 66 ? N LYS B 66 O GLN B 86 ? O GLN B 86 
B 4 5 O ILE B 83 ? O ILE B 83 N VAL B 36 ? N VAL B 36 
B 5 6 O GLY B 33 ? O GLY B 33 N MSE B 26 ? N MSE B 26 
# 
_pdbx_entry_details.entry_id                   3CNR 
_pdbx_entry_details.compound_details           ? 
_pdbx_entry_details.source_details             ? 
_pdbx_entry_details.nonpolymer_details         ? 
_pdbx_entry_details.sequence_details           ? 
_pdbx_entry_details.has_ligand_of_interest     ? 
_pdbx_entry_details.has_protein_modification   Y 
# 
_pdbx_validate_rmsd_bond.id                        1 
_pdbx_validate_rmsd_bond.PDB_model_num             1 
_pdbx_validate_rmsd_bond.auth_atom_id_1            CZ 
_pdbx_validate_rmsd_bond.auth_asym_id_1            A 
_pdbx_validate_rmsd_bond.auth_comp_id_1            TYR 
_pdbx_validate_rmsd_bond.auth_seq_id_1             22 
_pdbx_validate_rmsd_bond.PDB_ins_code_1            ? 
_pdbx_validate_rmsd_bond.label_alt_id_1            ? 
_pdbx_validate_rmsd_bond.auth_atom_id_2            OH 
_pdbx_validate_rmsd_bond.auth_asym_id_2            A 
_pdbx_validate_rmsd_bond.auth_comp_id_2            TYR 
_pdbx_validate_rmsd_bond.auth_seq_id_2             22 
_pdbx_validate_rmsd_bond.PDB_ins_code_2            ? 
_pdbx_validate_rmsd_bond.label_alt_id_2            ? 
_pdbx_validate_rmsd_bond.bond_value                1.257 
_pdbx_validate_rmsd_bond.bond_target_value         1.374 
_pdbx_validate_rmsd_bond.bond_deviation            -0.117 
_pdbx_validate_rmsd_bond.bond_standard_deviation   0.017 
_pdbx_validate_rmsd_bond.linker_flag               N 
# 
loop_
_pdbx_validate_torsion.id 
_pdbx_validate_torsion.PDB_model_num 
_pdbx_validate_torsion.auth_comp_id 
_pdbx_validate_torsion.auth_asym_id 
_pdbx_validate_torsion.auth_seq_id 
_pdbx_validate_torsion.PDB_ins_code 
_pdbx_validate_torsion.label_alt_id 
_pdbx_validate_torsion.phi 
_pdbx_validate_torsion.psi 
1 1 THR A 38 ? ? -173.71 141.52 
2 1 THR B 38 ? ? -172.31 142.47 
# 
loop_
_pdbx_struct_mod_residue.id 
_pdbx_struct_mod_residue.label_asym_id 
_pdbx_struct_mod_residue.label_comp_id 
_pdbx_struct_mod_residue.label_seq_id 
_pdbx_struct_mod_residue.auth_asym_id 
_pdbx_struct_mod_residue.auth_comp_id 
_pdbx_struct_mod_residue.auth_seq_id 
_pdbx_struct_mod_residue.PDB_ins_code 
_pdbx_struct_mod_residue.parent_comp_id 
_pdbx_struct_mod_residue.details 
1 A MSE 26 A MSE 26 ? MET SELENOMETHIONINE 
2 A MSE 43 A MSE 43 ? MET SELENOMETHIONINE 
3 B MSE 26 B MSE 26 ? MET SELENOMETHIONINE 
4 B MSE 43 B MSE 43 ? MET SELENOMETHIONINE 
# 
loop_
_pdbx_unobs_or_zero_occ_residues.id 
_pdbx_unobs_or_zero_occ_residues.PDB_model_num 
_pdbx_unobs_or_zero_occ_residues.polymer_flag 
_pdbx_unobs_or_zero_occ_residues.occupancy_flag 
_pdbx_unobs_or_zero_occ_residues.auth_asym_id 
_pdbx_unobs_or_zero_occ_residues.auth_comp_id 
_pdbx_unobs_or_zero_occ_residues.auth_seq_id 
_pdbx_unobs_or_zero_occ_residues.PDB_ins_code 
_pdbx_unobs_or_zero_occ_residues.label_asym_id 
_pdbx_unobs_or_zero_occ_residues.label_comp_id 
_pdbx_unobs_or_zero_occ_residues.label_seq_id 
1  1 Y 1 A MSE 1   ? A MSE 1   
2  1 Y 1 A SER 2   ? A SER 2   
3  1 Y 1 A ALA 3   ? A ALA 3   
4  1 Y 1 A MSE 4   ? A MSE 4   
5  1 Y 1 A ASN 5   ? A ASN 5   
6  1 Y 1 A ALA 6   ? A ALA 6   
7  1 Y 1 A ARG 7   ? A ARG 7   
8  1 Y 1 A GLN 8   ? A GLN 8   
9  1 Y 1 A GLY 74  ? A GLY 74  
10 1 Y 1 A ALA 75  ? A ALA 75  
11 1 Y 1 A GLN 76  ? A GLN 76  
12 1 Y 1 A GLY 77  ? A GLY 77  
13 1 Y 1 A ASN 78  ? A ASN 78  
14 1 Y 1 A ARG 79  ? A ARG 79  
15 1 Y 1 A GLY 106 ? A GLY 106 
16 1 Y 1 A LEU 107 ? A LEU 107 
17 1 Y 1 A THR 108 ? A THR 108 
18 1 Y 1 A THR 109 ? A THR 109 
19 1 Y 1 A SER 110 ? A SER 110 
20 1 Y 1 A ASP 111 ? A ASP 111 
21 1 Y 1 A LYS 112 ? A LYS 112 
22 1 Y 1 A PRO 113 ? A PRO 113 
23 1 Y 1 A THR 114 ? A THR 114 
24 1 Y 1 A HIS 115 ? A HIS 115 
25 1 Y 1 A THR 116 ? A THR 116 
26 1 Y 1 A MSE 117 ? A MSE 117 
27 1 Y 1 B MSE 1   ? B MSE 1   
28 1 Y 1 B SER 2   ? B SER 2   
29 1 Y 1 B ALA 3   ? B ALA 3   
30 1 Y 1 B MSE 4   ? B MSE 4   
31 1 Y 1 B ASN 5   ? B ASN 5   
32 1 Y 1 B ALA 6   ? B ALA 6   
33 1 Y 1 B ARG 7   ? B ARG 7   
34 1 Y 1 B GLY 74  ? B GLY 74  
35 1 Y 1 B ALA 75  ? B ALA 75  
36 1 Y 1 B GLN 76  ? B GLN 76  
37 1 Y 1 B GLY 77  ? B GLY 77  
38 1 Y 1 B ASN 78  ? B ASN 78  
39 1 Y 1 B ARG 79  ? B ARG 79  
40 1 Y 1 B LEU 107 ? B LEU 107 
41 1 Y 1 B THR 108 ? B THR 108 
42 1 Y 1 B THR 109 ? B THR 109 
43 1 Y 1 B SER 110 ? B SER 110 
44 1 Y 1 B ASP 111 ? B ASP 111 
45 1 Y 1 B LYS 112 ? B LYS 112 
46 1 Y 1 B PRO 113 ? B PRO 113 
47 1 Y 1 B THR 114 ? B THR 114 
48 1 Y 1 B HIS 115 ? B HIS 115 
49 1 Y 1 B THR 116 ? B THR 116 
50 1 Y 1 B MSE 117 ? B MSE 117 
# 
loop_
_chem_comp_atom.comp_id 
_chem_comp_atom.atom_id 
_chem_comp_atom.type_symbol 
_chem_comp_atom.pdbx_aromatic_flag 
_chem_comp_atom.pdbx_stereo_config 
_chem_comp_atom.pdbx_ordinal 
ALA N    N  N N 1   
ALA CA   C  N S 2   
ALA C    C  N N 3   
ALA O    O  N N 4   
ALA CB   C  N N 5   
ALA OXT  O  N N 6   
ALA H    H  N N 7   
ALA H2   H  N N 8   
ALA HA   H  N N 9   
ALA HB1  H  N N 10  
ALA HB2  H  N N 11  
ALA HB3  H  N N 12  
ALA HXT  H  N N 13  
ARG N    N  N N 14  
ARG CA   C  N S 15  
ARG C    C  N N 16  
ARG O    O  N N 17  
ARG CB   C  N N 18  
ARG CG   C  N N 19  
ARG CD   C  N N 20  
ARG NE   N  N N 21  
ARG CZ   C  N N 22  
ARG NH1  N  N N 23  
ARG NH2  N  N N 24  
ARG OXT  O  N N 25  
ARG H    H  N N 26  
ARG H2   H  N N 27  
ARG HA   H  N N 28  
ARG HB2  H  N N 29  
ARG HB3  H  N N 30  
ARG HG2  H  N N 31  
ARG HG3  H  N N 32  
ARG HD2  H  N N 33  
ARG HD3  H  N N 34  
ARG HE   H  N N 35  
ARG HH11 H  N N 36  
ARG HH12 H  N N 37  
ARG HH21 H  N N 38  
ARG HH22 H  N N 39  
ARG HXT  H  N N 40  
ASN N    N  N N 41  
ASN CA   C  N S 42  
ASN C    C  N N 43  
ASN O    O  N N 44  
ASN CB   C  N N 45  
ASN CG   C  N N 46  
ASN OD1  O  N N 47  
ASN ND2  N  N N 48  
ASN OXT  O  N N 49  
ASN H    H  N N 50  
ASN H2   H  N N 51  
ASN HA   H  N N 52  
ASN HB2  H  N N 53  
ASN HB3  H  N N 54  
ASN HD21 H  N N 55  
ASN HD22 H  N N 56  
ASN HXT  H  N N 57  
ASP N    N  N N 58  
ASP CA   C  N S 59  
ASP C    C  N N 60  
ASP O    O  N N 61  
ASP CB   C  N N 62  
ASP CG   C  N N 63  
ASP OD1  O  N N 64  
ASP OD2  O  N N 65  
ASP OXT  O  N N 66  
ASP H    H  N N 67  
ASP H2   H  N N 68  
ASP HA   H  N N 69  
ASP HB2  H  N N 70  
ASP HB3  H  N N 71  
ASP HD2  H  N N 72  
ASP HXT  H  N N 73  
GLN N    N  N N 74  
GLN CA   C  N S 75  
GLN C    C  N N 76  
GLN O    O  N N 77  
GLN CB   C  N N 78  
GLN CG   C  N N 79  
GLN CD   C  N N 80  
GLN OE1  O  N N 81  
GLN NE2  N  N N 82  
GLN OXT  O  N N 83  
GLN H    H  N N 84  
GLN H2   H  N N 85  
GLN HA   H  N N 86  
GLN HB2  H  N N 87  
GLN HB3  H  N N 88  
GLN HG2  H  N N 89  
GLN HG3  H  N N 90  
GLN HE21 H  N N 91  
GLN HE22 H  N N 92  
GLN HXT  H  N N 93  
GLU N    N  N N 94  
GLU CA   C  N S 95  
GLU C    C  N N 96  
GLU O    O  N N 97  
GLU CB   C  N N 98  
GLU CG   C  N N 99  
GLU CD   C  N N 100 
GLU OE1  O  N N 101 
GLU OE2  O  N N 102 
GLU OXT  O  N N 103 
GLU H    H  N N 104 
GLU H2   H  N N 105 
GLU HA   H  N N 106 
GLU HB2  H  N N 107 
GLU HB3  H  N N 108 
GLU HG2  H  N N 109 
GLU HG3  H  N N 110 
GLU HE2  H  N N 111 
GLU HXT  H  N N 112 
GLY N    N  N N 113 
GLY CA   C  N N 114 
GLY C    C  N N 115 
GLY O    O  N N 116 
GLY OXT  O  N N 117 
GLY H    H  N N 118 
GLY H2   H  N N 119 
GLY HA2  H  N N 120 
GLY HA3  H  N N 121 
GLY HXT  H  N N 122 
HIS N    N  N N 123 
HIS CA   C  N S 124 
HIS C    C  N N 125 
HIS O    O  N N 126 
HIS CB   C  N N 127 
HIS CG   C  Y N 128 
HIS ND1  N  Y N 129 
HIS CD2  C  Y N 130 
HIS CE1  C  Y N 131 
HIS NE2  N  Y N 132 
HIS OXT  O  N N 133 
HIS H    H  N N 134 
HIS H2   H  N N 135 
HIS HA   H  N N 136 
HIS HB2  H  N N 137 
HIS HB3  H  N N 138 
HIS HD1  H  N N 139 
HIS HD2  H  N N 140 
HIS HE1  H  N N 141 
HIS HE2  H  N N 142 
HIS HXT  H  N N 143 
HOH O    O  N N 144 
HOH H1   H  N N 145 
HOH H2   H  N N 146 
ILE N    N  N N 147 
ILE CA   C  N S 148 
ILE C    C  N N 149 
ILE O    O  N N 150 
ILE CB   C  N S 151 
ILE CG1  C  N N 152 
ILE CG2  C  N N 153 
ILE CD1  C  N N 154 
ILE OXT  O  N N 155 
ILE H    H  N N 156 
ILE H2   H  N N 157 
ILE HA   H  N N 158 
ILE HB   H  N N 159 
ILE HG12 H  N N 160 
ILE HG13 H  N N 161 
ILE HG21 H  N N 162 
ILE HG22 H  N N 163 
ILE HG23 H  N N 164 
ILE HD11 H  N N 165 
ILE HD12 H  N N 166 
ILE HD13 H  N N 167 
ILE HXT  H  N N 168 
LEU N    N  N N 169 
LEU CA   C  N S 170 
LEU C    C  N N 171 
LEU O    O  N N 172 
LEU CB   C  N N 173 
LEU CG   C  N N 174 
LEU CD1  C  N N 175 
LEU CD2  C  N N 176 
LEU OXT  O  N N 177 
LEU H    H  N N 178 
LEU H2   H  N N 179 
LEU HA   H  N N 180 
LEU HB2  H  N N 181 
LEU HB3  H  N N 182 
LEU HG   H  N N 183 
LEU HD11 H  N N 184 
LEU HD12 H  N N 185 
LEU HD13 H  N N 186 
LEU HD21 H  N N 187 
LEU HD22 H  N N 188 
LEU HD23 H  N N 189 
LEU HXT  H  N N 190 
LYS N    N  N N 191 
LYS CA   C  N S 192 
LYS C    C  N N 193 
LYS O    O  N N 194 
LYS CB   C  N N 195 
LYS CG   C  N N 196 
LYS CD   C  N N 197 
LYS CE   C  N N 198 
LYS NZ   N  N N 199 
LYS OXT  O  N N 200 
LYS H    H  N N 201 
LYS H2   H  N N 202 
LYS HA   H  N N 203 
LYS HB2  H  N N 204 
LYS HB3  H  N N 205 
LYS HG2  H  N N 206 
LYS HG3  H  N N 207 
LYS HD2  H  N N 208 
LYS HD3  H  N N 209 
LYS HE2  H  N N 210 
LYS HE3  H  N N 211 
LYS HZ1  H  N N 212 
LYS HZ2  H  N N 213 
LYS HZ3  H  N N 214 
LYS HXT  H  N N 215 
MSE N    N  N N 216 
MSE CA   C  N S 217 
MSE C    C  N N 218 
MSE O    O  N N 219 
MSE OXT  O  N N 220 
MSE CB   C  N N 221 
MSE CG   C  N N 222 
MSE SE   SE N N 223 
MSE CE   C  N N 224 
MSE H    H  N N 225 
MSE H2   H  N N 226 
MSE HA   H  N N 227 
MSE HXT  H  N N 228 
MSE HB2  H  N N 229 
MSE HB3  H  N N 230 
MSE HG2  H  N N 231 
MSE HG3  H  N N 232 
MSE HE1  H  N N 233 
MSE HE2  H  N N 234 
MSE HE3  H  N N 235 
PHE N    N  N N 236 
PHE CA   C  N S 237 
PHE C    C  N N 238 
PHE O    O  N N 239 
PHE CB   C  N N 240 
PHE CG   C  Y N 241 
PHE CD1  C  Y N 242 
PHE CD2  C  Y N 243 
PHE CE1  C  Y N 244 
PHE CE2  C  Y N 245 
PHE CZ   C  Y N 246 
PHE OXT  O  N N 247 
PHE H    H  N N 248 
PHE H2   H  N N 249 
PHE HA   H  N N 250 
PHE HB2  H  N N 251 
PHE HB3  H  N N 252 
PHE HD1  H  N N 253 
PHE HD2  H  N N 254 
PHE HE1  H  N N 255 
PHE HE2  H  N N 256 
PHE HZ   H  N N 257 
PHE HXT  H  N N 258 
PRO N    N  N N 259 
PRO CA   C  N S 260 
PRO C    C  N N 261 
PRO O    O  N N 262 
PRO CB   C  N N 263 
PRO CG   C  N N 264 
PRO CD   C  N N 265 
PRO OXT  O  N N 266 
PRO H    H  N N 267 
PRO HA   H  N N 268 
PRO HB2  H  N N 269 
PRO HB3  H  N N 270 
PRO HG2  H  N N 271 
PRO HG3  H  N N 272 
PRO HD2  H  N N 273 
PRO HD3  H  N N 274 
PRO HXT  H  N N 275 
SER N    N  N N 276 
SER CA   C  N S 277 
SER C    C  N N 278 
SER O    O  N N 279 
SER CB   C  N N 280 
SER OG   O  N N 281 
SER OXT  O  N N 282 
SER H    H  N N 283 
SER H2   H  N N 284 
SER HA   H  N N 285 
SER HB2  H  N N 286 
SER HB3  H  N N 287 
SER HG   H  N N 288 
SER HXT  H  N N 289 
THR N    N  N N 290 
THR CA   C  N S 291 
THR C    C  N N 292 
THR O    O  N N 293 
THR CB   C  N R 294 
THR OG1  O  N N 295 
THR CG2  C  N N 296 
THR OXT  O  N N 297 
THR H    H  N N 298 
THR H2   H  N N 299 
THR HA   H  N N 300 
THR HB   H  N N 301 
THR HG1  H  N N 302 
THR HG21 H  N N 303 
THR HG22 H  N N 304 
THR HG23 H  N N 305 
THR HXT  H  N N 306 
TRP N    N  N N 307 
TRP CA   C  N S 308 
TRP C    C  N N 309 
TRP O    O  N N 310 
TRP CB   C  N N 311 
TRP CG   C  Y N 312 
TRP CD1  C  Y N 313 
TRP CD2  C  Y N 314 
TRP NE1  N  Y N 315 
TRP CE2  C  Y N 316 
TRP CE3  C  Y N 317 
TRP CZ2  C  Y N 318 
TRP CZ3  C  Y N 319 
TRP CH2  C  Y N 320 
TRP OXT  O  N N 321 
TRP H    H  N N 322 
TRP H2   H  N N 323 
TRP HA   H  N N 324 
TRP HB2  H  N N 325 
TRP HB3  H  N N 326 
TRP HD1  H  N N 327 
TRP HE1  H  N N 328 
TRP HE3  H  N N 329 
TRP HZ2  H  N N 330 
TRP HZ3  H  N N 331 
TRP HH2  H  N N 332 
TRP HXT  H  N N 333 
TYR N    N  N N 334 
TYR CA   C  N S 335 
TYR C    C  N N 336 
TYR O    O  N N 337 
TYR CB   C  N N 338 
TYR CG   C  Y N 339 
TYR CD1  C  Y N 340 
TYR CD2  C  Y N 341 
TYR CE1  C  Y N 342 
TYR CE2  C  Y N 343 
TYR CZ   C  Y N 344 
TYR OH   O  N N 345 
TYR OXT  O  N N 346 
TYR H    H  N N 347 
TYR H2   H  N N 348 
TYR HA   H  N N 349 
TYR HB2  H  N N 350 
TYR HB3  H  N N 351 
TYR HD1  H  N N 352 
TYR HD2  H  N N 353 
TYR HE1  H  N N 354 
TYR HE2  H  N N 355 
TYR HH   H  N N 356 
TYR HXT  H  N N 357 
VAL N    N  N N 358 
VAL CA   C  N S 359 
VAL C    C  N N 360 
VAL O    O  N N 361 
VAL CB   C  N N 362 
VAL CG1  C  N N 363 
VAL CG2  C  N N 364 
VAL OXT  O  N N 365 
VAL H    H  N N 366 
VAL H2   H  N N 367 
VAL HA   H  N N 368 
VAL HB   H  N N 369 
VAL HG11 H  N N 370 
VAL HG12 H  N N 371 
VAL HG13 H  N N 372 
VAL HG21 H  N N 373 
VAL HG22 H  N N 374 
VAL HG23 H  N N 375 
VAL HXT  H  N N 376 
# 
loop_
_chem_comp_bond.comp_id 
_chem_comp_bond.atom_id_1 
_chem_comp_bond.atom_id_2 
_chem_comp_bond.value_order 
_chem_comp_bond.pdbx_aromatic_flag 
_chem_comp_bond.pdbx_stereo_config 
_chem_comp_bond.pdbx_ordinal 
ALA N   CA   sing N N 1   
ALA N   H    sing N N 2   
ALA N   H2   sing N N 3   
ALA CA  C    sing N N 4   
ALA CA  CB   sing N N 5   
ALA CA  HA   sing N N 6   
ALA C   O    doub N N 7   
ALA C   OXT  sing N N 8   
ALA CB  HB1  sing N N 9   
ALA CB  HB2  sing N N 10  
ALA CB  HB3  sing N N 11  
ALA OXT HXT  sing N N 12  
ARG N   CA   sing N N 13  
ARG N   H    sing N N 14  
ARG N   H2   sing N N 15  
ARG CA  C    sing N N 16  
ARG CA  CB   sing N N 17  
ARG CA  HA   sing N N 18  
ARG C   O    doub N N 19  
ARG C   OXT  sing N N 20  
ARG CB  CG   sing N N 21  
ARG CB  HB2  sing N N 22  
ARG CB  HB3  sing N N 23  
ARG CG  CD   sing N N 24  
ARG CG  HG2  sing N N 25  
ARG CG  HG3  sing N N 26  
ARG CD  NE   sing N N 27  
ARG CD  HD2  sing N N 28  
ARG CD  HD3  sing N N 29  
ARG NE  CZ   sing N N 30  
ARG NE  HE   sing N N 31  
ARG CZ  NH1  sing N N 32  
ARG CZ  NH2  doub N N 33  
ARG NH1 HH11 sing N N 34  
ARG NH1 HH12 sing N N 35  
ARG NH2 HH21 sing N N 36  
ARG NH2 HH22 sing N N 37  
ARG OXT HXT  sing N N 38  
ASN N   CA   sing N N 39  
ASN N   H    sing N N 40  
ASN N   H2   sing N N 41  
ASN CA  C    sing N N 42  
ASN CA  CB   sing N N 43  
ASN CA  HA   sing N N 44  
ASN C   O    doub N N 45  
ASN C   OXT  sing N N 46  
ASN CB  CG   sing N N 47  
ASN CB  HB2  sing N N 48  
ASN CB  HB3  sing N N 49  
ASN CG  OD1  doub N N 50  
ASN CG  ND2  sing N N 51  
ASN ND2 HD21 sing N N 52  
ASN ND2 HD22 sing N N 53  
ASN OXT HXT  sing N N 54  
ASP N   CA   sing N N 55  
ASP N   H    sing N N 56  
ASP N   H2   sing N N 57  
ASP CA  C    sing N N 58  
ASP CA  CB   sing N N 59  
ASP CA  HA   sing N N 60  
ASP C   O    doub N N 61  
ASP C   OXT  sing N N 62  
ASP CB  CG   sing N N 63  
ASP CB  HB2  sing N N 64  
ASP CB  HB3  sing N N 65  
ASP CG  OD1  doub N N 66  
ASP CG  OD2  sing N N 67  
ASP OD2 HD2  sing N N 68  
ASP OXT HXT  sing N N 69  
GLN N   CA   sing N N 70  
GLN N   H    sing N N 71  
GLN N   H2   sing N N 72  
GLN CA  C    sing N N 73  
GLN CA  CB   sing N N 74  
GLN CA  HA   sing N N 75  
GLN C   O    doub N N 76  
GLN C   OXT  sing N N 77  
GLN CB  CG   sing N N 78  
GLN CB  HB2  sing N N 79  
GLN CB  HB3  sing N N 80  
GLN CG  CD   sing N N 81  
GLN CG  HG2  sing N N 82  
GLN CG  HG3  sing N N 83  
GLN CD  OE1  doub N N 84  
GLN CD  NE2  sing N N 85  
GLN NE2 HE21 sing N N 86  
GLN NE2 HE22 sing N N 87  
GLN OXT HXT  sing N N 88  
GLU N   CA   sing N N 89  
GLU N   H    sing N N 90  
GLU N   H2   sing N N 91  
GLU CA  C    sing N N 92  
GLU CA  CB   sing N N 93  
GLU CA  HA   sing N N 94  
GLU C   O    doub N N 95  
GLU C   OXT  sing N N 96  
GLU CB  CG   sing N N 97  
GLU CB  HB2  sing N N 98  
GLU CB  HB3  sing N N 99  
GLU CG  CD   sing N N 100 
GLU CG  HG2  sing N N 101 
GLU CG  HG3  sing N N 102 
GLU CD  OE1  doub N N 103 
GLU CD  OE2  sing N N 104 
GLU OE2 HE2  sing N N 105 
GLU OXT HXT  sing N N 106 
GLY N   CA   sing N N 107 
GLY N   H    sing N N 108 
GLY N   H2   sing N N 109 
GLY CA  C    sing N N 110 
GLY CA  HA2  sing N N 111 
GLY CA  HA3  sing N N 112 
GLY C   O    doub N N 113 
GLY C   OXT  sing N N 114 
GLY OXT HXT  sing N N 115 
HIS N   CA   sing N N 116 
HIS N   H    sing N N 117 
HIS N   H2   sing N N 118 
HIS CA  C    sing N N 119 
HIS CA  CB   sing N N 120 
HIS CA  HA   sing N N 121 
HIS C   O    doub N N 122 
HIS C   OXT  sing N N 123 
HIS CB  CG   sing N N 124 
HIS CB  HB2  sing N N 125 
HIS CB  HB3  sing N N 126 
HIS CG  ND1  sing Y N 127 
HIS CG  CD2  doub Y N 128 
HIS ND1 CE1  doub Y N 129 
HIS ND1 HD1  sing N N 130 
HIS CD2 NE2  sing Y N 131 
HIS CD2 HD2  sing N N 132 
HIS CE1 NE2  sing Y N 133 
HIS CE1 HE1  sing N N 134 
HIS NE2 HE2  sing N N 135 
HIS OXT HXT  sing N N 136 
HOH O   H1   sing N N 137 
HOH O   H2   sing N N 138 
ILE N   CA   sing N N 139 
ILE N   H    sing N N 140 
ILE N   H2   sing N N 141 
ILE CA  C    sing N N 142 
ILE CA  CB   sing N N 143 
ILE CA  HA   sing N N 144 
ILE C   O    doub N N 145 
ILE C   OXT  sing N N 146 
ILE CB  CG1  sing N N 147 
ILE CB  CG2  sing N N 148 
ILE CB  HB   sing N N 149 
ILE CG1 CD1  sing N N 150 
ILE CG1 HG12 sing N N 151 
ILE CG1 HG13 sing N N 152 
ILE CG2 HG21 sing N N 153 
ILE CG2 HG22 sing N N 154 
ILE CG2 HG23 sing N N 155 
ILE CD1 HD11 sing N N 156 
ILE CD1 HD12 sing N N 157 
ILE CD1 HD13 sing N N 158 
ILE OXT HXT  sing N N 159 
LEU N   CA   sing N N 160 
LEU N   H    sing N N 161 
LEU N   H2   sing N N 162 
LEU CA  C    sing N N 163 
LEU CA  CB   sing N N 164 
LEU CA  HA   sing N N 165 
LEU C   O    doub N N 166 
LEU C   OXT  sing N N 167 
LEU CB  CG   sing N N 168 
LEU CB  HB2  sing N N 169 
LEU CB  HB3  sing N N 170 
LEU CG  CD1  sing N N 171 
LEU CG  CD2  sing N N 172 
LEU CG  HG   sing N N 173 
LEU CD1 HD11 sing N N 174 
LEU CD1 HD12 sing N N 175 
LEU CD1 HD13 sing N N 176 
LEU CD2 HD21 sing N N 177 
LEU CD2 HD22 sing N N 178 
LEU CD2 HD23 sing N N 179 
LEU OXT HXT  sing N N 180 
LYS N   CA   sing N N 181 
LYS N   H    sing N N 182 
LYS N   H2   sing N N 183 
LYS CA  C    sing N N 184 
LYS CA  CB   sing N N 185 
LYS CA  HA   sing N N 186 
LYS C   O    doub N N 187 
LYS C   OXT  sing N N 188 
LYS CB  CG   sing N N 189 
LYS CB  HB2  sing N N 190 
LYS CB  HB3  sing N N 191 
LYS CG  CD   sing N N 192 
LYS CG  HG2  sing N N 193 
LYS CG  HG3  sing N N 194 
LYS CD  CE   sing N N 195 
LYS CD  HD2  sing N N 196 
LYS CD  HD3  sing N N 197 
LYS CE  NZ   sing N N 198 
LYS CE  HE2  sing N N 199 
LYS CE  HE3  sing N N 200 
LYS NZ  HZ1  sing N N 201 
LYS NZ  HZ2  sing N N 202 
LYS NZ  HZ3  sing N N 203 
LYS OXT HXT  sing N N 204 
MSE N   CA   sing N N 205 
MSE N   H    sing N N 206 
MSE N   H2   sing N N 207 
MSE CA  C    sing N N 208 
MSE CA  CB   sing N N 209 
MSE CA  HA   sing N N 210 
MSE C   O    doub N N 211 
MSE C   OXT  sing N N 212 
MSE OXT HXT  sing N N 213 
MSE CB  CG   sing N N 214 
MSE CB  HB2  sing N N 215 
MSE CB  HB3  sing N N 216 
MSE CG  SE   sing N N 217 
MSE CG  HG2  sing N N 218 
MSE CG  HG3  sing N N 219 
MSE SE  CE   sing N N 220 
MSE CE  HE1  sing N N 221 
MSE CE  HE2  sing N N 222 
MSE CE  HE3  sing N N 223 
PHE N   CA   sing N N 224 
PHE N   H    sing N N 225 
PHE N   H2   sing N N 226 
PHE CA  C    sing N N 227 
PHE CA  CB   sing N N 228 
PHE CA  HA   sing N N 229 
PHE C   O    doub N N 230 
PHE C   OXT  sing N N 231 
PHE CB  CG   sing N N 232 
PHE CB  HB2  sing N N 233 
PHE CB  HB3  sing N N 234 
PHE CG  CD1  doub Y N 235 
PHE CG  CD2  sing Y N 236 
PHE CD1 CE1  sing Y N 237 
PHE CD1 HD1  sing N N 238 
PHE CD2 CE2  doub Y N 239 
PHE CD2 HD2  sing N N 240 
PHE CE1 CZ   doub Y N 241 
PHE CE1 HE1  sing N N 242 
PHE CE2 CZ   sing Y N 243 
PHE CE2 HE2  sing N N 244 
PHE CZ  HZ   sing N N 245 
PHE OXT HXT  sing N N 246 
PRO N   CA   sing N N 247 
PRO N   CD   sing N N 248 
PRO N   H    sing N N 249 
PRO CA  C    sing N N 250 
PRO CA  CB   sing N N 251 
PRO CA  HA   sing N N 252 
PRO C   O    doub N N 253 
PRO C   OXT  sing N N 254 
PRO CB  CG   sing N N 255 
PRO CB  HB2  sing N N 256 
PRO CB  HB3  sing N N 257 
PRO CG  CD   sing N N 258 
PRO CG  HG2  sing N N 259 
PRO CG  HG3  sing N N 260 
PRO CD  HD2  sing N N 261 
PRO CD  HD3  sing N N 262 
PRO OXT HXT  sing N N 263 
SER N   CA   sing N N 264 
SER N   H    sing N N 265 
SER N   H2   sing N N 266 
SER CA  C    sing N N 267 
SER CA  CB   sing N N 268 
SER CA  HA   sing N N 269 
SER C   O    doub N N 270 
SER C   OXT  sing N N 271 
SER CB  OG   sing N N 272 
SER CB  HB2  sing N N 273 
SER CB  HB3  sing N N 274 
SER OG  HG   sing N N 275 
SER OXT HXT  sing N N 276 
THR N   CA   sing N N 277 
THR N   H    sing N N 278 
THR N   H2   sing N N 279 
THR CA  C    sing N N 280 
THR CA  CB   sing N N 281 
THR CA  HA   sing N N 282 
THR C   O    doub N N 283 
THR C   OXT  sing N N 284 
THR CB  OG1  sing N N 285 
THR CB  CG2  sing N N 286 
THR CB  HB   sing N N 287 
THR OG1 HG1  sing N N 288 
THR CG2 HG21 sing N N 289 
THR CG2 HG22 sing N N 290 
THR CG2 HG23 sing N N 291 
THR OXT HXT  sing N N 292 
TRP N   CA   sing N N 293 
TRP N   H    sing N N 294 
TRP N   H2   sing N N 295 
TRP CA  C    sing N N 296 
TRP CA  CB   sing N N 297 
TRP CA  HA   sing N N 298 
TRP C   O    doub N N 299 
TRP C   OXT  sing N N 300 
TRP CB  CG   sing N N 301 
TRP CB  HB2  sing N N 302 
TRP CB  HB3  sing N N 303 
TRP CG  CD1  doub Y N 304 
TRP CG  CD2  sing Y N 305 
TRP CD1 NE1  sing Y N 306 
TRP CD1 HD1  sing N N 307 
TRP CD2 CE2  doub Y N 308 
TRP CD2 CE3  sing Y N 309 
TRP NE1 CE2  sing Y N 310 
TRP NE1 HE1  sing N N 311 
TRP CE2 CZ2  sing Y N 312 
TRP CE3 CZ3  doub Y N 313 
TRP CE3 HE3  sing N N 314 
TRP CZ2 CH2  doub Y N 315 
TRP CZ2 HZ2  sing N N 316 
TRP CZ3 CH2  sing Y N 317 
TRP CZ3 HZ3  sing N N 318 
TRP CH2 HH2  sing N N 319 
TRP OXT HXT  sing N N 320 
TYR N   CA   sing N N 321 
TYR N   H    sing N N 322 
TYR N   H2   sing N N 323 
TYR CA  C    sing N N 324 
TYR CA  CB   sing N N 325 
TYR CA  HA   sing N N 326 
TYR C   O    doub N N 327 
TYR C   OXT  sing N N 328 
TYR CB  CG   sing N N 329 
TYR CB  HB2  sing N N 330 
TYR CB  HB3  sing N N 331 
TYR CG  CD1  doub Y N 332 
TYR CG  CD2  sing Y N 333 
TYR CD1 CE1  sing Y N 334 
TYR CD1 HD1  sing N N 335 
TYR CD2 CE2  doub Y N 336 
TYR CD2 HD2  sing N N 337 
TYR CE1 CZ   doub Y N 338 
TYR CE1 HE1  sing N N 339 
TYR CE2 CZ   sing Y N 340 
TYR CE2 HE2  sing N N 341 
TYR CZ  OH   sing N N 342 
TYR OH  HH   sing N N 343 
TYR OXT HXT  sing N N 344 
VAL N   CA   sing N N 345 
VAL N   H    sing N N 346 
VAL N   H2   sing N N 347 
VAL CA  C    sing N N 348 
VAL CA  CB   sing N N 349 
VAL CA  HA   sing N N 350 
VAL C   O    doub N N 351 
VAL C   OXT  sing N N 352 
VAL CB  CG1  sing N N 353 
VAL CB  CG2  sing N N 354 
VAL CB  HB   sing N N 355 
VAL CG1 HG11 sing N N 356 
VAL CG1 HG12 sing N N 357 
VAL CG1 HG13 sing N N 358 
VAL CG2 HG21 sing N N 359 
VAL CG2 HG22 sing N N 360 
VAL CG2 HG23 sing N N 361 
VAL OXT HXT  sing N N 362 
# 
_atom_sites.entry_id                    3CNR 
_atom_sites.fract_transf_matrix[1][1]   -0.00148243 
_atom_sites.fract_transf_matrix[1][2]   -0.01758060 
_atom_sites.fract_transf_matrix[1][3]   0.00584792 
_atom_sites.fract_transf_matrix[2][1]   0.00546924 
_atom_sites.fract_transf_matrix[2][2]   -0.01394617 
_atom_sites.fract_transf_matrix[2][3]   -0.01100311 
_atom_sites.fract_transf_matrix[3][1]   0.01100192 
_atom_sites.fract_transf_matrix[3][2]   0.00062701 
_atom_sites.fract_transf_matrix[3][3]   0.00467393 
_atom_sites.fract_transf_vector[1]      0.528859 
_atom_sites.fract_transf_vector[2]      0.478276 
_atom_sites.fract_transf_vector[3]      0.094169 
# 
loop_
_atom_type.symbol 
C  
N  
O  
SE 
# 
loop_
_atom_site.group_PDB 
_atom_site.id 
_atom_site.type_symbol 
_atom_site.label_atom_id 
_atom_site.label_alt_id 
_atom_site.label_comp_id 
_atom_site.label_asym_id 
_atom_site.label_entity_id 
_atom_site.label_seq_id 
_atom_site.pdbx_PDB_ins_code 
_atom_site.Cartn_x 
_atom_site.Cartn_y 
_atom_site.Cartn_z 
_atom_site.occupancy 
_atom_site.B_iso_or_equiv 
_atom_site.pdbx_formal_charge 
_atom_site.auth_seq_id 
_atom_site.auth_comp_id 
_atom_site.auth_asym_id 
_atom_site.auth_atom_id 
_atom_site.pdbx_PDB_model_num 
ATOM   1    N  N   . GLY A 1 9   ? -22.825 0.501   -3.444  1.00 17.86 ? 9   GLY A N   1 
ATOM   2    C  CA  . GLY A 1 9   ? -23.217 1.929   -3.636  1.00 17.08 ? 9   GLY A CA  1 
ATOM   3    C  C   . GLY A 1 9   ? -22.034 2.873   -3.869  1.00 16.77 ? 9   GLY A C   1 
ATOM   4    O  O   . GLY A 1 9   ? -20.861 2.469   -3.842  1.00 17.69 ? 9   GLY A O   1 
ATOM   5    N  N   . ILE A 1 10  ? -22.356 4.134   -4.135  1.00 15.50 ? 10  ILE A N   1 
ATOM   6    C  CA  . ILE A 1 10  ? -21.367 5.213   -4.166  1.00 14.68 ? 10  ILE A CA  1 
ATOM   7    C  C   . ILE A 1 10  ? -20.700 5.335   -2.796  1.00 14.23 ? 10  ILE A C   1 
ATOM   8    O  O   . ILE A 1 10  ? -21.356 5.182   -1.774  1.00 14.11 ? 10  ILE A O   1 
ATOM   9    C  CB  . ILE A 1 10  ? -22.066 6.523   -4.512  1.00 14.73 ? 10  ILE A CB  1 
ATOM   10   C  CG1 . ILE A 1 10  ? -22.934 6.370   -5.755  1.00 13.37 ? 10  ILE A CG1 1 
ATOM   11   C  CG2 . ILE A 1 10  ? -21.027 7.638   -4.692  1.00 14.73 ? 10  ILE A CG2 1 
ATOM   12   C  CD1 . ILE A 1 10  ? -22.177 6.184   -6.997  1.00 12.31 ? 10  ILE A CD1 1 
ATOM   13   N  N   . LEU A 1 11  ? -19.393 5.557   -2.769  1.00 13.48 ? 11  LEU A N   1 
ATOM   14   C  CA  . LEU A 1 11  ? -18.708 5.747   -1.506  1.00 13.81 ? 11  LEU A CA  1 
ATOM   15   C  C   . LEU A 1 11  ? -18.203 7.193   -1.422  1.00 14.40 ? 11  LEU A C   1 
ATOM   16   O  O   . LEU A 1 11  ? -17.587 7.690   -2.355  1.00 13.49 ? 11  LEU A O   1 
ATOM   17   C  CB  . LEU A 1 11  ? -17.546 4.743   -1.384  1.00 13.18 ? 11  LEU A CB  1 
ATOM   18   C  CG  . LEU A 1 11  ? -16.661 4.864   -0.148  1.00 13.27 ? 11  LEU A CG  1 
ATOM   19   C  CD1 . LEU A 1 11  ? -17.441 4.731   1.161   1.00 15.77 ? 11  LEU A CD1 1 
ATOM   20   C  CD2 . LEU A 1 11  ? -15.552 3.780   -0.266  1.00 14.72 ? 11  LEU A CD2 1 
ATOM   21   N  N   . SER A 1 12  ? -18.435 7.856   -0.300  1.00 14.52 ? 12  SER A N   1 
ATOM   22   C  CA  . SER A 1 12  ? -18.028 9.255   -0.191  1.00 15.42 ? 12  SER A CA  1 
ATOM   23   C  C   . SER A 1 12  ? -17.026 9.461   0.935   1.00 14.91 ? 12  SER A C   1 
ATOM   24   O  O   . SER A 1 12  ? -17.140 8.837   2.007   1.00 14.96 ? 12  SER A O   1 
ATOM   25   C  CB  . SER A 1 12  ? -19.233 10.151  0.046   1.00 14.88 ? 12  SER A CB  1 
ATOM   26   O  OG  . SER A 1 12  ? -20.104 10.134  -1.084  1.00 18.78 ? 12  SER A OG  1 
ATOM   27   N  N   . LEU A 1 13  ? -16.076 10.364  0.697   1.00 14.32 ? 13  LEU A N   1 
ATOM   28   C  CA  . LEU A 1 13  ? -15.127 10.817  1.710   1.00 14.63 ? 13  LEU A CA  1 
ATOM   29   C  C   . LEU A 1 13  ? -14.923 12.308  1.577   1.00 14.87 ? 13  LEU A C   1 
ATOM   30   O  O   . LEU A 1 13  ? -14.584 12.801  0.494   1.00 14.78 ? 13  LEU A O   1 
ATOM   31   C  CB  . LEU A 1 13  ? -13.771 10.139  1.496   1.00 14.79 ? 13  LEU A CB  1 
ATOM   32   C  CG  . LEU A 1 13  ? -12.644 10.491  2.481   1.00 14.60 ? 13  LEU A CG  1 
ATOM   33   C  CD1 . LEU A 1 13  ? -13.086 10.368  3.977   1.00 13.70 ? 13  LEU A CD1 1 
ATOM   34   C  CD2 . LEU A 1 13  ? -11.406 9.602   2.202   1.00 14.24 ? 13  LEU A CD2 1 
ATOM   35   N  N   . ALA A 1 14  ? -15.103 13.030  2.658   1.00 14.70 ? 14  ALA A N   1 
ATOM   36   C  CA  . ALA A 1 14  ? -14.789 14.458  2.650   1.00 14.93 ? 14  ALA A CA  1 
ATOM   37   C  C   . ALA A 1 14  ? -13.646 14.682  3.625   1.00 15.64 ? 14  ALA A C   1 
ATOM   38   O  O   . ALA A 1 14  ? -13.748 14.321  4.812   1.00 15.65 ? 14  ALA A O   1 
ATOM   39   C  CB  . ALA A 1 14  ? -16.019 15.275  3.050   1.00 12.87 ? 14  ALA A CB  1 
ATOM   40   N  N   . LEU A 1 15  ? -12.557 15.288  3.159   1.00 15.09 ? 15  LEU A N   1 
ATOM   41   C  CA  . LEU A 1 15  ? -11.440 15.564  4.054   1.00 15.97 ? 15  LEU A CA  1 
ATOM   42   C  C   . LEU A 1 15  ? -11.462 17.019  4.522   1.00 16.44 ? 15  LEU A C   1 
ATOM   43   O  O   . LEU A 1 15  ? -11.492 17.950  3.698   1.00 16.12 ? 15  LEU A O   1 
ATOM   44   C  CB  . LEU A 1 15  ? -10.117 15.204  3.374   1.00 16.00 ? 15  LEU A CB  1 
ATOM   45   C  CG  . LEU A 1 15  ? -10.061 13.689  3.108   1.00 17.42 ? 15  LEU A CG  1 
ATOM   46   C  CD1 . LEU A 1 15  ? -9.062  13.320  2.055   1.00 21.43 ? 15  LEU A CD1 1 
ATOM   47   C  CD2 . LEU A 1 15  ? -9.759  12.896  4.398   1.00 17.10 ? 15  LEU A CD2 1 
ATOM   48   N  N   . LYS A 1 16  ? -11.407 17.199  5.842   1.00 17.00 ? 16  LYS A N   1 
ATOM   49   C  CA  . LYS A 1 16  ? -11.656 18.497  6.473   1.00 18.06 ? 16  LYS A CA  1 
ATOM   50   C  C   . LYS A 1 16  ? -10.539 19.514  6.334   1.00 18.14 ? 16  LYS A C   1 
ATOM   51   O  O   . LYS A 1 16  ? -10.800 20.719  6.332   1.00 19.14 ? 16  LYS A O   1 
ATOM   52   C  CB  . LYS A 1 16  ? -12.026 18.332  7.955   1.00 18.15 ? 16  LYS A CB  1 
ATOM   53   C  CG  . LYS A 1 16  ? -13.277 17.496  8.202   0.25 18.35 ? 16  LYS A CG  1 
ATOM   54   C  CD  . LYS A 1 16  ? -13.892 17.778  9.567   0.25 18.58 ? 16  LYS A CD  1 
ATOM   55   C  CE  . LYS A 1 16  ? -14.982 18.843  9.481   0.25 18.92 ? 16  LYS A CE  1 
ATOM   56   N  NZ  . LYS A 1 16  ? -16.273 18.298  8.980   0.50 18.76 ? 16  LYS A NZ  1 
ATOM   57   N  N   . ASP A 1 17  ? -9.304  19.039  6.257   1.00 17.97 ? 17  ASP A N   1 
ATOM   58   C  CA  . ASP A 1 17  ? -8.127  19.907  6.158   1.00 17.66 ? 17  ASP A CA  1 
ATOM   59   C  C   . ASP A 1 17  ? -6.945  19.123  5.605   1.00 16.99 ? 17  ASP A C   1 
ATOM   60   O  O   . ASP A 1 17  ? -7.054  17.905  5.323   1.00 16.21 ? 17  ASP A O   1 
ATOM   61   C  CB  . ASP A 1 17  ? -7.755  20.486  7.525   1.00 17.85 ? 17  ASP A CB  1 
ATOM   62   C  CG  . ASP A 1 17  ? -7.722  19.433  8.622   1.00 19.40 ? 17  ASP A CG  1 
ATOM   63   O  OD1 . ASP A 1 17  ? -7.156  18.322  8.439   1.00 18.47 ? 17  ASP A OD1 1 
ATOM   64   O  OD2 . ASP A 1 17  ? -8.263  19.643  9.723   1.00 20.28 ? 17  ASP A OD2 1 
ATOM   65   N  N   . LYS A 1 18  ? -5.813  19.798  5.459   1.00 15.97 ? 18  LYS A N   1 
ATOM   66   C  CA  . LYS A 1 18  ? -4.666  19.135  4.846   1.00 16.30 ? 18  LYS A CA  1 
ATOM   67   C  C   . LYS A 1 18  ? -4.077  18.018  5.717   1.00 16.21 ? 18  LYS A C   1 
ATOM   68   O  O   . LYS A 1 18  ? -3.756  16.946  5.182   1.00 16.41 ? 18  LYS A O   1 
ATOM   69   C  CB  . LYS A 1 18  ? -3.585  20.125  4.420   1.00 16.71 ? 18  LYS A CB  1 
ATOM   70   C  CG  . LYS A 1 18  ? -3.981  21.023  3.273   1.00 17.66 ? 18  LYS A CG  1 
ATOM   71   C  CD  . LYS A 1 18  ? -3.005  22.176  3.169   1.00 18.87 ? 18  LYS A CD  1 
ATOM   72   C  CE  . LYS A 1 18  ? -3.652  23.364  2.509   1.00 22.10 ? 18  LYS A CE  1 
ATOM   73   N  NZ  . LYS A 1 18  ? -3.514  23.305  1.035   1.00 23.92 ? 18  LYS A NZ  1 
ATOM   74   N  N   . PRO A 1 19  ? -3.939  18.226  7.033   1.00 16.11 ? 19  PRO A N   1 
ATOM   75   C  CA  . PRO A 1 19  ? -3.493  17.129  7.892   1.00 16.06 ? 19  PRO A CA  1 
ATOM   76   C  C   . PRO A 1 19  ? -4.337  15.879  7.666   1.00 15.91 ? 19  PRO A C   1 
ATOM   77   O  O   . PRO A 1 19  ? -3.753  14.793  7.524   1.00 16.30 ? 19  PRO A O   1 
ATOM   78   C  CB  . PRO A 1 19  ? -3.657  17.695  9.309   1.00 16.06 ? 19  PRO A CB  1 
ATOM   79   C  CG  . PRO A 1 19  ? -3.408  19.151  9.120   1.00 15.97 ? 19  PRO A CG  1 
ATOM   80   C  CD  . PRO A 1 19  ? -4.136  19.465  7.822   1.00 15.73 ? 19  PRO A CD  1 
ATOM   81   N  N   . ALA A 1 20  ? -5.660  16.026  7.588   1.00 15.78 ? 20  ALA A N   1 
ATOM   82   C  CA  . ALA A 1 20  ? -6.544  14.881  7.310   1.00 15.32 ? 20  ALA A CA  1 
ATOM   83   C  C   . ALA A 1 20  ? -6.261  14.232  5.943   1.00 15.07 ? 20  ALA A C   1 
ATOM   84   O  O   . ALA A 1 20  ? -6.273  12.991  5.812   1.00 13.75 ? 20  ALA A O   1 
ATOM   85   C  CB  . ALA A 1 20  ? -7.997  15.295  7.405   1.00 15.48 ? 20  ALA A CB  1 
ATOM   86   N  N   . LEU A 1 21  ? -6.009  15.062  4.937   1.00 14.35 ? 21  LEU A N   1 
ATOM   87   C  CA  . LEU A 1 21  ? -5.710  14.563  3.616   1.00 14.22 ? 21  LEU A CA  1 
ATOM   88   C  C   . LEU A 1 21  ? -4.363  13.866  3.654   1.00 14.67 ? 21  LEU A C   1 
ATOM   89   O  O   . LEU A 1 21  ? -4.182  12.811  3.031   1.00 15.07 ? 21  LEU A O   1 
ATOM   90   C  CB  . LEU A 1 21  ? -5.685  15.717  2.619   1.00 13.94 ? 21  LEU A CB  1 
ATOM   91   C  CG  . LEU A 1 21  ? -5.270  15.340  1.190   1.00 13.77 ? 21  LEU A CG  1 
ATOM   92   C  CD1 . LEU A 1 21  ? -6.131  14.238  0.592   1.00 11.62 ? 21  LEU A CD1 1 
ATOM   93   C  CD2 . LEU A 1 21  ? -5.275  16.588  0.311   1.00 13.62 ? 21  LEU A CD2 1 
ATOM   94   N  N   . TYR A 1 22  ? -3.405  14.463  4.356   1.00 14.63 ? 22  TYR A N   1 
ATOM   95   C  CA  . TYR A 1 22  ? -2.103  13.850  4.470   1.00 15.01 ? 22  TYR A CA  1 
ATOM   96   C  C   . TYR A 1 22  ? -2.197  12.461  5.093   1.00 15.72 ? 22  TYR A C   1 
ATOM   97   O  O   . TYR A 1 22  ? -1.491  11.527  4.632   1.00 15.58 ? 22  TYR A O   1 
ATOM   98   C  CB  . TYR A 1 22  ? -1.134  14.705  5.273   1.00 15.22 ? 22  TYR A CB  1 
ATOM   99   C  CG  . TYR A 1 22  ? 0.239   14.080  5.371   1.00 16.55 ? 22  TYR A CG  1 
ATOM   100  C  CD1 . TYR A 1 22  ? 0.537   13.156  6.378   1.00 18.82 ? 22  TYR A CD1 1 
ATOM   101  C  CD2 . TYR A 1 22  ? 1.233   14.398  4.454   1.00 18.74 ? 22  TYR A CD2 1 
ATOM   102  C  CE1 . TYR A 1 22  ? 1.782   12.565  6.464   1.00 19.92 ? 22  TYR A CE1 1 
ATOM   103  C  CE2 . TYR A 1 22  ? 2.491   13.827  4.531   1.00 18.81 ? 22  TYR A CE2 1 
ATOM   104  C  CZ  . TYR A 1 22  ? 2.763   12.910  5.541   1.00 19.63 ? 22  TYR A CZ  1 
ATOM   105  O  OH  . TYR A 1 22  ? 3.876   12.356  5.722   0.00 20.00 ? 22  TYR A OH  1 
ATOM   106  N  N   . SER A 1 23  ? -3.003  12.326  6.160   1.00 14.22 ? 23  SER A N   1 
ATOM   107  C  CA  . SER A 1 23  ? -3.142  11.042  6.851   1.00 14.20 ? 23  SER A CA  1 
ATOM   108  C  C   . SER A 1 23  ? -3.848  9.995   5.999   1.00 14.37 ? 23  SER A C   1 
ATOM   109  O  O   . SER A 1 23  ? -3.610  8.799   6.170   1.00 12.30 ? 23  SER A O   1 
ATOM   110  C  CB  . SER A 1 23  ? -3.912  11.186  8.157   1.00 14.42 ? 23  SER A CB  1 
ATOM   111  O  OG  . SER A 1 23  ? -3.121  11.853  9.120   1.00 17.95 ? 23  SER A OG  1 
ATOM   112  N  N   . ALA A 1 24  ? -4.737  10.451  5.116   1.00 13.61 ? 24  ALA A N   1 
ATOM   113  C  CA  . ALA A 1 24  ? -5.540  9.568   4.289   1.00 14.59 ? 24  ALA A CA  1 
ATOM   114  C  C   . ALA A 1 24  ? -4.807  9.067   3.054   1.00 13.97 ? 24  ALA A C   1 
ATOM   115  O  O   . ALA A 1 24  ? -5.017  7.934   2.641   1.00 12.96 ? 24  ALA A O   1 
ATOM   116  C  CB  . ALA A 1 24  ? -6.805  10.267  3.846   1.00 15.03 ? 24  ALA A CB  1 
ATOM   117  N  N   . TYR A 1 25  ? -3.996  9.931   2.458   1.00 14.15 ? 25  TYR A N   1 
ATOM   118  C  CA  . TYR A 1 25  ? -3.384  9.685   1.132   1.00 13.68 ? 25  TYR A CA  1 
ATOM   119  C  C   . TYR A 1 25  ? -2.249  8.671   1.206   1.00 13.77 ? 25  TYR A C   1 
ATOM   120  O  O   . TYR A 1 25  ? -1.477  8.686   2.167   1.00 15.45 ? 25  TYR A O   1 
ATOM   121  C  CB  . TYR A 1 25  ? -2.848  11.009  0.577   1.00 14.07 ? 25  TYR A CB  1 
ATOM   122  C  CG  . TYR A 1 25  ? -2.223  10.880  -0.798  1.00 12.37 ? 25  TYR A CG  1 
ATOM   123  C  CD1 . TYR A 1 25  ? -2.921  10.260  -1.854  1.00 12.18 ? 25  TYR A CD1 1 
ATOM   124  C  CD2 . TYR A 1 25  ? -0.971  11.430  -1.057  1.00 13.12 ? 25  TYR A CD2 1 
ATOM   125  C  CE1 . TYR A 1 25  ? -2.335  10.124  -3.142  1.00 12.53 ? 25  TYR A CE1 1 
ATOM   126  C  CE2 . TYR A 1 25  ? -0.390  11.325  -2.337  1.00 15.48 ? 25  TYR A CE2 1 
ATOM   127  C  CZ  . TYR A 1 25  ? -1.081  10.672  -3.362  1.00 14.62 ? 25  TYR A CZ  1 
ATOM   128  O  OH  . TYR A 1 25  ? -0.476  10.570  -4.609  1.00 14.72 ? 25  TYR A OH  1 
HETATM 129  N  N   . MSE A 1 26  ? -2.181  7.763   0.243   1.00 12.66 ? 26  MSE A N   1 
HETATM 130  C  CA  A MSE A 1 26  ? -1.178  6.690   0.224   0.50 13.58 ? 26  MSE A CA  1 
HETATM 131  C  CA  B MSE A 1 26  ? -1.148  6.715   0.236   0.50 13.59 ? 26  MSE A CA  1 
HETATM 132  C  C   . MSE A 1 26  ? -0.354  6.864   -1.057  1.00 13.30 ? 26  MSE A C   1 
HETATM 133  O  O   . MSE A 1 26  ? -0.682  6.251   -2.058  1.00 13.37 ? 26  MSE A O   1 
HETATM 134  C  CB  A MSE A 1 26  ? -1.884  5.307   0.253   0.50 13.21 ? 26  MSE A CB  1 
HETATM 135  C  CB  B MSE A 1 26  ? -1.780  5.312   0.364   0.50 14.06 ? 26  MSE A CB  1 
HETATM 136  C  CG  A MSE A 1 26  ? -3.222  5.279   1.087   0.50 13.58 ? 26  MSE A CG  1 
HETATM 137  C  CG  B MSE A 1 26  ? -2.794  5.171   1.541   0.50 16.43 ? 26  MSE A CG  1 
HETATM 138  SE SE  A MSE A 1 26  ? -4.229  3.585   1.135   0.30 15.45 ? 26  MSE A SE  1 
HETATM 139  SE SE  B MSE A 1 26  ? -1.909  5.149   3.296   0.30 22.85 ? 26  MSE A SE  1 
HETATM 140  C  CE  A MSE A 1 26  ? -4.662  3.346   -0.640  0.45 11.99 ? 26  MSE A CE  1 
HETATM 141  C  CE  B MSE A 1 26  ? -3.394  5.800   4.448   0.45 16.47 ? 26  MSE A CE  1 
ATOM   142  N  N   . PRO A 1 27  ? 0.688   7.719   -1.054  1.00 13.27 ? 27  PRO A N   1 
ATOM   143  C  CA  . PRO A 1 27  ? 1.399   8.020   -2.307  1.00 14.21 ? 27  PRO A CA  1 
ATOM   144  C  C   . PRO A 1 27  ? 2.173   6.811   -2.823  1.00 14.70 ? 27  PRO A C   1 
ATOM   145  O  O   . PRO A 1 27  ? 2.551   6.767   -4.006  1.00 14.26 ? 27  PRO A O   1 
ATOM   146  C  CB  . PRO A 1 27  ? 2.386   9.136   -1.920  1.00 14.34 ? 27  PRO A CB  1 
ATOM   147  C  CG  . PRO A 1 27  ? 2.522   9.067   -0.446  1.00 14.63 ? 27  PRO A CG  1 
ATOM   148  C  CD  . PRO A 1 27  ? 1.266   8.459   0.083   1.00 13.30 ? 27  PRO A CD  1 
ATOM   149  N  N   . PHE A 1 28  ? 2.424   5.856   -1.935  1.00 13.51 ? 28  PHE A N   1 
ATOM   150  C  CA  . PHE A 1 28  ? 3.232   4.680   -2.299  1.00 13.51 ? 28  PHE A CA  1 
ATOM   151  C  C   . PHE A 1 28  ? 2.445   3.690   -3.143  1.00 12.81 ? 28  PHE A C   1 
ATOM   152  O  O   . PHE A 1 28  ? 3.002   2.743   -3.684  1.00 13.40 ? 28  PHE A O   1 
ATOM   153  C  CB  . PHE A 1 28  ? 3.784   3.988   -1.046  1.00 12.88 ? 28  PHE A CB  1 
ATOM   154  C  CG  . PHE A 1 28  ? 2.726   3.631   -0.029  1.00 13.58 ? 28  PHE A CG  1 
ATOM   155  C  CD1 . PHE A 1 28  ? 2.504   4.453   1.073   1.00 14.51 ? 28  PHE A CD1 1 
ATOM   156  C  CD2 . PHE A 1 28  ? 1.922   2.498   -0.195  1.00 14.40 ? 28  PHE A CD2 1 
ATOM   157  C  CE1 . PHE A 1 28  ? 1.497   4.143   2.017   1.00 15.49 ? 28  PHE A CE1 1 
ATOM   158  C  CE2 . PHE A 1 28  ? 0.900   2.170   0.758   1.00 12.24 ? 28  PHE A CE2 1 
ATOM   159  C  CZ  . PHE A 1 28  ? 0.700   2.999   1.857   1.00 14.82 ? 28  PHE A CZ  1 
ATOM   160  N  N   . VAL A 1 29  ? 1.131   3.855   -3.239  1.00 12.12 ? 29  VAL A N   1 
ATOM   161  C  CA  . VAL A 1 29  ? 0.316   2.910   -4.039  1.00 12.05 ? 29  VAL A CA  1 
ATOM   162  C  C   . VAL A 1 29  ? 0.529   3.297   -5.485  1.00 13.00 ? 29  VAL A C   1 
ATOM   163  O  O   . VAL A 1 29  ? 0.547   4.484   -5.792  1.00 13.10 ? 29  VAL A O   1 
ATOM   164  C  CB  . VAL A 1 29  ? -1.203  3.029   -3.670  1.00 13.25 ? 29  VAL A CB  1 
ATOM   165  C  CG1 . VAL A 1 29  ? -2.148  2.325   -4.684  1.00 10.99 ? 29  VAL A CG1 1 
ATOM   166  C  CG2 . VAL A 1 29  ? -1.443  2.467   -2.231  1.00 11.47 ? 29  VAL A CG2 1 
ATOM   167  N  N   . LYS A 1 30  ? 0.682   2.325   -6.383  1.00 12.63 ? 30  LYS A N   1 
ATOM   168  C  CA  . LYS A 1 30  ? 0.851   2.670   -7.784  1.00 12.53 ? 30  LYS A CA  1 
ATOM   169  C  C   . LYS A 1 30  ? -0.367  3.433   -8.279  1.00 13.45 ? 30  LYS A C   1 
ATOM   170  O  O   . LYS A 1 30  ? -1.507  2.964   -8.124  1.00 13.33 ? 30  LYS A O   1 
ATOM   171  C  CB  . LYS A 1 30  ? 1.043   1.417   -8.640  1.00 12.69 ? 30  LYS A CB  1 
ATOM   172  C  CG  . LYS A 1 30  ? 1.429   1.759   -10.084 1.00 14.20 ? 30  LYS A CG  1 
ATOM   173  C  CD  . LYS A 1 30  ? 1.546   0.506   -10.925 0.20 11.87 ? 30  LYS A CD  1 
ATOM   174  C  CE  . LYS A 1 30  ? 1.581   0.830   -12.405 0.20 11.74 ? 30  LYS A CE  1 
ATOM   175  N  NZ  . LYS A 1 30  ? 1.193   -0.370  -13.185 0.20 11.19 ? 30  LYS A NZ  1 
ATOM   176  N  N   . GLY A 1 31  ? -0.141  4.624   -8.837  1.00 12.41 ? 31  GLY A N   1 
ATOM   177  C  CA  . GLY A 1 31  ? -1.265  5.425   -9.308  1.00 13.60 ? 31  GLY A CA  1 
ATOM   178  C  C   . GLY A 1 31  ? -1.820  6.326   -8.232  1.00 13.12 ? 31  GLY A C   1 
ATOM   179  O  O   . GLY A 1 31  ? -2.738  7.125   -8.510  1.00 12.80 ? 31  GLY A O   1 
ATOM   180  N  N   . GLY A 1 32  ? -1.267  6.237   -7.016  1.00 12.84 ? 32  GLY A N   1 
ATOM   181  C  CA  . GLY A 1 32  ? -1.898  6.912   -5.877  1.00 12.32 ? 32  GLY A CA  1 
ATOM   182  C  C   . GLY A 1 32  ? -3.056  6.116   -5.274  1.00 12.19 ? 32  GLY A C   1 
ATOM   183  O  O   . GLY A 1 32  ? -3.695  5.301   -5.956  1.00 11.93 ? 32  GLY A O   1 
ATOM   184  N  N   . GLY A 1 33  ? -3.322  6.358   -3.978  1.00 11.47 ? 33  GLY A N   1 
ATOM   185  C  CA  . GLY A 1 33  ? -4.419  5.670   -3.317  1.00 10.41 ? 33  GLY A CA  1 
ATOM   186  C  C   . GLY A 1 33  ? -4.839  6.466   -2.123  1.00 10.93 ? 33  GLY A C   1 
ATOM   187  O  O   . GLY A 1 33  ? -4.149  7.421   -1.747  1.00 10.68 ? 33  GLY A O   1 
ATOM   188  N  N   . ILE A 1 34  ? -5.925  6.035   -1.478  1.00 10.74 ? 34  ILE A N   1 
ATOM   189  C  CA  . ILE A 1 34  ? -6.386  6.748   -0.305  1.00 10.88 ? 34  ILE A CA  1 
ATOM   190  C  C   . ILE A 1 34  ? -7.106  5.788   0.619   1.00 10.82 ? 34  ILE A C   1 
ATOM   191  O  O   . ILE A 1 34  ? -7.776  4.845   0.157   1.00 11.19 ? 34  ILE A O   1 
ATOM   192  C  CB  . ILE A 1 34  ? -7.281  7.960   -0.743  1.00 11.00 ? 34  ILE A CB  1 
ATOM   193  C  CG1 . ILE A 1 34  ? -7.536  8.965   0.414   1.00 12.14 ? 34  ILE A CG1 1 
ATOM   194  C  CG2 . ILE A 1 34  ? -8.584  7.480   -1.364  1.00 11.95 ? 34  ILE A CG2 1 
ATOM   195  C  CD1 . ILE A 1 34  ? -8.083  10.263  -0.095  1.00 11.12 ? 34  ILE A CD1 1 
ATOM   196  N  N   . PHE A 1 35  ? -6.950  6.007   1.915   1.00 10.42 ? 35  PHE A N   1 
ATOM   197  C  CA  . PHE A 1 35  ? -7.767  5.219   2.861   1.00 10.87 ? 35  PHE A CA  1 
ATOM   198  C  C   . PHE A 1 35  ? -9.140  5.889   3.045   1.00 11.53 ? 35  PHE A C   1 
ATOM   199  O  O   . PHE A 1 35  ? -9.206  7.112   3.289   1.00 11.26 ? 35  PHE A O   1 
ATOM   200  C  CB  . PHE A 1 35  ? -7.081  5.095   4.207   1.00 10.49 ? 35  PHE A CB  1 
ATOM   201  C  CG  . PHE A 1 35  ? -7.945  4.362   5.238   1.00 11.98 ? 35  PHE A CG  1 
ATOM   202  C  CD1 . PHE A 1 35  ? -8.142  2.991   5.139   1.00 11.98 ? 35  PHE A CD1 1 
ATOM   203  C  CD2 . PHE A 1 35  ? -8.621  5.067   6.235   1.00 10.22 ? 35  PHE A CD2 1 
ATOM   204  C  CE1 . PHE A 1 35  ? -8.960  2.311   6.067   1.00 12.01 ? 35  PHE A CE1 1 
ATOM   205  C  CE2 . PHE A 1 35  ? -9.419  4.399   7.148   1.00 11.19 ? 35  PHE A CE2 1 
ATOM   206  C  CZ  . PHE A 1 35  ? -9.595  3.025   7.062   1.00 11.44 ? 35  PHE A CZ  1 
ATOM   207  N  N   . VAL A 1 36  ? -10.219 5.088   2.964   1.00 10.85 ? 36  VAL A N   1 
ATOM   208  C  CA  . VAL A 1 36  ? -11.593 5.615   3.074   1.00 10.74 ? 36  VAL A CA  1 
ATOM   209  C  C   . VAL A 1 36  ? -12.318 4.847   4.170   1.00 10.60 ? 36  VAL A C   1 
ATOM   210  O  O   . VAL A 1 36  ? -12.515 3.617   4.031   1.00 10.89 ? 36  VAL A O   1 
ATOM   211  C  CB  . VAL A 1 36  ? -12.365 5.420   1.741   1.00 10.65 ? 36  VAL A CB  1 
ATOM   212  C  CG1 . VAL A 1 36  ? -13.807 5.989   1.846   1.00 11.95 ? 36  VAL A CG1 1 
ATOM   213  C  CG2 . VAL A 1 36  ? -11.607 6.049   0.582   1.00 9.04  ? 36  VAL A CG2 1 
ATOM   214  N  N   . PRO A 1 37  ? -12.711 5.536   5.251   1.00 11.42 ? 37  PRO A N   1 
ATOM   215  C  CA  . PRO A 1 37  ? -13.512 4.896   6.308   1.00 11.03 ? 37  PRO A CA  1 
ATOM   216  C  C   . PRO A 1 37  ? -14.858 4.451   5.775   1.00 11.69 ? 37  PRO A C   1 
ATOM   217  O  O   . PRO A 1 37  ? -15.511 5.201   5.067   1.00 10.00 ? 37  PRO A O   1 
ATOM   218  C  CB  . PRO A 1 37  ? -13.718 6.014   7.324   1.00 11.55 ? 37  PRO A CB  1 
ATOM   219  C  CG  . PRO A 1 37  ? -12.644 6.950   7.105   1.00 12.31 ? 37  PRO A CG  1 
ATOM   220  C  CD  . PRO A 1 37  ? -12.398 6.936   5.595   1.00 10.33 ? 37  PRO A CD  1 
ATOM   221  N  N   . THR A 1 38  ? -15.274 3.235   6.121   1.00 11.88 ? 38  THR A N   1 
ATOM   222  C  CA  . THR A 1 38  ? -16.586 2.719   5.737   1.00 12.05 ? 38  THR A CA  1 
ATOM   223  C  C   . THR A 1 38  ? -16.748 1.396   6.436   1.00 12.94 ? 38  THR A C   1 
ATOM   224  O  O   . THR A 1 38  ? -15.780 0.658   6.576   1.00 13.45 ? 38  THR A O   1 
ATOM   225  C  CB  . THR A 1 38  ? -16.743 2.503   4.213   1.00 12.42 ? 38  THR A CB  1 
ATOM   226  O  OG1 . THR A 1 38  ? -17.968 1.805   3.969   1.00 12.25 ? 38  THR A OG1 1 
ATOM   227  C  CG2 . THR A 1 38  ? -15.654 1.562   3.624   1.00 9.88  ? 38  THR A CG2 1 
ATOM   228  N  N   . PRO A 1 39  ? -17.948 1.110   6.910   1.00 13.09 ? 39  PRO A N   1 
ATOM   229  C  CA  . PRO A 1 39  ? -18.220 -0.209  7.482   1.00 13.50 ? 39  PRO A CA  1 
ATOM   230  C  C   . PRO A 1 39  ? -18.785 -1.159  6.425   1.00 14.00 ? 39  PRO A C   1 
ATOM   231  O  O   . PRO A 1 39  ? -19.061 -2.328  6.749   1.00 14.40 ? 39  PRO A O   1 
ATOM   232  C  CB  . PRO A 1 39  ? -19.269 0.113   8.543   1.00 13.32 ? 39  PRO A CB  1 
ATOM   233  C  CG  . PRO A 1 39  ? -20.086 1.183   7.900   1.00 12.85 ? 39  PRO A CG  1 
ATOM   234  C  CD  . PRO A 1 39  ? -19.124 1.996   6.990   1.00 12.43 ? 39  PRO A CD  1 
ATOM   235  N  N   . LYS A 1 40  ? -18.982 -0.668  5.202   1.00 14.32 ? 40  LYS A N   1 
ATOM   236  C  CA  . LYS A 1 40  ? -19.574 -1.477  4.149   1.00 15.23 ? 40  LYS A CA  1 
ATOM   237  C  C   . LYS A 1 40  ? -18.618 -2.569  3.715   1.00 15.96 ? 40  LYS A C   1 
ATOM   238  O  O   . LYS A 1 40  ? -17.389 -2.399  3.768   1.00 16.52 ? 40  LYS A O   1 
ATOM   239  C  CB  . LYS A 1 40  ? -19.990 -0.627  2.958   1.00 15.45 ? 40  LYS A CB  1 
ATOM   240  C  CG  . LYS A 1 40  ? -21.270 0.146   3.158   1.00 15.83 ? 40  LYS A CG  1 
ATOM   241  C  CD  . LYS A 1 40  ? -21.520 1.015   1.947   1.00 17.29 ? 40  LYS A CD  1 
ATOM   242  C  CE  . LYS A 1 40  ? -22.854 1.742   2.049   1.00 16.82 ? 40  LYS A CE  1 
ATOM   243  N  NZ  . LYS A 1 40  ? -22.955 2.761   0.959   1.00 16.96 ? 40  LYS A NZ  1 
ATOM   244  N  N   . ARG A 1 41  ? -19.191 -3.704  3.313   1.00 16.60 ? 41  ARG A N   1 
ATOM   245  C  CA  . ARG A 1 41  ? -18.410 -4.861  2.884   1.00 17.22 ? 41  ARG A CA  1 
ATOM   246  C  C   . ARG A 1 41  ? -17.945 -4.680  1.435   1.00 17.78 ? 41  ARG A C   1 
ATOM   247  O  O   . ARG A 1 41  ? -18.604 -5.082  0.474   1.00 18.39 ? 41  ARG A O   1 
ATOM   248  C  CB  . ARG A 1 41  ? -19.188 -6.170  3.089   0.45 17.09 ? 41  ARG A CB  1 
ATOM   249  C  CG  . ARG A 1 41  ? -19.104 -6.707  4.515   0.45 16.78 ? 41  ARG A CG  1 
ATOM   250  C  CD  . ARG A 1 41  ? -19.900 -8.012  4.758   0.45 17.31 ? 41  ARG A CD  1 
ATOM   251  N  NE  . ARG A 1 41  ? -21.353 -7.763  4.939   0.45 17.05 ? 41  ARG A NE  1 
ATOM   252  C  CZ  . ARG A 1 41  ? -22.243 -7.743  3.933   0.45 17.35 ? 41  ARG A CZ  1 
ATOM   253  N  NH1 . ARG A 1 41  ? -21.843 -7.948  2.648   0.45 17.31 ? 41  ARG A NH1 1 
ATOM   254  N  NH2 . ARG A 1 41  ? -23.542 -7.510  4.212   0.45 16.96 ? 41  ARG A NH2 1 
ATOM   255  N  N   . TYR A 1 42  ? -16.823 -4.002  1.278   1.00 17.50 ? 42  TYR A N   1 
ATOM   256  C  CA  . TYR A 1 42  ? -16.142 -4.047  0.000   1.00 17.79 ? 42  TYR A CA  1 
ATOM   257  C  C   . TYR A 1 42  ? -15.192 -5.222  0.040   1.00 17.28 ? 42  TYR A C   1 
ATOM   258  O  O   . TYR A 1 42  ? -14.592 -5.489  1.075   1.00 17.63 ? 42  TYR A O   1 
ATOM   259  C  CB  . TYR A 1 42  ? -15.436 -2.724  -0.288  1.00 17.60 ? 42  TYR A CB  1 
ATOM   260  C  CG  . TYR A 1 42  ? -16.422 -1.614  -0.556  1.00 17.76 ? 42  TYR A CG  1 
ATOM   261  C  CD1 . TYR A 1 42  ? -16.949 -1.415  -1.831  1.00 19.33 ? 42  TYR A CD1 1 
ATOM   262  C  CD2 . TYR A 1 42  ? -16.848 -0.777  0.472   1.00 17.76 ? 42  TYR A CD2 1 
ATOM   263  C  CE1 . TYR A 1 42  ? -17.859 -0.391  -2.074  1.00 20.05 ? 42  TYR A CE1 1 
ATOM   264  C  CE2 . TYR A 1 42  ? -17.759 0.230   0.247   1.00 17.39 ? 42  TYR A CE2 1 
ATOM   265  C  CZ  . TYR A 1 42  ? -18.253 0.432   -1.022  1.00 19.73 ? 42  TYR A CZ  1 
ATOM   266  O  OH  . TYR A 1 42  ? -19.170 1.453   -1.226  1.00 20.98 ? 42  TYR A OH  1 
HETATM 267  N  N   . MSE A 1 43  ? -15.116 -5.960  -1.062  1.00 17.06 ? 43  MSE A N   1 
HETATM 268  C  CA  . MSE A 1 43  ? -14.158 -7.050  -1.203  1.00 17.51 ? 43  MSE A CA  1 
HETATM 269  C  C   . MSE A 1 43  ? -12.924 -6.582  -1.961  1.00 16.28 ? 43  MSE A C   1 
HETATM 270  O  O   . MSE A 1 43  ? -13.030 -5.794  -2.888  1.00 15.62 ? 43  MSE A O   1 
HETATM 271  C  CB  . MSE A 1 43  ? -14.773 -8.214  -1.986  0.70 17.39 ? 43  MSE A CB  1 
HETATM 272  C  CG  . MSE A 1 43  ? -15.229 -9.398  -1.159  0.70 18.50 ? 43  MSE A CG  1 
HETATM 273  SE SE  . MSE A 1 43  ? -15.626 -10.922 -2.333  0.70 20.71 ? 43  MSE A SE  1 
HETATM 274  C  CE  . MSE A 1 43  ? -13.898 -11.078 -3.337  0.70 19.40 ? 43  MSE A CE  1 
ATOM   275  N  N   . LEU A 1 44  ? -11.765 -7.099  -1.565  1.00 15.60 ? 44  LEU A N   1 
ATOM   276  C  CA  . LEU A 1 44  ? -10.527 -6.950  -2.316  1.00 15.91 ? 44  LEU A CA  1 
ATOM   277  C  C   . LEU A 1 44  ? -10.809 -7.109  -3.802  1.00 15.55 ? 44  LEU A C   1 
ATOM   278  O  O   . LEU A 1 44  ? -11.523 -8.028  -4.198  1.00 14.71 ? 44  LEU A O   1 
ATOM   279  C  CB  . LEU A 1 44  ? -9.512  -8.012  -1.858  1.00 15.73 ? 44  LEU A CB  1 
ATOM   280  C  CG  . LEU A 1 44  ? -8.483  -7.643  -0.792  1.00 15.98 ? 44  LEU A CG  1 
ATOM   281  C  CD1 . LEU A 1 44  ? -9.017  -6.629  0.220   1.00 16.10 ? 44  LEU A CD1 1 
ATOM   282  C  CD2 . LEU A 1 44  ? -7.949  -8.917  -0.091  1.00 15.92 ? 44  LEU A CD2 1 
ATOM   283  N  N   . GLY A 1 45  ? -10.295 -6.183  -4.612  1.00 15.87 ? 45  GLY A N   1 
ATOM   284  C  CA  . GLY A 1 45  ? -10.389 -6.316  -6.060  1.00 14.78 ? 45  GLY A CA  1 
ATOM   285  C  C   . GLY A 1 45  ? -11.601 -5.681  -6.685  1.00 14.67 ? 45  GLY A C   1 
ATOM   286  O  O   . GLY A 1 45  ? -11.595 -5.430  -7.877  1.00 14.21 ? 45  GLY A O   1 
ATOM   287  N  N   . ASP A 1 46  ? -12.639 -5.430  -5.889  1.00 14.95 ? 46  ASP A N   1 
ATOM   288  C  CA  . ASP A 1 46  ? -13.842 -4.752  -6.384  1.00 15.67 ? 46  ASP A CA  1 
ATOM   289  C  C   . ASP A 1 46  ? -13.588 -3.346  -6.910  1.00 15.38 ? 46  ASP A C   1 
ATOM   290  O  O   . ASP A 1 46  ? -12.727 -2.613  -6.415  1.00 15.14 ? 46  ASP A O   1 
ATOM   291  C  CB  . ASP A 1 46  ? -14.898 -4.647  -5.278  1.00 16.14 ? 46  ASP A CB  1 
ATOM   292  C  CG  . ASP A 1 46  ? -15.527 -5.969  -4.915  1.00 17.63 ? 46  ASP A CG  1 
ATOM   293  O  OD1 . ASP A 1 46  ? -15.285 -7.009  -5.578  1.00 17.25 ? 46  ASP A OD1 1 
ATOM   294  O  OD2 . ASP A 1 46  ? -16.295 -6.057  -3.935  1.00 22.10 ? 46  ASP A OD2 1 
ATOM   295  N  N   . GLU A 1 47  ? -14.372 -2.949  -7.904  1.00 15.54 ? 47  GLU A N   1 
ATOM   296  C  CA  . GLU A 1 47  ? -14.354 -1.569  -8.370  1.00 15.97 ? 47  GLU A CA  1 
ATOM   297  C  C   . GLU A 1 47  ? -15.207 -0.755  -7.392  1.00 16.27 ? 47  GLU A C   1 
ATOM   298  O  O   . GLU A 1 47  ? -16.195 -1.268  -6.882  1.00 15.40 ? 47  GLU A O   1 
ATOM   299  C  CB  . GLU A 1 47  ? -14.944 -1.512  -9.773  1.00 16.09 ? 47  GLU A CB  1 
ATOM   300  C  CG  . GLU A 1 47  ? -14.562 -0.251  -10.534 1.00 18.10 ? 47  GLU A CG  1 
ATOM   301  C  CD  . GLU A 1 47  ? -15.008 -0.279  -11.986 0.25 16.87 ? 47  GLU A CD  1 
ATOM   302  O  OE1 . GLU A 1 47  ? -14.887 -1.343  -12.625 0.25 16.55 ? 47  GLU A OE1 1 
ATOM   303  O  OE2 . GLU A 1 47  ? -15.468 0.766   -12.491 0.25 16.24 ? 47  GLU A OE2 1 
ATOM   304  N  N   . VAL A 1 48  ? -14.864 0.493   -7.129  1.00 14.85 ? 48  VAL A N   1 
ATOM   305  C  CA  . VAL A 1 48  ? -15.635 1.270   -6.144  1.00 15.64 ? 48  VAL A CA  1 
ATOM   306  C  C   . VAL A 1 48  ? -15.805 2.664   -6.707  1.00 14.79 ? 48  VAL A C   1 
ATOM   307  O  O   . VAL A 1 48  ? -14.847 3.226   -7.229  1.00 15.02 ? 48  VAL A O   1 
ATOM   308  C  CB  . VAL A 1 48  ? -14.917 1.341   -4.760  1.00 17.34 ? 48  VAL A CB  1 
ATOM   309  C  CG1 . VAL A 1 48  ? -13.518 1.929   -4.862  1.00 15.57 ? 48  VAL A CG1 1 
ATOM   310  C  CG2 . VAL A 1 48  ? -15.765 2.109   -3.683  1.00 14.11 ? 48  VAL A CG2 1 
ATOM   311  N  N   . PHE A 1 49  ? -17.017 3.191   -6.633  1.00 14.31 ? 49  PHE A N   1 
ATOM   312  C  CA  . PHE A 1 49  ? -17.322 4.532   -7.145  1.00 13.18 ? 49  PHE A CA  1 
ATOM   313  C  C   . PHE A 1 49  ? -17.127 5.489   -5.980  1.00 12.73 ? 49  PHE A C   1 
ATOM   314  O  O   . PHE A 1 49  ? -17.996 5.587   -5.091  1.00 12.74 ? 49  PHE A O   1 
ATOM   315  C  CB  . PHE A 1 49  ? -18.779 4.597   -7.616  1.00 13.68 ? 49  PHE A CB  1 
ATOM   316  C  CG  . PHE A 1 49  ? -19.165 5.928   -8.309  1.00 16.61 ? 49  PHE A CG  1 
ATOM   317  C  CD1 . PHE A 1 49  ? -18.303 7.058   -8.300  1.00 17.89 ? 49  PHE A CD1 1 
ATOM   318  C  CD2 . PHE A 1 49  ? -20.388 6.041   -8.967  1.00 16.20 ? 49  PHE A CD2 1 
ATOM   319  C  CE1 . PHE A 1 49  ? -18.679 8.240   -8.931  1.00 16.99 ? 49  PHE A CE1 1 
ATOM   320  C  CE2 . PHE A 1 49  ? -20.764 7.250   -9.627  1.00 16.31 ? 49  PHE A CE2 1 
ATOM   321  C  CZ  . PHE A 1 49  ? -19.913 8.331   -9.581  1.00 14.83 ? 49  PHE A CZ  1 
ATOM   322  N  N   . LEU A 1 50  ? -16.003 6.188   -5.981  1.00 11.30 ? 50  LEU A N   1 
ATOM   323  C  CA  . LEU A 1 50  ? -15.674 7.063   -4.852  1.00 12.12 ? 50  LEU A CA  1 
ATOM   324  C  C   . LEU A 1 50  ? -15.924 8.542   -5.212  1.00 11.90 ? 50  LEU A C   1 
ATOM   325  O  O   . LEU A 1 50  ? -15.530 8.987   -6.306  1.00 11.21 ? 50  LEU A O   1 
ATOM   326  C  CB  . LEU A 1 50  ? -14.201 6.843   -4.433  1.00 12.97 ? 50  LEU A CB  1 
ATOM   327  C  CG  . LEU A 1 50  ? -13.579 7.790   -3.370  1.00 13.09 ? 50  LEU A CG  1 
ATOM   328  C  CD1 . LEU A 1 50  ? -14.116 7.492   -1.991  1.00 12.05 ? 50  LEU A CD1 1 
ATOM   329  C  CD2 . LEU A 1 50  ? -12.021 7.684   -3.382  1.00 14.36 ? 50  LEU A CD2 1 
ATOM   330  N  N   . LEU A 1 51  ? -16.541 9.289   -4.285  1.00 11.25 ? 51  LEU A N   1 
ATOM   331  C  CA  . LEU A 1 51  ? -16.695 10.759  -4.416  1.00 12.75 ? 51  LEU A CA  1 
ATOM   332  C  C   . LEU A 1 51  ? -15.903 11.433  -3.310  1.00 13.17 ? 51  LEU A C   1 
ATOM   333  O  O   . LEU A 1 51  ? -16.247 11.341  -2.117  1.00 14.14 ? 51  LEU A O   1 
ATOM   334  C  CB  . LEU A 1 51  ? -18.151 11.160  -4.331  1.00 12.78 ? 51  LEU A CB  1 
ATOM   335  C  CG  . LEU A 1 51  ? -18.993 10.909  -5.578  1.00 14.03 ? 51  LEU A CG  1 
ATOM   336  C  CD1 . LEU A 1 51  ? -20.427 11.172  -5.187  1.00 16.75 ? 51  LEU A CD1 1 
ATOM   337  C  CD2 . LEU A 1 51  ? -18.602 11.870  -6.713  1.00 14.35 ? 51  LEU A CD2 1 
ATOM   338  N  N   . LEU A 1 52  ? -14.812 12.078  -3.712  1.00 12.98 ? 52  LEU A N   1 
ATOM   339  C  CA  A LEU A 1 52  ? -13.879 12.650  -2.765  0.50 11.90 ? 52  LEU A CA  1 
ATOM   340  C  CA  B LEU A 1 52  ? -13.851 12.667  -2.780  0.50 13.38 ? 52  LEU A CA  1 
ATOM   341  C  C   . LEU A 1 52  ? -14.021 14.178  -2.720  1.00 13.54 ? 52  LEU A C   1 
ATOM   342  O  O   . LEU A 1 52  ? -13.966 14.846  -3.774  1.00 14.17 ? 52  LEU A O   1 
ATOM   343  C  CB  A LEU A 1 52  ? -12.465 12.249  -3.179  0.50 11.81 ? 52  LEU A CB  1 
ATOM   344  C  CB  B LEU A 1 52  ? -12.417 12.391  -3.244  0.50 13.75 ? 52  LEU A CB  1 
ATOM   345  C  CG  A LEU A 1 52  ? -11.280 12.742  -2.370  0.50 7.78  ? 52  LEU A CG  1 
ATOM   346  C  CG  B LEU A 1 52  ? -11.622 11.190  -2.760  0.50 15.49 ? 52  LEU A CG  1 
ATOM   347  C  CD1 A LEU A 1 52  ? -11.434 12.297  -0.907  0.50 10.14 ? 52  LEU A CD1 1 
ATOM   348  C  CD1 B LEU A 1 52  ? -10.182 11.243  -3.323  0.50 15.82 ? 52  LEU A CD1 1 
ATOM   349  C  CD2 A LEU A 1 52  ? -9.995  12.217  -3.032  0.50 10.37 ? 52  LEU A CD2 1 
ATOM   350  C  CD2 B LEU A 1 52  ? -11.607 11.147  -1.239  0.50 16.59 ? 52  LEU A CD2 1 
ATOM   351  N  N   . THR A 1 53  ? -14.214 14.725  -1.512  1.00 11.67 ? 53  THR A N   1 
ATOM   352  C  CA  . THR A 1 53  ? -14.169 16.181  -1.333  1.00 11.18 ? 53  THR A CA  1 
ATOM   353  C  C   . THR A 1 53  ? -12.858 16.521  -0.624  1.00 11.12 ? 53  THR A C   1 
ATOM   354  O  O   . THR A 1 53  ? -12.598 16.028  0.455   1.00 10.74 ? 53  THR A O   1 
ATOM   355  C  CB  . THR A 1 53  ? -15.360 16.654  -0.493  1.00 10.36 ? 53  THR A CB  1 
ATOM   356  O  OG1 . THR A 1 53  ? -16.561 16.297  -1.173  1.00 10.07 ? 53  THR A OG1 1 
ATOM   357  C  CG2 . THR A 1 53  ? -15.411 18.186  -0.408  1.00 12.03 ? 53  THR A CG2 1 
ATOM   358  N  N   . LEU A 1 54  ? -12.055 17.400  -1.233  1.00 10.79 ? 54  LEU A N   1 
ATOM   359  C  CA  . LEU A 1 54  ? -10.783 17.781  -0.677  1.00 11.37 ? 54  LEU A CA  1 
ATOM   360  C  C   . LEU A 1 54  ? -11.003 19.082  0.071   1.00 13.20 ? 54  LEU A C   1 
ATOM   361  O  O   . LEU A 1 54  ? -11.989 19.793  -0.195  1.00 13.18 ? 54  LEU A O   1 
ATOM   362  C  CB  . LEU A 1 54  ? -9.727  17.933  -1.779  1.00 10.53 ? 54  LEU A CB  1 
ATOM   363  C  CG  . LEU A 1 54  ? -9.441  16.672  -2.604  1.00 12.96 ? 54  LEU A CG  1 
ATOM   364  C  CD1 . LEU A 1 54  ? -8.284  16.842  -3.636  1.00 11.35 ? 54  LEU A CD1 1 
ATOM   365  C  CD2 . LEU A 1 54  ? -9.117  15.497  -1.644  1.00 13.02 ? 54  LEU A CD2 1 
ATOM   366  N  N   . PRO A 1 55  ? -10.140 19.384  1.043   1.00 14.39 ? 55  PRO A N   1 
ATOM   367  C  CA  . PRO A 1 55  ? -10.382 20.546  1.909   1.00 15.67 ? 55  PRO A CA  1 
ATOM   368  C  C   . PRO A 1 55  ? -10.459 21.907  1.186   1.00 16.98 ? 55  PRO A C   1 
ATOM   369  O  O   . PRO A 1 55  ? -11.040 22.872  1.739   1.00 17.46 ? 55  PRO A O   1 
ATOM   370  C  CB  . PRO A 1 55  ? -9.210  20.501  2.913   1.00 16.22 ? 55  PRO A CB  1 
ATOM   371  C  CG  . PRO A 1 55  ? -8.185  19.587  2.304   1.00 15.08 ? 55  PRO A CG  1 
ATOM   372  C  CD  . PRO A 1 55  ? -8.944  18.617  1.447   1.00 13.81 ? 55  PRO A CD  1 
ATOM   373  N  N   . ASP A 1 56  ? -9.887  22.022  -0.012  1.00 17.61 ? 56  ASP A N   1 
ATOM   374  C  CA  . ASP A 1 56  ? -9.843  23.367  -0.614  1.00 19.11 ? 56  ASP A CA  1 
ATOM   375  C  C   . ASP A 1 56  ? -11.038 23.782  -1.486  1.00 19.57 ? 56  ASP A C   1 
ATOM   376  O  O   . ASP A 1 56  ? -11.110 24.933  -1.935  1.00 19.33 ? 56  ASP A O   1 
ATOM   377  C  CB  . ASP A 1 56  ? -8.505  23.638  -1.313  0.20 18.93 ? 56  ASP A CB  1 
ATOM   378  C  CG  . ASP A 1 56  ? -7.496  24.318  -0.394  0.20 19.14 ? 56  ASP A CG  1 
ATOM   379  O  OD1 . ASP A 1 56  ? -7.367  23.899  0.779   0.20 18.56 ? 56  ASP A OD1 1 
ATOM   380  O  OD2 . ASP A 1 56  ? -6.782  25.277  -0.760  0.20 19.60 ? 56  ASP A OD2 1 
ATOM   381  N  N   . SER A 1 57  ? -11.971 22.862  -1.710  1.00 19.51 ? 57  SER A N   1 
ATOM   382  C  CA  . SER A 1 57  ? -13.055 23.095  -2.661  1.00 20.29 ? 57  SER A CA  1 
ATOM   383  C  C   . SER A 1 57  ? -14.268 22.288  -2.308  1.00 20.59 ? 57  SER A C   1 
ATOM   384  O  O   . SER A 1 57  ? -14.156 21.153  -1.807  1.00 20.56 ? 57  SER A O   1 
ATOM   385  C  CB  . SER A 1 57  ? -12.630 22.712  -4.076  1.00 20.62 ? 57  SER A CB  1 
ATOM   386  O  OG  . SER A 1 57  ? -13.604 23.114  -5.015  1.00 21.63 ? 57  SER A OG  1 
ATOM   387  N  N   . SER A 1 58  ? -15.428 22.860  -2.605  1.00 20.67 ? 58  SER A N   1 
ATOM   388  C  CA  . SER A 1 58  ? -16.702 22.167  -2.422  1.00 21.48 ? 58  SER A CA  1 
ATOM   389  C  C   . SER A 1 58  ? -16.926 21.047  -3.440  1.00 21.16 ? 58  SER A C   1 
ATOM   390  O  O   . SER A 1 58  ? -17.804 20.224  -3.253  1.00 21.61 ? 58  SER A O   1 
ATOM   391  C  CB  . SER A 1 58  ? -17.855 23.167  -2.515  0.20 21.09 ? 58  SER A CB  1 
ATOM   392  O  OG  . SER A 1 58  ? -17.953 23.683  -3.830  0.20 21.23 ? 58  SER A OG  1 
ATOM   393  N  N   . GLU A 1 59  ? -16.146 21.061  -4.523  1.00 21.28 ? 59  GLU A N   1 
ATOM   394  C  CA  . GLU A 1 59  ? -16.328 20.199  -5.702  1.00 20.97 ? 59  GLU A CA  1 
ATOM   395  C  C   . GLU A 1 59  ? -15.995 18.742  -5.366  1.00 19.61 ? 59  GLU A C   1 
ATOM   396  O  O   . GLU A 1 59  ? -15.027 18.471  -4.674  1.00 18.80 ? 59  GLU A O   1 
ATOM   397  C  CB  . GLU A 1 59  ? -15.432 20.711  -6.844  1.00 21.29 ? 59  GLU A CB  1 
ATOM   398  C  CG  . GLU A 1 59  ? -15.884 20.343  -8.262  1.00 23.97 ? 59  GLU A CG  1 
ATOM   399  C  CD  . GLU A 1 59  ? -14.997 19.313  -8.955  0.40 24.98 ? 59  GLU A CD  1 
ATOM   400  O  OE1 . GLU A 1 59  ? -13.782 19.569  -9.124  0.40 26.28 ? 59  GLU A OE1 1 
ATOM   401  O  OE2 . GLU A 1 59  ? -15.521 18.257  -9.371  0.40 25.64 ? 59  GLU A OE2 1 
ATOM   402  N  N   . ARG A 1 60  ? -16.827 17.811  -5.805  1.00 18.50 ? 60  ARG A N   1 
ATOM   403  C  CA  . ARG A 1 60  ? -16.596 16.401  -5.506  1.00 18.24 ? 60  ARG A CA  1 
ATOM   404  C  C   . ARG A 1 60  ? -15.850 15.804  -6.680  1.00 17.63 ? 60  ARG A C   1 
ATOM   405  O  O   . ARG A 1 60  ? -16.224 16.012  -7.840  1.00 18.47 ? 60  ARG A O   1 
ATOM   406  C  CB  . ARG A 1 60  ? -17.904 15.657  -5.277  1.00 18.32 ? 60  ARG A CB  1 
ATOM   407  C  CG  . ARG A 1 60  ? -18.692 16.193  -4.092  1.00 19.25 ? 60  ARG A CG  1 
ATOM   408  C  CD  . ARG A 1 60  ? -20.037 15.546  -3.915  1.00 21.97 ? 60  ARG A CD  1 
ATOM   409  N  NE  . ARG A 1 60  ? -19.947 14.382  -3.031  1.00 24.22 ? 60  ARG A NE  1 
ATOM   410  C  CZ  . ARG A 1 60  ? -20.944 13.526  -2.795  1.00 25.47 ? 60  ARG A CZ  1 
ATOM   411  N  NH1 . ARG A 1 60  ? -22.132 13.687  -3.376  0.50 22.79 ? 60  ARG A NH1 1 
ATOM   412  N  NH2 . ARG A 1 60  ? -20.753 12.505  -1.963  1.00 25.03 ? 60  ARG A NH2 1 
ATOM   413  N  N   . LEU A 1 61  ? -14.783 15.091  -6.388  1.00 15.79 ? 61  LEU A N   1 
ATOM   414  C  CA  . LEU A 1 61  ? -14.024 14.438  -7.439  1.00 15.37 ? 61  LEU A CA  1 
ATOM   415  C  C   . LEU A 1 61  ? -14.459 12.983  -7.550  1.00 13.91 ? 61  LEU A C   1 
ATOM   416  O  O   . LEU A 1 61  ? -14.242 12.216  -6.598  1.00 12.81 ? 61  LEU A O   1 
ATOM   417  C  CB  . LEU A 1 61  ? -12.545 14.489  -7.091  1.00 14.50 ? 61  LEU A CB  1 
ATOM   418  C  CG  . LEU A 1 61  ? -11.995 15.869  -6.709  1.00 18.21 ? 61  LEU A CG  1 
ATOM   419  C  CD1 . LEU A 1 61  ? -10.507 15.692  -6.345  1.00 19.59 ? 61  LEU A CD1 1 
ATOM   420  C  CD2 . LEU A 1 61  ? -12.128 16.900  -7.821  1.00 20.12 ? 61  LEU A CD2 1 
ATOM   421  N  N   . PRO A 1 62  ? -15.054 12.595  -8.677  1.00 12.75 ? 62  PRO A N   1 
ATOM   422  C  CA  . PRO A 1 62  ? -15.462 11.190  -8.846  1.00 12.34 ? 62  PRO A CA  1 
ATOM   423  C  C   . PRO A 1 62  ? -14.282 10.380  -9.323  1.00 12.87 ? 62  PRO A C   1 
ATOM   424  O  O   . PRO A 1 62  ? -13.497 10.887  -10.156 1.00 13.42 ? 62  PRO A O   1 
ATOM   425  C  CB  . PRO A 1 62  ? -16.543 11.261  -9.915  1.00 11.50 ? 62  PRO A CB  1 
ATOM   426  C  CG  . PRO A 1 62  ? -16.145 12.553  -10.777 1.00 13.30 ? 62  PRO A CG  1 
ATOM   427  C  CD  . PRO A 1 62  ? -15.391 13.437  -9.849  1.00 13.19 ? 62  PRO A CD  1 
ATOM   428  N  N   . VAL A 1 63  ? -14.090 9.199   -8.758  1.00 11.71 ? 63  VAL A N   1 
ATOM   429  C  CA  . VAL A 1 63  ? -12.972 8.329   -9.145  1.00 12.61 ? 63  VAL A CA  1 
ATOM   430  C  C   . VAL A 1 63  ? -13.470 6.908   -9.213  1.00 11.42 ? 63  VAL A C   1 
ATOM   431  O  O   . VAL A 1 63  ? -14.097 6.481   -8.272  1.00 12.00 ? 63  VAL A O   1 
ATOM   432  C  CB  . VAL A 1 63  ? -11.817 8.277   -8.083  1.00 12.46 ? 63  VAL A CB  1 
ATOM   433  C  CG1 . VAL A 1 63  ? -10.530 7.867   -8.790  1.00 16.47 ? 63  VAL A CG1 1 
ATOM   434  C  CG2 . VAL A 1 63  ? -11.634 9.595   -7.344  1.00 16.67 ? 63  VAL A CG2 1 
ATOM   435  N  N   . ALA A 1 64  ? -13.205 6.162   -10.284 1.00 11.39 ? 64  ALA A N   1 
ATOM   436  C  CA  . ALA A 1 64  ? -13.545 4.732   -10.256 1.00 11.46 ? 64  ALA A CA  1 
ATOM   437  C  C   . ALA A 1 64  ? -12.303 4.015   -9.767  1.00 12.17 ? 64  ALA A C   1 
ATOM   438  O  O   . ALA A 1 64  ? -11.375 3.740   -10.540 1.00 10.57 ? 64  ALA A O   1 
ATOM   439  C  CB  . ALA A 1 64  ? -13.979 4.208   -11.634 1.00 13.05 ? 64  ALA A CB  1 
ATOM   440  N  N   . GLY A 1 65  ? -12.287 3.756   -8.468  1.00 11.72 ? 65  GLY A N   1 
ATOM   441  C  CA  . GLY A 1 65  ? -11.144 3.149   -7.801  1.00 12.07 ? 65  GLY A CA  1 
ATOM   442  C  C   . GLY A 1 65  ? -11.190 1.637   -7.750  1.00 12.45 ? 65  GLY A C   1 
ATOM   443  O  O   . GLY A 1 65  ? -12.130 0.997   -8.271  1.00 13.66 ? 65  GLY A O   1 
ATOM   444  N  N   . LYS A 1 66  ? -10.170 1.047   -7.126  1.00 11.46 ? 66  LYS A N   1 
ATOM   445  C  CA  . LYS A 1 66  ? -10.144 -0.389  -6.887  1.00 10.96 ? 66  LYS A CA  1 
ATOM   446  C  C   . LYS A 1 66  ? -9.835  -0.656  -5.390  1.00 11.00 ? 66  LYS A C   1 
ATOM   447  O  O   . LYS A 1 66  ? -8.906  -0.047  -4.815  1.00 10.65 ? 66  LYS A O   1 
ATOM   448  C  CB  . LYS A 1 66  ? -9.084  -1.032  -7.791  1.00 10.89 ? 66  LYS A CB  1 
ATOM   449  C  CG  . LYS A 1 66  ? -9.026  -2.536  -7.693  1.00 12.80 ? 66  LYS A CG  1 
ATOM   450  C  CD  . LYS A 1 66  ? -7.930  -3.086  -8.603  1.00 15.79 ? 66  LYS A CD  1 
ATOM   451  C  CE  . LYS A 1 66  ? -7.294  -4.318  -8.017  1.00 17.19 ? 66  LYS A CE  1 
ATOM   452  N  NZ  . LYS A 1 66  ? -6.143  -4.743  -8.876  1.00 18.15 ? 66  LYS A NZ  1 
ATOM   453  N  N   . VAL A 1 67  ? -10.587 -1.566  -4.771  1.00 11.17 ? 67  VAL A N   1 
ATOM   454  C  CA  . VAL A 1 67  ? -10.309 -1.916  -3.380  1.00 10.72 ? 67  VAL A CA  1 
ATOM   455  C  C   . VAL A 1 67  ? -8.998  -2.715  -3.356  1.00 11.23 ? 67  VAL A C   1 
ATOM   456  O  O   . VAL A 1 67  ? -8.907  -3.784  -3.959  1.00 11.66 ? 67  VAL A O   1 
ATOM   457  C  CB  . VAL A 1 67  ? -11.439 -2.748  -2.750  1.00 11.49 ? 67  VAL A CB  1 
ATOM   458  C  CG1 . VAL A 1 67  ? -11.148 -3.054  -1.306  1.00 9.45  ? 67  VAL A CG1 1 
ATOM   459  C  CG2 . VAL A 1 67  ? -12.750 -2.016  -2.878  1.00 11.37 ? 67  VAL A CG2 1 
ATOM   460  N  N   . ILE A 1 68  ? -7.994  -2.188  -2.671  1.00 11.18 ? 68  ILE A N   1 
ATOM   461  C  CA  . ILE A 1 68  ? -6.723  -2.881  -2.532  1.00 12.61 ? 68  ILE A CA  1 
ATOM   462  C  C   . ILE A 1 68  ? -6.449  -3.420  -1.126  1.00 14.71 ? 68  ILE A C   1 
ATOM   463  O  O   . ILE A 1 68  ? -5.508  -4.180  -0.955  1.00 13.61 ? 68  ILE A O   1 
ATOM   464  C  CB  . ILE A 1 68  ? -5.525  -2.033  -3.020  1.00 13.03 ? 68  ILE A CB  1 
ATOM   465  C  CG1 . ILE A 1 68  ? -5.659  -0.576  -2.555  1.00 12.24 ? 68  ILE A CG1 1 
ATOM   466  C  CG2 . ILE A 1 68  ? -5.419  -2.098  -4.530  1.00 12.02 ? 68  ILE A CG2 1 
ATOM   467  C  CD1 . ILE A 1 68  ? -4.388  0.180   -2.530  1.00 9.12  ? 68  ILE A CD1 1 
ATOM   468  N  N   . TRP A 1 69  ? -7.221  -2.997  -0.126  1.00 16.90 ? 69  TRP A N   1 
ATOM   469  C  CA  . TRP A 1 69  ? -7.116  -3.632  1.167   1.00 20.13 ? 69  TRP A CA  1 
ATOM   470  C  C   . TRP A 1 69  ? -8.257  -3.219  2.067   1.00 20.43 ? 69  TRP A C   1 
ATOM   471  O  O   . TRP A 1 69  ? -9.010  -2.307  1.737   1.00 20.47 ? 69  TRP A O   1 
ATOM   472  C  CB  . TRP A 1 69  ? -5.762  -3.366  1.820   1.00 21.43 ? 69  TRP A CB  1 
ATOM   473  C  CG  . TRP A 1 69  ? -5.392  -1.910  1.962   1.00 21.83 ? 69  TRP A CG  1 
ATOM   474  C  CD1 . TRP A 1 69  ? -4.655  -1.145  1.089   1.00 23.50 ? 69  TRP A CD1 1 
ATOM   475  C  CD2 . TRP A 1 69  ? -5.680  -1.082  3.069   1.00 23.20 ? 69  TRP A CD2 1 
ATOM   476  N  NE1 . TRP A 1 69  ? -4.487  0.124   1.592   1.00 24.09 ? 69  TRP A NE1 1 
ATOM   477  C  CE2 . TRP A 1 69  ? -5.113  0.186   2.812   1.00 23.16 ? 69  TRP A CE2 1 
ATOM   478  C  CE3 . TRP A 1 69  ? -6.371  -1.275  4.262   1.00 21.63 ? 69  TRP A CE3 1 
ATOM   479  C  CZ2 . TRP A 1 69  ? -5.229  1.245   3.696   1.00 23.23 ? 69  TRP A CZ2 1 
ATOM   480  C  CZ3 . TRP A 1 69  ? -6.474  -0.220  5.142   1.00 23.96 ? 69  TRP A CZ3 1 
ATOM   481  C  CH2 . TRP A 1 69  ? -5.905  1.021   4.856   1.00 23.21 ? 69  TRP A CH2 1 
ATOM   482  N  N   . THR A 1 70  ? -8.400  -3.942  3.174   1.00 21.51 ? 70  THR A N   1 
ATOM   483  C  CA  . THR A 1 70  ? -9.409  -3.579  4.189   1.00 22.42 ? 70  THR A CA  1 
ATOM   484  C  C   . THR A 1 70  ? -8.820  -3.577  5.597   1.00 21.96 ? 70  THR A C   1 
ATOM   485  O  O   . THR A 1 70  ? -7.970  -4.408  5.907   1.00 22.96 ? 70  THR A O   1 
ATOM   486  C  CB  . THR A 1 70  ? -10.596 -4.572  4.149   1.00 23.31 ? 70  THR A CB  1 
ATOM   487  O  OG1 . THR A 1 70  ? -10.165 -5.848  4.661   1.00 23.19 ? 70  THR A OG1 1 
ATOM   488  C  CG2 . THR A 1 70  ? -11.056 -4.841  2.701   1.00 22.90 ? 70  THR A CG2 1 
ATOM   489  N  N   . THR A 1 71  ? -9.283  -2.659  6.448   1.00 22.05 ? 71  THR A N   1 
ATOM   490  C  CA  . THR A 1 71  ? -8.938  -2.652  7.873   1.00 21.60 ? 71  THR A CA  1 
ATOM   491  C  C   . THR A 1 71  ? -10.167 -2.497  8.762   1.00 21.06 ? 71  THR A C   1 
ATOM   492  O  O   . THR A 1 71  ? -11.060 -1.699  8.452   1.00 19.82 ? 71  THR A O   1 
ATOM   493  C  CB  . THR A 1 71  ? -7.933  -1.535  8.254   1.00 22.02 ? 71  THR A CB  1 
ATOM   494  O  OG1 . THR A 1 71  ? -8.420  -0.264  7.793   1.00 23.05 ? 71  THR A OG1 1 
ATOM   495  C  CG2 . THR A 1 71  ? -6.595  -1.719  7.542   1.00 22.96 ? 71  THR A CG2 1 
ATOM   496  N  N   . PRO A 1 72  ? -10.187 -3.252  9.868   1.00 20.61 ? 72  PRO A N   1 
ATOM   497  C  CA  . PRO A 1 72  ? -11.142 -3.040  10.964  1.00 20.87 ? 72  PRO A CA  1 
ATOM   498  C  C   . PRO A 1 72  ? -10.752 -1.836  11.831  1.00 21.09 ? 72  PRO A C   1 
ATOM   499  O  O   . PRO A 1 72  ? -9.633  -1.328  11.700  1.00 21.37 ? 72  PRO A O   1 
ATOM   500  C  CB  . PRO A 1 72  ? -11.019 -4.333  11.787  1.00 21.06 ? 72  PRO A CB  1 
ATOM   501  C  CG  . PRO A 1 72  ? -9.623  -4.778  11.571  1.00 21.30 ? 72  PRO A CG  1 
ATOM   502  C  CD  . PRO A 1 72  ? -9.281  -4.383  10.143  1.00 21.07 ? 72  PRO A CD  1 
ATOM   503  N  N   . ALA A 1 73  ? -11.652 -1.408  12.712  1.00 21.35 ? 73  ALA A N   1 
ATOM   504  C  CA  . ALA A 1 73  ? -11.445 -0.215  13.528  1.00 21.42 ? 73  ALA A CA  1 
ATOM   505  C  C   . ALA A 1 73  ? -10.368 -0.378  14.609  1.00 21.48 ? 73  ALA A C   1 
ATOM   506  O  O   . ALA A 1 73  ? -10.267 -1.419  15.257  1.00 21.32 ? 73  ALA A O   1 
ATOM   507  C  CB  . ALA A 1 73  ? -12.753 0.205   14.152  1.00 21.89 ? 73  ALA A CB  1 
ATOM   508  N  N   . ALA A 1 80  ? -10.893 3.875   12.019  1.00 17.28 ? 80  ALA A N   1 
ATOM   509  C  CA  . ALA A 1 80  ? -12.207 3.241   11.834  1.00 16.45 ? 80  ALA A CA  1 
ATOM   510  C  C   . ALA A 1 80  ? -12.099 2.134   10.803  1.00 15.47 ? 80  ALA A C   1 
ATOM   511  O  O   . ALA A 1 80  ? -11.113 2.069   10.084  1.00 15.81 ? 80  ALA A O   1 
ATOM   512  C  CB  . ALA A 1 80  ? -13.265 4.276   11.396  1.00 16.35 ? 80  ALA A CB  1 
ATOM   513  N  N   . ALA A 1 81  ? -13.115 1.281   10.722  1.00 14.13 ? 81  ALA A N   1 
ATOM   514  C  CA  . ALA A 1 81  ? -13.177 0.276   9.668   1.00 13.31 ? 81  ALA A CA  1 
ATOM   515  C  C   . ALA A 1 81  ? -13.130 1.003   8.333   1.00 12.60 ? 81  ALA A C   1 
ATOM   516  O  O   . ALA A 1 81  ? -13.666 2.103   8.199   1.00 12.20 ? 81  ALA A O   1 
ATOM   517  C  CB  . ALA A 1 81  ? -14.467 -0.527  9.779   1.00 13.88 ? 81  ALA A CB  1 
ATOM   518  N  N   . GLY A 1 82  ? -12.468 0.419   7.346   1.00 12.10 ? 82  GLY A N   1 
ATOM   519  C  CA  . GLY A 1 82  ? -12.428 1.070   6.044   1.00 12.31 ? 82  GLY A CA  1 
ATOM   520  C  C   . GLY A 1 82  ? -11.692 0.242   5.007   1.00 12.36 ? 82  GLY A C   1 
ATOM   521  O  O   . GLY A 1 82  ? -11.367 -0.952  5.242   1.00 11.89 ? 82  GLY A O   1 
ATOM   522  N  N   . ILE A 1 83  ? -11.383 0.887   3.880   1.00 12.16 ? 83  ILE A N   1 
ATOM   523  C  CA  . ILE A 1 83  ? -10.758 0.223   2.751   1.00 12.21 ? 83  ILE A CA  1 
ATOM   524  C  C   . ILE A 1 83  ? -9.685  1.113   2.166   1.00 12.11 ? 83  ILE A C   1 
ATOM   525  O  O   . ILE A 1 83  ? -9.759  2.332   2.244   1.00 11.74 ? 83  ILE A O   1 
ATOM   526  C  CB  . ILE A 1 83  ? -11.782 -0.160  1.650   1.00 12.68 ? 83  ILE A CB  1 
ATOM   527  C  CG1 . ILE A 1 83  ? -12.500 1.087   1.084   1.00 14.78 ? 83  ILE A CG1 1 
ATOM   528  C  CG2 . ILE A 1 83  ? -12.851 -1.180  2.179   1.00 11.89 ? 83  ILE A CG2 1 
ATOM   529  C  CD1 . ILE A 1 83  ? -13.406 0.781   -0.132  1.00 13.78 ? 83  ILE A CD1 1 
ATOM   530  N  N   . GLY A 1 84  ? -8.660  0.485   1.608   1.00 12.39 ? 84  GLY A N   1 
ATOM   531  C  CA  . GLY A 1 84  ? -7.686  1.219   0.810   1.00 11.91 ? 84  GLY A CA  1 
ATOM   532  C  C   . GLY A 1 84  ? -8.210  1.216   -0.627  1.00 12.53 ? 84  GLY A C   1 
ATOM   533  O  O   . GLY A 1 84  ? -8.629  0.165   -1.138  1.00 13.05 ? 84  GLY A O   1 
ATOM   534  N  N   . VAL A 1 85  ? -8.211  2.381   -1.272  1.00 12.36 ? 85  VAL A N   1 
ATOM   535  C  CA  . VAL A 1 85  ? -8.724  2.515   -2.641  1.00 11.40 ? 85  VAL A CA  1 
ATOM   536  C  C   . VAL A 1 85  ? -7.563  2.976   -3.522  1.00 12.03 ? 85  VAL A C   1 
ATOM   537  O  O   . VAL A 1 85  ? -6.953  3.990   -3.236  1.00 11.75 ? 85  VAL A O   1 
ATOM   538  C  CB  . VAL A 1 85  ? -9.852  3.568   -2.722  1.00 11.90 ? 85  VAL A CB  1 
ATOM   539  C  CG1 . VAL A 1 85  ? -10.326 3.749   -4.205  1.00 10.99 ? 85  VAL A CG1 1 
ATOM   540  C  CG2 . VAL A 1 85  ? -11.019 3.100   -1.846  1.00 11.51 ? 85  VAL A CG2 1 
ATOM   541  N  N   . GLN A 1 86  ? -7.296  2.231   -4.583  1.00 11.44 ? 86  GLN A N   1 
ATOM   542  C  CA  . GLN A 1 86  ? -6.264  2.568   -5.557  1.00 11.84 ? 86  GLN A CA  1 
ATOM   543  C  C   . GLN A 1 86  ? -6.879  3.381   -6.700  1.00 12.39 ? 86  GLN A C   1 
ATOM   544  O  O   . GLN A 1 86  ? -7.947  2.988   -7.282  1.00 11.25 ? 86  GLN A O   1 
ATOM   545  C  CB  . GLN A 1 86  ? -5.695  1.292   -6.126  1.00 12.43 ? 86  GLN A CB  1 
ATOM   546  C  CG  . GLN A 1 86  ? -4.542  1.557   -7.169  1.00 12.07 ? 86  GLN A CG  1 
ATOM   547  C  CD  . GLN A 1 86  ? -3.909  0.276   -7.577  1.00 14.54 ? 86  GLN A CD  1 
ATOM   548  O  OE1 . GLN A 1 86  ? -4.595  -0.724  -7.683  1.00 14.30 ? 86  GLN A OE1 1 
ATOM   549  N  NE2 . GLN A 1 86  ? -2.603  0.280   -7.778  1.00 11.15 ? 86  GLN A NE2 1 
ATOM   550  N  N   . PHE A 1 87  ? -6.234  4.498   -7.043  1.00 12.20 ? 87  PHE A N   1 
ATOM   551  C  CA  . PHE A 1 87  ? -6.729  5.268   -8.203  1.00 12.22 ? 87  PHE A CA  1 
ATOM   552  C  C   . PHE A 1 87  ? -6.374  4.576   -9.509  1.00 12.21 ? 87  PHE A C   1 
ATOM   553  O  O   . PHE A 1 87  ? -5.335  3.928   -9.556  1.00 14.14 ? 87  PHE A O   1 
ATOM   554  C  CB  . PHE A 1 87  ? -6.164  6.681   -8.221  1.00 11.54 ? 87  PHE A CB  1 
ATOM   555  C  CG  . PHE A 1 87  ? -6.409  7.433   -6.963  1.00 13.50 ? 87  PHE A CG  1 
ATOM   556  C  CD1 . PHE A 1 87  ? -7.581  7.239   -6.245  1.00 15.74 ? 87  PHE A CD1 1 
ATOM   557  C  CD2 . PHE A 1 87  ? -5.478  8.395   -6.517  1.00 11.34 ? 87  PHE A CD2 1 
ATOM   558  C  CE1 . PHE A 1 87  ? -7.805  7.945   -5.051  1.00 14.70 ? 87  PHE A CE1 1 
ATOM   559  C  CE2 . PHE A 1 87  ? -5.694  9.086   -5.337  1.00 14.24 ? 87  PHE A CE2 1 
ATOM   560  C  CZ  . PHE A 1 87  ? -6.852  8.849   -4.594  1.00 12.35 ? 87  PHE A CZ  1 
ATOM   561  N  N   . PRO A 1 88  ? -7.203  4.715   -10.562 1.00 12.81 ? 88  PRO A N   1 
ATOM   562  C  CA  . PRO A 1 88  ? -6.903  4.102   -11.862 1.00 12.45 ? 88  PRO A CA  1 
ATOM   563  C  C   . PRO A 1 88  ? -5.607  4.683   -12.457 1.00 13.36 ? 88  PRO A C   1 
ATOM   564  O  O   . PRO A 1 88  ? -5.282  5.861   -12.221 1.00 12.65 ? 88  PRO A O   1 
ATOM   565  C  CB  . PRO A 1 88  ? -8.132  4.433   -12.734 1.00 13.38 ? 88  PRO A CB  1 
ATOM   566  C  CG  . PRO A 1 88  ? -8.895  5.462   -12.025 1.00 12.96 ? 88  PRO A CG  1 
ATOM   567  C  CD  . PRO A 1 88  ? -8.499  5.419   -10.570 1.00 11.13 ? 88  PRO A CD  1 
ATOM   568  N  N   A ASP A 1 89  ? -4.876  3.864   -13.191 0.50 13.49 ? 89  ASP A N   1 
ATOM   569  N  N   B ASP A 1 89  ? -4.892  3.851   -13.206 0.50 13.59 ? 89  ASP A N   1 
ATOM   570  C  CA  A ASP A 1 89  ? -3.557  4.260   -13.674 0.50 14.89 ? 89  ASP A CA  1 
ATOM   571  C  CA  B ASP A 1 89  ? -3.547  4.157   -13.727 0.50 15.03 ? 89  ASP A CA  1 
ATOM   572  C  C   A ASP A 1 89  ? -3.554  5.427   -14.666 0.50 15.71 ? 89  ASP A C   1 
ATOM   573  C  C   B ASP A 1 89  ? -3.452  5.120   -14.933 0.50 15.70 ? 89  ASP A C   1 
ATOM   574  O  O   A ASP A 1 89  ? -2.611  6.231   -14.676 0.50 16.48 ? 89  ASP A O   1 
ATOM   575  O  O   B ASP A 1 89  ? -2.340  5.494   -15.346 0.50 16.10 ? 89  ASP A O   1 
ATOM   576  C  CB  A ASP A 1 89  ? -2.820  3.064   -14.287 0.50 14.59 ? 89  ASP A CB  1 
ATOM   577  C  CB  B ASP A 1 89  ? -2.791  2.848   -14.052 0.50 15.01 ? 89  ASP A CB  1 
ATOM   578  C  CG  A ASP A 1 89  ? -1.445  2.876   -13.689 0.50 14.60 ? 89  ASP A CG  1 
ATOM   579  C  CG  B ASP A 1 89  ? -3.588  1.908   -14.946 0.50 15.08 ? 89  ASP A CG  1 
ATOM   580  O  OD1 A ASP A 1 89  ? -0.591  2.244   -14.348 0.50 11.60 ? 89  ASP A OD1 1 
ATOM   581  O  OD1 B ASP A 1 89  ? -4.594  2.357   -15.543 0.50 15.36 ? 89  ASP A OD1 1 
ATOM   582  O  OD2 A ASP A 1 89  ? -1.144  3.323   -12.551 0.50 12.77 ? 89  ASP A OD2 1 
ATOM   583  O  OD2 B ASP A 1 89  ? -3.284  0.698   -15.114 0.50 15.07 ? 89  ASP A OD2 1 
ATOM   584  N  N   . GLY A 1 90  ? -4.591  5.517   -15.494 1.00 16.02 ? 90  GLY A N   1 
ATOM   585  C  CA  . GLY A 1 90  ? -4.611  6.511   -16.574 1.00 16.75 ? 90  GLY A CA  1 
ATOM   586  C  C   . GLY A 1 90  ? -4.909  7.959   -16.177 1.00 16.68 ? 90  GLY A C   1 
ATOM   587  O  O   . GLY A 1 90  ? -4.862  8.302   -14.987 1.00 15.75 ? 90  GLY A O   1 
ATOM   588  N  N   . PRO A 1 91  ? -5.241  8.803   -17.167 1.00 16.53 ? 91  PRO A N   1 
ATOM   589  C  CA  . PRO A 1 91  ? -5.523  10.236  -16.936 1.00 16.96 ? 91  PRO A CA  1 
ATOM   590  C  C   . PRO A 1 91  ? -6.657  10.548  -15.951 1.00 17.48 ? 91  PRO A C   1 
ATOM   591  O  O   . PRO A 1 91  ? -6.629  11.570  -15.254 1.00 18.00 ? 91  PRO A O   1 
ATOM   592  C  CB  . PRO A 1 91  ? -5.877  10.762  -18.340 1.00 15.94 ? 91  PRO A CB  1 
ATOM   593  C  CG  . PRO A 1 91  ? -6.143  9.571   -19.118 1.00 15.53 ? 91  PRO A CG  1 
ATOM   594  C  CD  . PRO A 1 91  ? -5.334  8.458   -18.601 1.00 15.89 ? 91  PRO A CD  1 
ATOM   595  N  N   . GLU A 1 92  ? -7.649  9.680   -15.896 1.00 18.73 ? 92  GLU A N   1 
ATOM   596  C  CA  . GLU A 1 92  ? -8.733  9.795   -14.901 1.00 19.26 ? 92  GLU A CA  1 
ATOM   597  C  C   . GLU A 1 92  ? -8.210  9.782   -13.448 1.00 18.36 ? 92  GLU A C   1 
ATOM   598  O  O   . GLU A 1 92  ? -8.615  10.608  -12.578 1.00 17.81 ? 92  GLU A O   1 
ATOM   599  C  CB  . GLU A 1 92  ? -9.676  8.615   -15.104 1.00 20.75 ? 92  GLU A CB  1 
ATOM   600  C  CG  . GLU A 1 92  ? -8.934  7.275   -15.129 1.00 21.25 ? 92  GLU A CG  1 
ATOM   601  C  CD  . GLU A 1 92  ? -9.823  6.146   -15.609 0.80 23.50 ? 92  GLU A CD  1 
ATOM   602  O  OE1 . GLU A 1 92  ? -10.681 5.666   -14.824 0.70 23.40 ? 92  GLU A OE1 1 
ATOM   603  O  OE2 . GLU A 1 92  ? -9.659  5.752   -16.788 0.70 24.05 ? 92  GLU A OE2 1 
ATOM   604  N  N   . GLY A 1 93  ? -7.276  8.876   -13.203 1.00 16.62 ? 93  GLY A N   1 
ATOM   605  C  CA  . GLY A 1 93  ? -6.700  8.774   -11.885 1.00 15.74 ? 93  GLY A CA  1 
ATOM   606  C  C   . GLY A 1 93  ? -5.730  9.915   -11.604 1.00 14.95 ? 93  GLY A C   1 
ATOM   607  O  O   . GLY A 1 93  ? -5.678  10.416  -10.506 1.00 13.29 ? 93  GLY A O   1 
ATOM   608  N  N   . GLU A 1 94  ? -4.967  10.311  -12.603 1.00 15.38 ? 94  GLU A N   1 
ATOM   609  C  CA  . GLU A 1 94  ? -3.865  11.258  -12.396 1.00 15.99 ? 94  GLU A CA  1 
ATOM   610  C  C   . GLU A 1 94  ? -4.372  12.614  -11.937 1.00 15.63 ? 94  GLU A C   1 
ATOM   611  O  O   . GLU A 1 94  ? -3.735  13.266  -11.117 1.00 15.49 ? 94  GLU A O   1 
ATOM   612  C  CB  . GLU A 1 94  ? -3.034  11.418  -13.664 1.00 16.80 ? 94  GLU A CB  1 
ATOM   613  C  CG  . GLU A 1 94  ? -2.324  10.130  -14.056 1.00 18.90 ? 94  GLU A CG  1 
ATOM   614  C  CD  . GLU A 1 94  ? -1.700  10.181  -15.434 0.20 16.97 ? 94  GLU A CD  1 
ATOM   615  O  OE1 . GLU A 1 94  ? -1.679  11.259  -16.065 0.20 15.99 ? 94  GLU A OE1 1 
ATOM   616  O  OE2 . GLU A 1 94  ? -1.236  9.122   -15.883 0.50 17.77 ? 94  GLU A OE2 1 
ATOM   617  N  N   . ALA A 1 95  ? -5.521  13.021  -12.459 1.00 15.13 ? 95  ALA A N   1 
ATOM   618  C  CA  . ALA A 1 95  ? -6.197  14.240  -12.010 1.00 16.34 ? 95  ALA A CA  1 
ATOM   619  C  C   . ALA A 1 95  ? -6.481  14.301  -10.486 1.00 16.77 ? 95  ALA A C   1 
ATOM   620  O  O   . ALA A 1 95  ? -6.252  15.323  -9.831  1.00 16.17 ? 95  ALA A O   1 
ATOM   621  C  CB  . ALA A 1 95  ? -7.487  14.387  -12.754 1.00 16.05 ? 95  ALA A CB  1 
ATOM   622  N  N   . VAL A 1 96  ? -7.039  13.220  -9.933  1.00 15.89 ? 96  VAL A N   1 
ATOM   623  C  CA  . VAL A 1 96  ? -7.239  13.198  -8.502  1.00 15.56 ? 96  VAL A CA  1 
ATOM   624  C  C   . VAL A 1 96  ? -5.896  13.147  -7.815  1.00 15.47 ? 96  VAL A C   1 
ATOM   625  O  O   . VAL A 1 96  ? -5.669  13.844  -6.828  1.00 13.95 ? 96  VAL A O   1 
ATOM   626  C  CB  . VAL A 1 96  ? -8.163  12.042  -8.064  1.00 15.63 ? 96  VAL A CB  1 
ATOM   627  C  CG1 . VAL A 1 96  ? -8.353  12.047  -6.572  1.00 16.00 ? 96  VAL A CG1 1 
ATOM   628  C  CG2 . VAL A 1 96  ? -9.544  12.277  -8.649  1.00 15.83 ? 96  VAL A CG2 1 
ATOM   629  N  N   . ARG A 1 97  ? -4.968  12.350  -8.340  1.00 15.14 ? 97  ARG A N   1 
ATOM   630  C  CA  A ARG A 1 97  ? -3.645  12.270  -7.716  0.50 16.42 ? 97  ARG A CA  1 
ATOM   631  C  CA  B ARG A 1 97  ? -3.671  12.289  -7.687  0.50 16.26 ? 97  ARG A CA  1 
ATOM   632  C  C   . ARG A 1 97  ? -2.965  13.669  -7.723  1.00 16.44 ? 97  ARG A C   1 
ATOM   633  O  O   . ARG A 1 97  ? -2.422  14.148  -6.688  1.00 16.22 ? 97  ARG A O   1 
ATOM   634  C  CB  A ARG A 1 97  ? -2.775  11.195  -8.397  0.50 16.00 ? 97  ARG A CB  1 
ATOM   635  C  CB  B ARG A 1 97  ? -2.787  11.190  -8.278  0.50 15.86 ? 97  ARG A CB  1 
ATOM   636  C  CG  A ARG A 1 97  ? -1.320  11.168  -7.884  0.50 17.63 ? 97  ARG A CG  1 
ATOM   637  C  CG  B ARG A 1 97  ? -1.519  11.070  -7.460  0.50 16.14 ? 97  ARG A CG  1 
ATOM   638  C  CD  A ARG A 1 97  ? -0.365  10.514  -8.876  0.50 17.15 ? 97  ARG A CD  1 
ATOM   639  C  CD  B ARG A 1 97  ? -0.385  10.374  -8.155  0.50 15.80 ? 97  ARG A CD  1 
ATOM   640  N  NE  A ARG A 1 97  ? 1.053   10.694  -8.579  0.50 18.44 ? 97  ARG A NE  1 
ATOM   641  N  NE  B ARG A 1 97  ? 0.494   9.770   -7.162  0.50 15.78 ? 97  ARG A NE  1 
ATOM   642  C  CZ  A ARG A 1 97  ? 1.788   11.720  -8.986  0.50 16.77 ? 97  ARG A CZ  1 
ATOM   643  C  CZ  B ARG A 1 97  ? 1.231   8.693   -7.381  0.50 13.90 ? 97  ARG A CZ  1 
ATOM   644  N  NH1 A ARG A 1 97  ? 1.235   12.707  -9.680  0.50 16.59 ? 97  ARG A NH1 1 
ATOM   645  N  NH1 B ARG A 1 97  ? 1.218   8.099   -8.569  0.50 10.97 ? 97  ARG A NH1 1 
ATOM   646  N  NH2 A ARG A 1 97  ? 3.081   11.761  -8.688  0.50 16.51 ? 97  ARG A NH2 1 
ATOM   647  N  NH2 B ARG A 1 97  ? 1.979   8.215   -6.405  0.50 13.21 ? 97  ARG A NH2 1 
ATOM   648  N  N   . ASN A 1 98  ? -2.996  14.321  -8.878  1.00 15.48 ? 98  ASN A N   1 
ATOM   649  C  CA  . ASN A 1 98  ? -2.405  15.646  -9.006  1.00 15.76 ? 98  ASN A CA  1 
ATOM   650  C  C   . ASN A 1 98  ? -3.043  16.680  -8.090  1.00 15.51 ? 98  ASN A C   1 
ATOM   651  O  O   . ASN A 1 98  ? -2.345  17.521  -7.553  1.00 14.09 ? 98  ASN A O   1 
ATOM   652  C  CB  . ASN A 1 98  ? -2.457  16.134  -10.445 1.00 15.01 ? 98  ASN A CB  1 
ATOM   653  C  CG  . ASN A 1 98  ? -1.641  15.240  -11.378 1.00 17.46 ? 98  ASN A CG  1 
ATOM   654  O  OD1 . ASN A 1 98  ? -0.789  14.433  -10.915 1.00 17.04 ? 98  ASN A OD1 1 
ATOM   655  N  ND2 . ASN A 1 98  ? -1.898  15.356  -12.685 1.00 15.55 ? 98  ASN A ND2 1 
ATOM   656  N  N   . LYS A 1 99  ? -4.364  16.631  -7.939  1.00 14.92 ? 99  LYS A N   1 
ATOM   657  C  CA  . LYS A 1 99  ? -5.024  17.605  -7.074  1.00 14.58 ? 99  LYS A CA  1 
ATOM   658  C  C   . LYS A 1 99  ? -4.596  17.381  -5.645  1.00 13.73 ? 99  LYS A C   1 
ATOM   659  O  O   . LYS A 1 99  ? -4.314  18.330  -4.949  1.00 14.06 ? 99  LYS A O   1 
ATOM   660  C  CB  . LYS A 1 99  ? -6.536  17.529  -7.202  1.00 14.18 ? 99  LYS A CB  1 
ATOM   661  C  CG  . LYS A 1 99  ? -7.010  18.257  -8.428  1.00 17.01 ? 99  LYS A CG  1 
ATOM   662  C  CD  . LYS A 1 99  ? -8.454  17.940  -8.766  1.00 18.12 ? 99  LYS A CD  1 
ATOM   663  C  CE  . LYS A 1 99  ? -8.852  18.480  -10.149 1.00 19.39 ? 99  LYS A CE  1 
ATOM   664  N  NZ  . LYS A 1 99  ? -9.414  19.846  -10.052 0.40 16.42 ? 99  LYS A NZ  1 
ATOM   665  N  N   . ILE A 1 100 ? -4.532  16.121  -5.212  1.00 13.66 ? 100 ILE A N   1 
ATOM   666  C  CA  . ILE A 1 100 ? -4.056  15.814  -3.860  1.00 13.69 ? 100 ILE A CA  1 
ATOM   667  C  C   . ILE A 1 100 ? -2.618  16.285  -3.641  1.00 14.58 ? 100 ILE A C   1 
ATOM   668  O  O   . ILE A 1 100 ? -2.301  16.902  -2.627  1.00 15.21 ? 100 ILE A O   1 
ATOM   669  C  CB  . ILE A 1 100 ? -4.173  14.306  -3.628  1.00 13.43 ? 100 ILE A CB  1 
ATOM   670  C  CG1 . ILE A 1 100 ? -5.649  13.958  -3.503  1.00 9.15  ? 100 ILE A CG1 1 
ATOM   671  C  CG2 . ILE A 1 100 ? -3.415  13.893  -2.344  1.00 15.74 ? 100 ILE A CG2 1 
ATOM   672  C  CD1 . ILE A 1 100 ? -5.930  12.429  -3.597  1.00 10.27 ? 100 ILE A CD1 1 
ATOM   673  N  N   . GLU A 1 101 ? -1.750  16.011  -4.620  1.00 14.11 ? 101 GLU A N   1 
ATOM   674  C  CA  . GLU A 1 101 ? -0.338  16.352  -4.470  1.00 14.46 ? 101 GLU A CA  1 
ATOM   675  C  C   . GLU A 1 101 ? -0.144  17.867  -4.420  1.00 14.22 ? 101 GLU A C   1 
ATOM   676  O  O   . GLU A 1 101 ? 0.708   18.360  -3.672  1.00 13.02 ? 101 GLU A O   1 
ATOM   677  C  CB  . GLU A 1 101 ? 0.489   15.677  -5.585  1.00 15.15 ? 101 GLU A CB  1 
ATOM   678  C  CG  . GLU A 1 101 ? 0.436   14.178  -5.365  1.00 15.85 ? 101 GLU A CG  1 
ATOM   679  C  CD  . GLU A 1 101 ? 1.758   13.507  -5.372  1.00 18.99 ? 101 GLU A CD  1 
ATOM   680  O  OE1 . GLU A 1 101 ? 2.791   14.152  -5.716  1.00 19.80 ? 101 GLU A OE1 1 
ATOM   681  O  OE2 . GLU A 1 101 ? 1.763   12.312  -4.998  1.00 21.19 ? 101 GLU A OE2 1 
ATOM   682  N  N   . THR A 1 102 ? -0.966  18.601  -5.170  1.00 13.18 ? 102 THR A N   1 
ATOM   683  C  CA  . THR A 1 102 ? -0.883  20.056  -5.170  1.00 13.92 ? 102 THR A CA  1 
ATOM   684  C  C   . THR A 1 102 ? -1.259  20.578  -3.787  1.00 14.04 ? 102 THR A C   1 
ATOM   685  O  O   . THR A 1 102 ? -0.602  21.492  -3.232  1.00 13.22 ? 102 THR A O   1 
ATOM   686  C  CB  . THR A 1 102 ? -1.791  20.632  -6.303  1.00 13.17 ? 102 THR A CB  1 
ATOM   687  O  OG1 . THR A 1 102 ? -1.127  20.435  -7.568  1.00 13.40 ? 102 THR A OG1 1 
ATOM   688  C  CG2 . THR A 1 102 ? -1.946  22.191  -6.224  1.00 14.27 ? 102 THR A CG2 1 
ATOM   689  N  N   . LEU A 1 103 ? -2.297  19.984  -3.205  1.00 13.41 ? 103 LEU A N   1 
ATOM   690  C  CA  . LEU A 1 103 ? -2.748  20.461  -1.904  1.00 13.13 ? 103 LEU A CA  1 
ATOM   691  C  C   . LEU A 1 103 ? -1.743  20.148  -0.815  1.00 12.75 ? 103 LEU A C   1 
ATOM   692  O  O   . LEU A 1 103 ? -1.495  20.960  0.053   1.00 12.10 ? 103 LEU A O   1 
ATOM   693  C  CB  . LEU A 1 103 ? -4.108  19.840  -1.576  1.00 13.54 ? 103 LEU A CB  1 
ATOM   694  C  CG  . LEU A 1 103 ? -5.314  20.361  -2.308  1.00 15.76 ? 103 LEU A CG  1 
ATOM   695  C  CD1 . LEU A 1 103 ? -6.517  19.546  -1.835  1.00 16.37 ? 103 LEU A CD1 1 
ATOM   696  C  CD2 . LEU A 1 103 ? -5.579  21.842  -1.991  1.00 19.08 ? 103 LEU A CD2 1 
ATOM   697  N  N   . LEU A 1 104 ? -1.151  18.963  -0.865  1.00 13.84 ? 104 LEU A N   1 
ATOM   698  C  CA  . LEU A 1 104 ? -0.136  18.577  0.124   1.00 13.53 ? 104 LEU A CA  1 
ATOM   699  C  C   . LEU A 1 104 ? 1.208   19.285  -0.062  1.00 14.22 ? 104 LEU A C   1 
ATOM   700  O  O   . LEU A 1 104 ? 1.997   19.382  0.889   1.00 13.37 ? 104 LEU A O   1 
ATOM   701  C  CB  . LEU A 1 104 ? 0.045   17.057  0.176   1.00 14.03 ? 104 LEU A CB  1 
ATOM   702  C  CG  . LEU A 1 104 ? -1.198  16.233  0.568   1.00 13.82 ? 104 LEU A CG  1 
ATOM   703  C  CD1 . LEU A 1 104 ? -0.930  14.745  0.375   1.00 16.00 ? 104 LEU A CD1 1 
ATOM   704  C  CD2 . LEU A 1 104 ? -1.698  16.479  1.993   1.00 15.64 ? 104 LEU A CD2 1 
ATOM   705  N  N   . ALA A 1 105 ? 1.482   19.802  -1.256  1.00 14.53 ? 105 ALA A N   1 
ATOM   706  C  CA  . ALA A 1 105 ? 2.711   20.627  -1.401  1.00 15.60 ? 105 ALA A CA  1 
ATOM   707  C  C   . ALA A 1 105 ? 2.577   21.862  -0.538  1.00 15.80 ? 105 ALA A C   1 
ATOM   708  O  O   . ALA A 1 105 ? 3.575   22.393  -0.063  1.00 17.92 ? 105 ALA A O   1 
ATOM   709  C  CB  . ALA A 1 105 ? 2.943   21.029  -2.830  1.00 15.45 ? 105 ALA A CB  1 
ATOM   710  N  N   . GLN B 1 8   ? 17.093  0.254   12.238  1.00 19.79 ? 8   GLN B N   1 
ATOM   711  C  CA  . GLN B 1 8   ? 17.222  -0.357  13.593  1.00 19.63 ? 8   GLN B CA  1 
ATOM   712  C  C   . GLN B 1 8   ? 17.504  -1.861  13.464  1.00 19.88 ? 8   GLN B C   1 
ATOM   713  O  O   . GLN B 1 8   ? 16.720  -2.718  13.904  1.00 20.94 ? 8   GLN B O   1 
ATOM   714  C  CB  . GLN B 1 8   ? 15.981  -0.067  14.435  1.00 19.24 ? 8   GLN B CB  1 
ATOM   715  C  CG  . GLN B 1 8   ? 15.921  1.376   14.917  0.10 19.39 ? 8   GLN B CG  1 
ATOM   716  C  CD  . GLN B 1 8   ? 14.793  1.624   15.891  0.10 19.21 ? 8   GLN B CD  1 
ATOM   717  O  OE1 . GLN B 1 8   ? 13.866  0.822   15.989  0.10 19.08 ? 8   GLN B OE1 1 
ATOM   718  N  NE2 . GLN B 1 8   ? 14.865  2.735   16.616  0.10 19.16 ? 8   GLN B NE2 1 
ATOM   719  N  N   . GLY B 1 9   ? 18.643  -2.155  12.838  1.00 18.61 ? 9   GLY B N   1 
ATOM   720  C  CA  . GLY B 1 9   ? 19.151  -3.503  12.697  1.00 17.35 ? 9   GLY B CA  1 
ATOM   721  C  C   . GLY B 1 9   ? 18.596  -4.132  11.438  1.00 16.84 ? 9   GLY B C   1 
ATOM   722  O  O   . GLY B 1 9   ? 17.639  -3.633  10.851  1.00 17.70 ? 9   GLY B O   1 
ATOM   723  N  N   . ILE B 1 10  ? 19.212  -5.227  11.021  1.00 15.67 ? 10  ILE B N   1 
ATOM   724  C  CA  . ILE B 1 10  ? 18.674  -6.050  9.957   1.00 14.74 ? 10  ILE B CA  1 
ATOM   725  C  C   . ILE B 1 10  ? 17.285  -6.553  10.358  1.00 14.24 ? 10  ILE B C   1 
ATOM   726  O  O   . ILE B 1 10  ? 17.048  -6.868  11.516  1.00 14.53 ? 10  ILE B O   1 
ATOM   727  C  CB  . ILE B 1 10  ? 19.627  -7.225  9.711   1.00 15.22 ? 10  ILE B CB  1 
ATOM   728  C  CG1 . ILE B 1 10  ? 21.078  -6.727  9.508   1.00 14.18 ? 10  ILE B CG1 1 
ATOM   729  C  CG2 . ILE B 1 10  ? 19.105  -8.098  8.553   1.00 14.98 ? 10  ILE B CG2 1 
ATOM   730  C  CD1 . ILE B 1 10  ? 21.338  -5.991  8.207   1.00 13.00 ? 10  ILE B CD1 1 
ATOM   731  N  N   . LEU B 1 11  ? 16.352  -6.588  9.408   1.00 13.62 ? 11  LEU B N   1 
ATOM   732  C  CA  . LEU B 1 11  ? 15.022  -7.113  9.675   1.00 14.07 ? 11  LEU B CA  1 
ATOM   733  C  C   . LEU B 1 11  ? 14.813  -8.400  8.876   1.00 14.49 ? 11  LEU B C   1 
ATOM   734  O  O   . LEU B 1 11  ? 15.047  -8.425  7.676   1.00 14.91 ? 11  LEU B O   1 
ATOM   735  C  CB  . LEU B 1 11  ? 13.964  -6.066  9.303   1.00 13.33 ? 11  LEU B CB  1 
ATOM   736  C  CG  . LEU B 1 11  ? 12.476  -6.437  9.424   1.00 13.98 ? 11  LEU B CG  1 
ATOM   737  C  CD1 . LEU B 1 11  ? 12.121  -6.857  10.848  1.00 17.87 ? 11  LEU B CD1 1 
ATOM   738  C  CD2 . LEU B 1 11  ? 11.611  -5.235  8.982   1.00 14.71 ? 11  LEU B CD2 1 
ATOM   739  N  N   . SER B 1 12  ? 14.355  -9.460  9.512   1.00 14.97 ? 12  SER B N   1 
ATOM   740  C  CA  . SER B 1 12  ? 14.167  -10.708 8.782   1.00 15.55 ? 12  SER B CA  1 
ATOM   741  C  C   . SER B 1 12  ? 12.708  -11.142 8.756   1.00 15.11 ? 12  SER B C   1 
ATOM   742  O  O   . SER B 1 12  ? 11.955  -10.939 9.728   1.00 15.74 ? 12  SER B O   1 
ATOM   743  C  CB  . SER B 1 12  ? 15.028  -11.820 9.376   1.00 15.20 ? 12  SER B CB  1 
ATOM   744  O  OG  . SER B 1 12  ? 16.412  -11.483 9.324   1.00 19.18 ? 12  SER B OG  1 
ATOM   745  N  N   . LEU B 1 13  ? 12.312  -11.763 7.654   1.00 15.06 ? 13  LEU B N   1 
ATOM   746  C  CA  . LEU B 1 13  ? 11.004  -12.413 7.528   1.00 15.02 ? 13  LEU B CA  1 
ATOM   747  C  C   . LEU B 1 13  ? 11.176  -13.702 6.759   1.00 15.08 ? 13  LEU B C   1 
ATOM   748  O  O   . LEU B 1 13  ? 11.727  -13.690 5.671   1.00 15.11 ? 13  LEU B O   1 
ATOM   749  C  CB  . LEU B 1 13  ? 10.068  -11.549 6.705   1.00 14.79 ? 13  LEU B CB  1 
ATOM   750  C  CG  . LEU B 1 13  ? 8.637   -12.024 6.411   1.00 14.97 ? 13  LEU B CG  1 
ATOM   751  C  CD1 . LEU B 1 13  ? 7.875   -12.483 7.722   1.00 15.65 ? 13  LEU B CD1 1 
ATOM   752  C  CD2 . LEU B 1 13  ? 7.856   -10.848 5.727   1.00 14.47 ? 13  LEU B CD2 1 
ATOM   753  N  N   . ALA B 1 14  ? 10.685  -14.798 7.310   1.00 15.30 ? 14  ALA B N   1 
ATOM   754  C  CA  . ALA B 1 14  ? 10.675  -16.051 6.555   1.00 15.30 ? 14  ALA B CA  1 
ATOM   755  C  C   . ALA B 1 14  ? 9.211   -16.443 6.356   1.00 15.80 ? 14  ALA B C   1 
ATOM   756  O  O   . ALA B 1 14  ? 8.432   -16.490 7.327   1.00 16.42 ? 14  ALA B O   1 
ATOM   757  C  CB  . ALA B 1 14  ? 11.461  -17.128 7.340   1.00 13.73 ? 14  ALA B CB  1 
ATOM   758  N  N   . LEU B 1 15  ? 8.808   -16.691 5.113   1.00 15.29 ? 15  LEU B N   1 
ATOM   759  C  CA  . LEU B 1 15  ? 7.432   -17.104 4.837   1.00 16.12 ? 15  LEU B CA  1 
ATOM   760  C  C   . LEU B 1 15  ? 7.374   -18.609 4.630   1.00 16.74 ? 15  LEU B C   1 
ATOM   761  O  O   . LEU B 1 15  ? 8.128   -19.197 3.817   1.00 16.47 ? 15  LEU B O   1 
ATOM   762  C  CB  . LEU B 1 15  ? 6.864   -16.358 3.628   1.00 16.61 ? 15  LEU B CB  1 
ATOM   763  C  CG  . LEU B 1 15  ? 6.771   -14.840 3.878   1.00 19.28 ? 15  LEU B CG  1 
ATOM   764  C  CD1 . LEU B 1 15  ? 6.676   -14.109 2.609   1.00 22.03 ? 15  LEU B CD1 1 
ATOM   765  C  CD2 . LEU B 1 15  ? 5.579   -14.425 4.803   1.00 17.58 ? 15  LEU B CD2 1 
ATOM   766  N  N   . LYS B 1 16  ? 6.459   -19.227 5.371   1.00 17.45 ? 16  LYS B N   1 
ATOM   767  C  CA  . LYS B 1 16  ? 6.404   -20.674 5.504   1.00 18.31 ? 16  LYS B CA  1 
ATOM   768  C  C   . LYS B 1 16  ? 5.836   -21.400 4.294   1.00 18.35 ? 16  LYS B C   1 
ATOM   769  O  O   . LYS B 1 16  ? 6.165   -22.557 4.065   1.00 19.31 ? 16  LYS B O   1 
ATOM   770  C  CB  . LYS B 1 16  ? 5.603   -21.040 6.755   1.00 19.01 ? 16  LYS B CB  1 
ATOM   771  C  CG  . LYS B 1 16  ? 6.339   -20.719 8.067   1.00 19.85 ? 16  LYS B CG  1 
ATOM   772  C  CD  . LYS B 1 16  ? 7.261   -21.869 8.517   0.25 20.35 ? 16  LYS B CD  1 
ATOM   773  C  CE  . LYS B 1 16  ? 8.219   -21.452 9.648   0.25 20.43 ? 16  LYS B CE  1 
ATOM   774  N  NZ  . LYS B 1 16  ? 9.234   -20.413 9.218   1.00 22.38 ? 16  LYS B NZ  1 
ATOM   775  N  N   . ASP B 1 17  ? 4.957   -20.737 3.551   1.00 18.20 ? 17  ASP B N   1 
ATOM   776  C  CA  . ASP B 1 17  ? 4.308   -21.330 2.381   1.00 17.88 ? 17  ASP B CA  1 
ATOM   777  C  C   . ASP B 1 17  ? 3.731   -20.245 1.486   1.00 17.11 ? 17  ASP B C   1 
ATOM   778  O  O   . ASP B 1 17  ? 3.822   -19.040 1.805   1.00 16.66 ? 17  ASP B O   1 
ATOM   779  C  CB  . ASP B 1 17  ? 3.215   -22.341 2.786   1.00 18.25 ? 17  ASP B CB  1 
ATOM   780  C  CG  . ASP B 1 17  ? 2.201   -21.769 3.769   1.00 20.15 ? 17  ASP B CG  1 
ATOM   781  O  OD1 . ASP B 1 17  ? 1.906   -20.538 3.765   1.00 19.48 ? 17  ASP B OD1 1 
ATOM   782  O  OD2 . ASP B 1 17  ? 1.635   -22.510 4.594   1.00 21.14 ? 17  ASP B OD2 1 
ATOM   783  N  N   . LYS B 1 18  ? 3.141   -20.654 0.368   1.00 16.19 ? 18  LYS B N   1 
ATOM   784  C  CA  . LYS B 1 18  ? 2.609   -19.667 -0.559  1.00 16.59 ? 18  LYS B CA  1 
ATOM   785  C  C   . LYS B 1 18  ? 1.428   -18.854 0.010   1.00 16.55 ? 18  LYS B C   1 
ATOM   786  O  O   . LYS B 1 18  ? 1.375   -17.633 -0.227  1.00 17.14 ? 18  LYS B O   1 
ATOM   787  C  CB  . LYS B 1 18  ? 2.248   -20.288 -1.902  1.00 16.96 ? 18  LYS B CB  1 
ATOM   788  C  CG  . LYS B 1 18  ? 3.415   -20.840 -2.688  1.00 17.96 ? 18  LYS B CG  1 
ATOM   789  C  CD  . LYS B 1 18  ? 2.869   -21.513 -3.942  1.00 20.19 ? 18  LYS B CD  1 
ATOM   790  C  CE  . LYS B 1 18  ? 3.716   -22.674 -4.398  1.00 22.35 ? 18  LYS B CE  1 
ATOM   791  N  NZ  . LYS B 1 18  ? 4.909   -22.211 -5.155  1.00 24.18 ? 18  LYS B NZ  1 
ATOM   792  N  N   . PRO B 1 19  ? 0.482   -19.495 0.723   1.00 16.55 ? 19  PRO B N   1 
ATOM   793  C  CA  . PRO B 1 19  ? -0.597  -18.744 1.372   1.00 16.43 ? 19  PRO B CA  1 
ATOM   794  C  C   . PRO B 1 19  ? -0.040  -17.625 2.227   1.00 16.04 ? 19  PRO B C   1 
ATOM   795  O  O   . PRO B 1 19  ? -0.551  -16.501 2.111   1.00 16.25 ? 19  PRO B O   1 
ATOM   796  C  CB  . PRO B 1 19  ? -1.289  -19.798 2.222   1.00 16.58 ? 19  PRO B CB  1 
ATOM   797  C  CG  . PRO B 1 19  ? -1.128  -21.033 1.399   1.00 17.01 ? 19  PRO B CG  1 
ATOM   798  C  CD  . PRO B 1 19  ? 0.317   -20.952 0.950   1.00 15.87 ? 19  PRO B CD  1 
ATOM   799  N  N   . ALA B 1 20  ? 0.987   -17.919 3.025   1.00 15.88 ? 20  ALA B N   1 
ATOM   800  C  CA  . ALA B 1 20  ? 1.651   -16.909 3.866   1.00 16.24 ? 20  ALA B CA  1 
ATOM   801  C  C   . ALA B 1 20  ? 2.261   -15.753 3.007   0.00 15.30 ? 20  ALA B C   1 
ATOM   802  O  O   . ALA B 1 20  ? 2.088   -14.657 3.371   1.00 13.80 ? 20  ALA B O   1 
ATOM   803  C  CB  . ALA B 1 20  ? 2.820   -17.534 4.685   1.00 15.76 ? 20  ALA B CB  1 
ATOM   804  N  N   . LEU B 1 21  ? 2.896   -16.130 1.905   1.00 14.54 ? 21  LEU B N   1 
ATOM   805  C  CA  . LEU B 1 21  ? 3.504   -15.166 0.992   1.00 14.66 ? 21  LEU B CA  1 
ATOM   806  C  C   . LEU B 1 21  ? 2.403   -14.340 0.337   1.00 15.17 ? 21  LEU B C   1 
ATOM   807  O  O   . LEU B 1 21  ? 2.532   -13.118 0.217   1.00 15.53 ? 21  LEU B O   1 
ATOM   808  C  CB  . LEU B 1 21  ? 4.328   -15.881 -0.095  1.00 15.00 ? 21  LEU B CB  1 
ATOM   809  C  CG  . LEU B 1 21  ? 4.954   -14.909 -1.102  1.00 14.41 ? 21  LEU B CG  1 
ATOM   810  C  CD1 . LEU B 1 21  ? 5.852   -13.826 -0.460  1.00 14.17 ? 21  LEU B CD1 1 
ATOM   811  C  CD2 . LEU B 1 21  ? 5.744   -15.695 -2.149  1.00 14.55 ? 21  LEU B CD2 1 
ATOM   812  N  N   . TYR B 1 22  ? 1.321   -15.006 -0.088  1.00 15.24 ? 22  TYR B N   1 
ATOM   813  C  CA  . TYR B 1 22  ? 0.213   -14.295 -0.677  1.00 15.40 ? 22  TYR B CA  1 
ATOM   814  C  C   . TYR B 1 22  ? -0.365  -13.246 0.272   1.00 16.05 ? 22  TYR B C   1 
ATOM   815  O  O   . TYR B 1 22  ? -0.743  -12.129 -0.180  1.00 16.19 ? 22  TYR B O   1 
ATOM   816  C  CB  . TYR B 1 22  ? -0.896  -15.228 -1.142  1.00 16.11 ? 22  TYR B CB  1 
ATOM   817  C  CG  . TYR B 1 22  ? -2.050  -14.457 -1.742  1.00 18.07 ? 22  TYR B CG  1 
ATOM   818  C  CD1 . TYR B 1 22  ? -3.114  -14.037 -0.944  1.00 20.70 ? 22  TYR B CD1 1 
ATOM   819  C  CD2 . TYR B 1 22  ? -2.064  -14.114 -3.089  1.00 19.57 ? 22  TYR B CD2 1 
ATOM   820  C  CE1 . TYR B 1 22  ? -4.166  -13.316 -1.464  1.00 20.83 ? 22  TYR B CE1 1 
ATOM   821  C  CE2 . TYR B 1 22  ? -3.126  -13.397 -3.636  1.00 19.64 ? 22  TYR B CE2 1 
ATOM   822  C  CZ  . TYR B 1 22  ? -4.166  -13.001 -2.806  1.00 19.97 ? 22  TYR B CZ  1 
ATOM   823  O  OH  . TYR B 1 22  ? -5.228  -12.297 -3.304  1.00 21.43 ? 22  TYR B OH  1 
ATOM   824  N  N   A SER B 1 23  ? -0.468  -13.597 1.554   0.50 15.49 ? 23  SER B N   1 
ATOM   825  N  N   B SER B 1 23  ? -0.461  -13.600 1.553   0.50 15.67 ? 23  SER B N   1 
ATOM   826  C  CA  A SER B 1 23  ? -1.041  -12.708 2.560   0.50 15.21 ? 23  SER B CA  1 
ATOM   827  C  CA  B SER B 1 23  ? -1.032  -12.724 2.568   0.50 15.60 ? 23  SER B CA  1 
ATOM   828  C  C   A SER B 1 23  ? -0.129  -11.520 2.863   0.50 15.57 ? 23  SER B C   1 
ATOM   829  C  C   B SER B 1 23  ? -0.129  -11.527 2.862   0.50 15.77 ? 23  SER B C   1 
ATOM   830  O  O   A SER B 1 23  ? -0.605  -10.424 3.166   0.50 14.87 ? 23  SER B O   1 
ATOM   831  O  O   B SER B 1 23  ? -0.613  -10.432 3.160   0.50 15.08 ? 23  SER B O   1 
ATOM   832  C  CB  A SER B 1 23  ? -1.331  -13.480 3.856   0.50 15.52 ? 23  SER B CB  1 
ATOM   833  C  CB  B SER B 1 23  ? -1.287  -13.514 3.859   0.50 15.95 ? 23  SER B CB  1 
ATOM   834  O  OG  A SER B 1 23  ? -2.419  -14.375 3.693   0.50 14.71 ? 23  SER B OG  1 
ATOM   835  O  OG  B SER B 1 23  ? -1.712  -12.664 4.909   0.50 16.70 ? 23  SER B OG  1 
ATOM   836  N  N   . ALA B 1 24  ? 1.180   -11.749 2.784   1.00 14.57 ? 24  ALA B N   1 
ATOM   837  C  CA  . ALA B 1 24  ? 2.165   -10.728 3.105   1.00 15.29 ? 24  ALA B CA  1 
ATOM   838  C  C   . ALA B 1 24  ? 2.429   -9.731  1.965   1.00 14.47 ? 24  ALA B C   1 
ATOM   839  O  O   . ALA B 1 24  ? 2.688   -8.555  2.213   1.00 13.87 ? 24  ALA B O   1 
ATOM   840  C  CB  . ALA B 1 24  ? 3.459   -11.381 3.508   1.00 15.82 ? 24  ALA B CB  1 
ATOM   841  N  N   . TYR B 1 25  ? 2.405   -10.225 0.737   1.00 14.98 ? 25  TYR B N   1 
ATOM   842  C  CA  . TYR B 1 25  ? 2.788   -9.441  -0.449  1.00 14.27 ? 25  TYR B CA  1 
ATOM   843  C  C   . TYR B 1 25  ? 1.774   -8.358  -0.794  1.00 14.22 ? 25  TYR B C   1 
ATOM   844  O  O   . TYR B 1 25  ? 0.567   -8.604  -0.697  1.00 15.64 ? 25  TYR B O   1 
ATOM   845  C  CB  . TYR B 1 25  ? 2.980   -10.391 -1.634  1.00 15.66 ? 25  TYR B CB  1 
ATOM   846  C  CG  . TYR B 1 25  ? 3.461   -9.704  -2.875  1.00 14.01 ? 25  TYR B CG  1 
ATOM   847  C  CD1 . TYR B 1 25  ? 4.564   -8.833  -2.835  1.00 14.27 ? 25  TYR B CD1 1 
ATOM   848  C  CD2 . TYR B 1 25  ? 2.836   -9.947  -4.107  1.00 12.20 ? 25  TYR B CD2 1 
ATOM   849  C  CE1 . TYR B 1 25  ? 5.011   -8.166  -4.005  1.00 16.45 ? 25  TYR B CE1 1 
ATOM   850  C  CE2 . TYR B 1 25  ? 3.288   -9.315  -5.277  1.00 17.12 ? 25  TYR B CE2 1 
ATOM   851  C  CZ  . TYR B 1 25  ? 4.375   -8.428  -5.211  1.00 15.73 ? 25  TYR B CZ  1 
ATOM   852  O  OH  . TYR B 1 25  ? 4.800   -7.796  -6.343  1.00 17.93 ? 25  TYR B OH  1 
HETATM 853  N  N   . MSE B 1 26  ? 2.253   -7.170  -1.166  1.00 12.73 ? 26  MSE B N   1 
HETATM 854  C  CA  A MSE B 1 26  ? 1.396   -6.014  -1.455  0.50 13.71 ? 26  MSE B CA  1 
HETATM 855  C  CA  B MSE B 1 26  ? 1.373   -6.038  -1.482  0.50 13.48 ? 26  MSE B CA  1 
HETATM 856  C  C   . MSE B 1 26  ? 1.694   -5.605  -2.888  1.00 13.31 ? 26  MSE B C   1 
HETATM 857  O  O   . MSE B 1 26  ? 2.530   -4.742  -3.095  1.00 14.07 ? 26  MSE B O   1 
HETATM 858  C  CB  A MSE B 1 26  ? 1.722   -4.848  -0.491  0.50 13.16 ? 26  MSE B CB  1 
HETATM 859  C  CB  B MSE B 1 26  ? 1.585   -4.882  -0.495  0.50 13.56 ? 26  MSE B CB  1 
HETATM 860  C  CG  A MSE B 1 26  ? 1.953   -5.263  0.994   0.50 12.93 ? 26  MSE B CG  1 
HETATM 861  C  CG  B MSE B 1 26  ? 1.555   -5.311  0.982   0.50 15.01 ? 26  MSE B CG  1 
HETATM 862  SE SE  A MSE B 1 26  ? 2.380   -3.843  2.268   0.30 17.00 ? 26  MSE B SE  1 
HETATM 863  SE SE  B MSE B 1 26  ? -0.229  -5.617  1.760   0.30 20.47 ? 26  MSE B SE  1 
HETATM 864  C  CE  A MSE B 1 26  ? 4.016   -3.233  1.637   0.45 10.82 ? 26  MSE B CE  1 
HETATM 865  C  CE  B MSE B 1 26  ? -1.159  -6.703  0.530   0.45 17.39 ? 26  MSE B CE  1 
ATOM   866  N  N   . PRO B 1 27  ? 1.070   -6.248  -3.886  1.00 13.53 ? 27  PRO B N   1 
ATOM   867  C  CA  . PRO B 1 27  ? 1.449   -5.976  -5.290  1.00 14.05 ? 27  PRO B CA  1 
ATOM   868  C  C   . PRO B 1 27  ? 1.092   -4.549  -5.717  1.00 14.53 ? 27  PRO B C   1 
ATOM   869  O  O   . PRO B 1 27  ? 1.657   -4.009  -6.696  1.00 13.82 ? 27  PRO B O   1 
ATOM   870  C  CB  . PRO B 1 27  ? 0.632   -6.983  -6.098  1.00 13.92 ? 27  PRO B CB  1 
ATOM   871  C  CG  . PRO B 1 27  ? -0.440  -7.479  -5.195  1.00 14.08 ? 27  PRO B CG  1 
ATOM   872  C  CD  . PRO B 1 27  ? 0.014   -7.277  -3.780  1.00 13.61 ? 27  PRO B CD  1 
ATOM   873  N  N   . PHE B 1 28  ? 0.130   -3.962  -5.015  1.00 13.18 ? 28  PHE B N   1 
ATOM   874  C  CA  . PHE B 1 28  ? -0.370  -2.625  -5.387  1.00 13.42 ? 28  PHE B CA  1 
ATOM   875  C  C   . PHE B 1 28  ? 0.615   -1.505  -5.028  1.00 12.79 ? 28  PHE B C   1 
ATOM   876  O  O   . PHE B 1 28  ? 0.415   -0.352  -5.376  1.00 13.15 ? 28  PHE B O   1 
ATOM   877  C  CB  . PHE B 1 28  ? -1.712  -2.365  -4.717  1.00 12.47 ? 28  PHE B CB  1 
ATOM   878  C  CG  . PHE B 1 28  ? -1.667  -2.469  -3.225  1.00 14.45 ? 28  PHE B CG  1 
ATOM   879  C  CD1 . PHE B 1 28  ? -2.146  -3.623  -2.580  1.00 15.83 ? 28  PHE B CD1 1 
ATOM   880  C  CD2 . PHE B 1 28  ? -1.124  -1.450  -2.457  1.00 14.86 ? 28  PHE B CD2 1 
ATOM   881  C  CE1 . PHE B 1 28  ? -2.110  -3.730  -1.186  1.00 15.85 ? 28  PHE B CE1 1 
ATOM   882  C  CE2 . PHE B 1 28  ? -1.094  -1.549  -1.036  1.00 15.25 ? 28  PHE B CE2 1 
ATOM   883  C  CZ  . PHE B 1 28  ? -1.575  -2.680  -0.414  1.00 14.70 ? 28  PHE B CZ  1 
ATOM   884  N  N   . VAL B 1 29  ? 1.661   -1.820  -4.280  1.00 12.08 ? 29  VAL B N   1 
ATOM   885  C  CA  . VAL B 1 29  ? 2.645   -0.794  -3.881  1.00 11.97 ? 29  VAL B CA  1 
ATOM   886  C  C   . VAL B 1 29  ? 3.535   -0.608  -5.096  1.00 12.81 ? 29  VAL B C   1 
ATOM   887  O  O   . VAL B 1 29  ? 3.891   -1.606  -5.727  1.00 12.86 ? 29  VAL B O   1 
ATOM   888  C  CB  . VAL B 1 29  ? 3.507   -1.286  -2.697  1.00 12.98 ? 29  VAL B CB  1 
ATOM   889  C  CG1 . VAL B 1 29  ? 4.787   -0.446  -2.476  1.00 10.86 ? 29  VAL B CG1 1 
ATOM   890  C  CG2 . VAL B 1 29  ? 2.650   -1.366  -1.399  1.00 10.74 ? 29  VAL B CG2 1 
ATOM   891  N  N   . LYS B 1 30  ? 3.873   0.637   -5.437  1.00 12.24 ? 30  LYS B N   1 
ATOM   892  C  CA  . LYS B 1 30  ? 4.785   0.848   -6.555  1.00 12.35 ? 30  LYS B CA  1 
ATOM   893  C  C   . LYS B 1 30  ? 6.107   0.149   -6.302  1.00 13.37 ? 30  LYS B C   1 
ATOM   894  O  O   . LYS B 1 30  ? 6.750   0.394   -5.278  1.00 13.31 ? 30  LYS B O   1 
ATOM   895  C  CB  . LYS B 1 30  ? 5.070   2.324   -6.762  1.00 12.36 ? 30  LYS B CB  1 
ATOM   896  C  CG  . LYS B 1 30  ? 5.743   2.584   -8.129  1.00 12.28 ? 30  LYS B CG  1 
ATOM   897  C  CD  . LYS B 1 30  ? 6.436   3.911   -8.104  0.40 12.08 ? 30  LYS B CD  1 
ATOM   898  C  CE  . LYS B 1 30  ? 7.113   4.187   -9.411  0.40 12.39 ? 30  LYS B CE  1 
ATOM   899  N  NZ  . LYS B 1 30  ? 7.519   5.602   -9.402  1.00 14.18 ? 30  LYS B NZ  1 
ATOM   900  N  N   . GLY B 1 31  ? 6.531   -0.692  -7.244  1.00 12.53 ? 31  GLY B N   1 
ATOM   901  C  CA  . GLY B 1 31  ? 7.771   -1.441  -7.032  1.00 13.24 ? 31  GLY B CA  1 
ATOM   902  C  C   . GLY B 1 31  ? 7.557   -2.754  -6.320  1.00 12.91 ? 31  GLY B C   1 
ATOM   903  O  O   . GLY B 1 31  ? 8.502   -3.548  -6.196  1.00 11.96 ? 31  GLY B O   1 
ATOM   904  N  N   . GLY B 1 32  ? 6.321   -3.004  -5.869  1.00 12.39 ? 32  GLY B N   1 
ATOM   905  C  CA  . GLY B 1 32  ? 6.049   -4.144  -4.996  1.00 11.89 ? 32  GLY B CA  1 
ATOM   906  C  C   . GLY B 1 32  ? 6.376   -3.826  -3.543  1.00 11.79 ? 32  GLY B C   1 
ATOM   907  O  O   . GLY B 1 32  ? 7.173   -2.932  -3.255  1.00 11.65 ? 32  GLY B O   1 
ATOM   908  N  N   . GLY B 1 33  ? 5.741   -4.558  -2.625  1.00 11.56 ? 33  GLY B N   1 
ATOM   909  C  CA  . GLY B 1 33  ? 5.962   -4.300  -1.198  1.00 10.26 ? 33  GLY B CA  1 
ATOM   910  C  C   . GLY B 1 33  ? 5.547   -5.511  -0.420  1.00 11.07 ? 33  GLY B C   1 
ATOM   911  O  O   . GLY B 1 33  ? 4.942   -6.423  -0.984  1.00 10.66 ? 33  GLY B O   1 
ATOM   912  N  N   . ILE B 1 34  ? 5.808   -5.501  0.896   1.00 10.67 ? 34  ILE B N   1 
ATOM   913  C  CA  . ILE B 1 34  ? 5.458   -6.654  1.687   1.00 10.79 ? 34  ILE B CA  1 
ATOM   914  C  C   . ILE B 1 34  ? 5.241   -6.199  3.106   1.00 10.67 ? 34  ILE B C   1 
ATOM   915  O  O   . ILE B 1 34  ? 5.911   -5.257  3.584   1.00 11.45 ? 34  ILE B O   1 
ATOM   916  C  CB  . ILE B 1 34  ? 6.588   -7.737  1.569   1.00 10.61 ? 34  ILE B CB  1 
ATOM   917  C  CG1 . ILE B 1 34  ? 6.184   -9.086  2.174   1.00 11.73 ? 34  ILE B CG1 1 
ATOM   918  C  CG2 . ILE B 1 34  ? 7.916   -7.221  2.156   1.00 10.92 ? 34  ILE B CG2 1 
ATOM   919  C  CD1 . ILE B 1 34  ? 7.105   -10.217 1.745   1.00 11.14 ? 34  ILE B CD1 1 
ATOM   920  N  N   . PHE B 1 35  ? 4.312   -6.856  3.780   1.00 10.62 ? 35  PHE B N   1 
ATOM   921  C  CA  . PHE B 1 35  ? 4.131   -6.551  5.204   1.00 11.00 ? 35  PHE B CA  1 
ATOM   922  C  C   . PHE B 1 35  ? 5.091   -7.428  6.039   1.00 11.66 ? 35  PHE B C   1 
ATOM   923  O  O   . PHE B 1 35  ? 5.137   -8.656  5.847   1.00 11.10 ? 35  PHE B O   1 
ATOM   924  C  CB  . PHE B 1 35  ? 2.712   -6.829  5.647   1.00 10.20 ? 35  PHE B CB  1 
ATOM   925  C  CG  . PHE B 1 35  ? 2.530   -6.644  7.144   1.00 12.99 ? 35  PHE B CG  1 
ATOM   926  C  CD1 . PHE B 1 35  ? 2.583   -5.370  7.694   1.00 12.88 ? 35  PHE B CD1 1 
ATOM   927  C  CD2 . PHE B 1 35  ? 2.410   -7.742  7.993   1.00 10.53 ? 35  PHE B CD2 1 
ATOM   928  C  CE1 . PHE B 1 35  ? 2.453   -5.184  9.078   1.00 13.02 ? 35  PHE B CE1 1 
ATOM   929  C  CE2 . PHE B 1 35  ? 2.267   -7.572  9.361   1.00 13.66 ? 35  PHE B CE2 1 
ATOM   930  C  CZ  . PHE B 1 35  ? 2.285   -6.283  9.911   1.00 12.87 ? 35  PHE B CZ  1 
ATOM   931  N  N   . VAL B 1 36  ? 5.812   -6.805  6.985   1.00 11.00 ? 36  VAL B N   1 
ATOM   932  C  CA  . VAL B 1 36  ? 6.773   -7.542  7.821   1.00 10.72 ? 36  VAL B CA  1 
ATOM   933  C  C   . VAL B 1 36  ? 6.419   -7.345  9.279   1.00 10.43 ? 36  VAL B C   1 
ATOM   934  O  O   . VAL B 1 36  ? 6.501   -6.216  9.746   1.00 10.42 ? 36  VAL B O   1 
ATOM   935  C  CB  . VAL B 1 36  ? 8.212   -7.000  7.582   1.00 10.77 ? 36  VAL B CB  1 
ATOM   936  C  CG1 . VAL B 1 36  ? 9.219   -7.742  8.470   1.00 11.10 ? 36  VAL B CG1 1 
ATOM   937  C  CG2 . VAL B 1 36  ? 8.598   -7.076  6.081   1.00 8.92  ? 36  VAL B CG2 1 
ATOM   938  N  N   . PRO B 1 37  ? 6.055   -8.429  10.001  1.00 11.42 ? 37  PRO B N   1 
ATOM   939  C  CA  . PRO B 1 37  ? 5.843   -8.356  11.460  1.00 11.09 ? 37  PRO B CA  1 
ATOM   940  C  C   . PRO B 1 37  ? 7.113   -7.933  12.190  1.00 11.79 ? 37  PRO B C   1 
ATOM   941  O  O   . PRO B 1 37  ? 8.195   -8.452  11.917  1.00 9.63  ? 37  PRO B O   1 
ATOM   942  C  CB  . PRO B 1 37  ? 5.502   -9.799  11.857  1.00 11.60 ? 37  PRO B CB  1 
ATOM   943  C  CG  . PRO B 1 37  ? 5.196   -10.527 10.644  1.00 12.99 ? 37  PRO B CG  1 
ATOM   944  C  CD  . PRO B 1 37  ? 5.798   -9.786  9.476   1.00 10.76 ? 37  PRO B CD  1 
ATOM   945  N  N   . THR B 1 38  ? 6.992   -6.973  13.103  1.00 11.80 ? 38  THR B N   1 
ATOM   946  C  CA  . THR B 1 38  ? 8.117   -6.588  13.947  1.00 12.42 ? 38  THR B CA  1 
ATOM   947  C  C   . THR B 1 38  ? 7.598   -5.629  14.980  1.00 12.99 ? 38  THR B C   1 
ATOM   948  O  O   . THR B 1 38  ? 6.732   -4.839  14.662  1.00 13.49 ? 38  THR B O   1 
ATOM   949  C  CB  . THR B 1 38  ? 9.276   -5.930  13.157  1.00 13.06 ? 38  THR B CB  1 
ATOM   950  O  OG1 . THR B 1 38  ? 10.235  -5.418  14.096  1.00 13.83 ? 38  THR B OG1 1 
ATOM   951  C  CG2 . THR B 1 38  ? 8.823   -4.692  12.341  1.00 11.30 ? 38  THR B CG2 1 
ATOM   952  N  N   . PRO B 1 39  ? 8.105   -5.717  16.212  1.00 13.09 ? 39  PRO B N   1 
ATOM   953  C  CA  . PRO B 1 39  ? 7.757   -4.737  17.249  1.00 13.50 ? 39  PRO B CA  1 
ATOM   954  C  C   . PRO B 1 39  ? 8.737   -3.566  17.270  1.00 13.99 ? 39  PRO B C   1 
ATOM   955  O  O   . PRO B 1 39  ? 8.547   -2.657  18.069  1.00 14.34 ? 39  PRO B O   1 
ATOM   956  C  CB  . PRO B 1 39  ? 7.908   -5.549  18.555  1.00 13.72 ? 39  PRO B CB  1 
ATOM   957  C  CG  . PRO B 1 39  ? 9.073   -6.456  18.275  1.00 12.92 ? 39  PRO B CG  1 
ATOM   958  C  CD  . PRO B 1 39  ? 9.024   -6.753  16.725  1.00 12.66 ? 39  PRO B CD  1 
ATOM   959  N  N   . LYS B 1 40  ? 9.788   -3.620  16.452  1.00 14.42 ? 40  LYS B N   1 
ATOM   960  C  CA  . LYS B 1 40  ? 10.829  -2.603  16.470  1.00 15.42 ? 40  LYS B CA  1 
ATOM   961  C  C   . LYS B 1 40  ? 10.275  -1.302  15.892  1.00 16.12 ? 40  LYS B C   1 
ATOM   962  O  O   . LYS B 1 40  ? 9.410   -1.319  15.001  1.00 17.16 ? 40  LYS B O   1 
ATOM   963  C  CB  . LYS B 1 40  ? 12.077  -3.082  15.703  1.00 15.93 ? 40  LYS B CB  1 
ATOM   964  C  CG  . LYS B 1 40  ? 12.907  -4.178  16.421  1.00 15.77 ? 40  LYS B CG  1 
ATOM   965  C  CD  . LYS B 1 40  ? 14.083  -4.718  15.571  1.00 16.31 ? 40  LYS B CD  1 
ATOM   966  C  CE  . LYS B 1 40  ? 13.615  -5.758  14.523  1.00 16.33 ? 40  LYS B CE  1 
ATOM   967  N  NZ  . LYS B 1 40  ? 14.701  -6.448  13.740  1.00 14.87 ? 40  LYS B NZ  1 
ATOM   968  N  N   . ARG B 1 41  ? 10.783  -0.185  16.393  1.00 16.70 ? 41  ARG B N   1 
ATOM   969  C  CA  . ARG B 1 41  ? 10.309  1.138   16.014  1.00 17.42 ? 41  ARG B CA  1 
ATOM   970  C  C   . ARG B 1 41  ? 10.980  1.575   14.724  1.00 17.61 ? 41  ARG B C   1 
ATOM   971  O  O   . ARG B 1 41  ? 12.016  2.235   14.713  1.00 18.28 ? 41  ARG B O   1 
ATOM   972  C  CB  . ARG B 1 41  ? 10.545  2.155   17.151  0.80 17.20 ? 41  ARG B CB  1 
ATOM   973  C  CG  . ARG B 1 41  ? 9.968   1.689   18.463  0.80 17.83 ? 41  ARG B CG  1 
ATOM   974  C  CD  . ARG B 1 41  ? 9.830   2.745   19.571  0.80 17.93 ? 41  ARG B CD  1 
ATOM   975  N  NE  . ARG B 1 41  ? 11.086  3.220   20.170  1.00 18.04 ? 41  ARG B NE  1 
ATOM   976  C  CZ  . ARG B 1 41  ? 11.917  2.476   20.920  1.00 19.54 ? 41  ARG B CZ  1 
ATOM   977  N  NH1 . ARG B 1 41  ? 11.670  1.176   21.126  1.00 20.32 ? 41  ARG B NH1 1 
ATOM   978  N  NH2 . ARG B 1 41  ? 13.014  3.029   21.463  1.00 18.32 ? 41  ARG B NH2 1 
ATOM   979  N  N   . TYR B 1 42  ? 10.409  1.156   13.615  1.00 17.61 ? 42  TYR B N   1 
ATOM   980  C  CA  . TYR B 1 42  ? 10.812  1.735   12.347  1.00 17.73 ? 42  TYR B CA  1 
ATOM   981  C  C   . TYR B 1 42  ? 9.909   2.951   12.163  1.00 17.47 ? 42  TYR B C   1 
ATOM   982  O  O   . TYR B 1 42  ? 8.742   2.907   12.541  1.00 17.83 ? 42  TYR B O   1 
ATOM   983  C  CB  . TYR B 1 42  ? 10.722  0.698   11.214  1.00 17.32 ? 42  TYR B CB  1 
ATOM   984  C  CG  . TYR B 1 42  ? 11.704  -0.461  11.380  1.00 17.29 ? 42  TYR B CG  1 
ATOM   985  C  CD1 . TYR B 1 42  ? 12.991  -0.394  10.847  1.00 18.54 ? 42  TYR B CD1 1 
ATOM   986  C  CD2 . TYR B 1 42  ? 11.352  -1.608  12.096  1.00 17.80 ? 42  TYR B CD2 1 
ATOM   987  C  CE1 . TYR B 1 42  ? 13.900  -1.456  10.989  1.00 19.12 ? 42  TYR B CE1 1 
ATOM   988  C  CE2 . TYR B 1 42  ? 12.266  -2.669  12.275  1.00 18.49 ? 42  TYR B CE2 1 
ATOM   989  C  CZ  . TYR B 1 42  ? 13.535  -2.587  11.715  1.00 19.31 ? 42  TYR B CZ  1 
ATOM   990  O  OH  . TYR B 1 42  ? 14.437  -3.634  11.891  1.00 19.83 ? 42  TYR B OH  1 
HETATM 991  N  N   . MSE B 1 43  ? 10.463  4.056   11.675  1.00 17.16 ? 43  MSE B N   1 
HETATM 992  C  CA  . MSE B 1 43  ? 9.641   5.211   11.340  1.00 17.57 ? 43  MSE B CA  1 
HETATM 993  C  C   . MSE B 1 43  ? 9.386   5.291   9.838   1.00 16.32 ? 43  MSE B C   1 
HETATM 994  O  O   . MSE B 1 43  ? 10.225  4.899   9.045   1.00 15.61 ? 43  MSE B O   1 
HETATM 995  C  CB  . MSE B 1 43  ? 10.288  6.500   11.818  1.00 17.60 ? 43  MSE B CB  1 
HETATM 996  C  CG  . MSE B 1 43  ? 10.244  6.713   13.325  1.00 18.77 ? 43  MSE B CG  1 
HETATM 997  SE SE  . MSE B 1 43  ? 11.385  8.217   13.756  0.70 21.30 ? 43  MSE B SE  1 
HETATM 998  C  CE  . MSE B 1 43  ? 10.974  9.442   12.203  1.00 19.33 ? 43  MSE B CE  1 
ATOM   999  N  N   . LEU B 1 44  ? 8.218   5.814   9.471   1.00 15.58 ? 44  LEU B N   1 
ATOM   1000 C  CA  . LEU B 1 44  ? 7.867   6.087   8.085   1.00 15.94 ? 44  LEU B CA  1 
ATOM   1001 C  C   . LEU B 1 44  ? 9.040   6.736   7.367   1.00 15.51 ? 44  LEU B C   1 
ATOM   1002 O  O   . LEU B 1 44  ? 9.682   7.639   7.914   1.00 14.75 ? 44  LEU B O   1 
ATOM   1003 C  CB  . LEU B 1 44  ? 6.626   6.999   8.012   1.00 15.73 ? 44  LEU B CB  1 
ATOM   1004 C  CG  . LEU B 1 44  ? 5.385   6.398   8.662   1.00 15.78 ? 44  LEU B CG  1 
ATOM   1005 C  CD1 . LEU B 1 44  ? 4.317   7.473   8.968   1.00 17.09 ? 44  LEU B CD1 1 
ATOM   1006 C  CD2 . LEU B 1 44  ? 4.822   5.284   7.806   0.50 14.59 ? 44  LEU B CD2 1 
ATOM   1007 N  N   . GLY B 1 45  ? 9.335   6.233   6.169   0.80 15.47 ? 45  GLY B N   1 
ATOM   1008 C  CA  . GLY B 1 45  ? 10.362  6.824   5.332   0.80 14.78 ? 45  GLY B CA  1 
ATOM   1009 C  C   . GLY B 1 45  ? 11.766  6.319   5.527   0.80 14.37 ? 45  GLY B C   1 
ATOM   1010 O  O   . GLY B 1 45  ? 12.603  6.554   4.672   0.80 13.82 ? 45  GLY B O   1 
ATOM   1011 N  N   . ASP B 1 46  ? 12.023  5.647   6.648   1.00 14.68 ? 46  ASP B N   1 
ATOM   1012 C  CA  . ASP B 1 46  ? 13.340  5.035   6.905   1.00 15.50 ? 46  ASP B CA  1 
ATOM   1013 C  C   . ASP B 1 46  ? 13.704  3.950   5.899   1.00 15.05 ? 46  ASP B C   1 
ATOM   1014 O  O   . ASP B 1 46  ? 12.841  3.212   5.431   1.00 14.48 ? 46  ASP B O   1 
ATOM   1015 C  CB  . ASP B 1 46  ? 13.392  4.394   8.294   1.00 15.45 ? 46  ASP B CB  1 
ATOM   1016 C  CG  . ASP B 1 46  ? 13.262  5.387   9.415   1.00 17.24 ? 46  ASP B CG  1 
ATOM   1017 O  OD1 . ASP B 1 46  ? 13.482  6.603   9.206   1.00 17.52 ? 46  ASP B OD1 1 
ATOM   1018 O  OD2 . ASP B 1 46  ? 12.921  5.024   10.558  1.00 20.25 ? 46  ASP B OD2 1 
ATOM   1019 N  N   . GLU B 1 47  ? 14.994  3.845   5.591   1.00 15.27 ? 47  GLU B N   1 
ATOM   1020 C  CA  . GLU B 1 47  ? 15.523  2.695   4.837   1.00 15.81 ? 47  GLU B CA  1 
ATOM   1021 C  C   . GLU B 1 47  ? 15.516  1.502   5.773   1.00 15.86 ? 47  GLU B C   1 
ATOM   1022 O  O   . GLU B 1 47  ? 15.768  1.671   6.965   1.00 15.17 ? 47  GLU B O   1 
ATOM   1023 C  CB  . GLU B 1 47  ? 16.984  2.945   4.484   1.00 15.74 ? 47  GLU B CB  1 
ATOM   1024 C  CG  . GLU B 1 47  ? 17.301  3.538   3.121   1.00 18.72 ? 47  GLU B CG  1 
ATOM   1025 C  CD  . GLU B 1 47  ? 18.769  3.312   2.762   1.00 18.41 ? 47  GLU B CD  1 
ATOM   1026 O  OE1 . GLU B 1 47  ? 19.591  3.055   3.683   0.45 17.10 ? 47  GLU B OE1 1 
ATOM   1027 O  OE2 . GLU B 1 47  ? 19.098  3.380   1.558   0.20 17.69 ? 47  GLU B OE2 1 
ATOM   1028 N  N   . VAL B 1 48  ? 15.310  0.297   5.263   1.00 14.72 ? 48  VAL B N   1 
ATOM   1029 C  CA  . VAL B 1 48  ? 15.297  -0.883  6.152   1.00 15.10 ? 48  VAL B CA  1 
ATOM   1030 C  C   . VAL B 1 48  ? 16.008  -2.000  5.436   1.00 14.27 ? 48  VAL B C   1 
ATOM   1031 O  O   . VAL B 1 48  ? 15.761  -2.247  4.278   1.00 14.41 ? 48  VAL B O   1 
ATOM   1032 C  CB  . VAL B 1 48  ? 13.862  -1.342  6.540   1.00 16.24 ? 48  VAL B CB  1 
ATOM   1033 C  CG1 . VAL B 1 48  ? 13.017  -1.650  5.306   1.00 15.56 ? 48  VAL B CG1 1 
ATOM   1034 C  CG2 . VAL B 1 48  ? 13.872  -2.555  7.456   1.00 13.36 ? 48  VAL B CG2 1 
ATOM   1035 N  N   . PHE B 1 49  ? 16.917  -2.652  6.123   1.00 14.01 ? 49  PHE B N   1 
ATOM   1036 C  CA  . PHE B 1 49  ? 17.673  -3.731  5.506   1.00 13.10 ? 49  PHE B CA  1 
ATOM   1037 C  C   . PHE B 1 49  ? 16.922  -5.029  5.783   1.00 12.75 ? 49  PHE B C   1 
ATOM   1038 O  O   . PHE B 1 49  ? 16.959  -5.553  6.908   1.00 12.56 ? 49  PHE B O   1 
ATOM   1039 C  CB  . PHE B 1 49  ? 19.074  -3.697  6.075   1.00 13.63 ? 49  PHE B CB  1 
ATOM   1040 C  CG  . PHE B 1 49  ? 19.788  -2.387  5.776   1.00 15.67 ? 49  PHE B CG  1 
ATOM   1041 C  CD1 . PHE B 1 49  ? 19.303  -1.538  4.753   1.00 17.83 ? 49  PHE B CD1 1 
ATOM   1042 C  CD2 . PHE B 1 49  ? 20.933  -2.014  6.460   1.00 15.45 ? 49  PHE B CD2 1 
ATOM   1043 C  CE1 . PHE B 1 49  ? 19.918  -0.370  4.468   1.00 16.99 ? 49  PHE B CE1 1 
ATOM   1044 C  CE2 . PHE B 1 49  ? 21.562  -0.842  6.156   1.00 15.25 ? 49  PHE B CE2 1 
ATOM   1045 C  CZ  . PHE B 1 49  ? 21.060  -0.015  5.168   1.00 16.75 ? 49  PHE B CZ  1 
ATOM   1046 N  N   . LEU B 1 50  ? 16.204  -5.509  4.771   1.00 10.78 ? 50  LEU B N   1 
ATOM   1047 C  CA  . LEU B 1 50  ? 15.328  -6.675  4.946   1.00 11.71 ? 50  LEU B CA  1 
ATOM   1048 C  C   . LEU B 1 50  ? 15.980  -7.944  4.381   1.00 11.52 ? 50  LEU B C   1 
ATOM   1049 O  O   . LEU B 1 50  ? 16.510  -7.908  3.270   1.00 11.01 ? 50  LEU B O   1 
ATOM   1050 C  CB  . LEU B 1 50  ? 13.973  -6.415  4.253   1.00 12.57 ? 50  LEU B CB  1 
ATOM   1051 C  CG  . LEU B 1 50  ? 12.964  -7.576  4.129   1.00 13.96 ? 50  LEU B CG  1 
ATOM   1052 C  CD1 . LEU B 1 50  ? 12.367  -7.956  5.494   1.00 12.37 ? 50  LEU B CD1 1 
ATOM   1053 C  CD2 . LEU B 1 50  ? 11.830  -7.174  3.199   1.00 13.08 ? 50  LEU B CD2 1 
ATOM   1054 N  N   . LEU B 1 51  ? 15.884  -9.052  5.122   1.00 11.34 ? 51  LEU B N   1 
ATOM   1055 C  CA  . LEU B 1 51  ? 16.311  -10.392 4.653   1.00 12.79 ? 51  LEU B CA  1 
ATOM   1056 C  C   . LEU B 1 51  ? 15.078  -11.291 4.588   1.00 13.39 ? 51  LEU B C   1 
ATOM   1057 O  O   . LEU B 1 51  ? 14.494  -11.650 5.627   1.00 13.76 ? 51  LEU B O   1 
ATOM   1058 C  CB  . LEU B 1 51  ? 17.334  -10.976 5.598   1.00 13.04 ? 51  LEU B CB  1 
ATOM   1059 C  CG  . LEU B 1 51  ? 18.761  -10.458 5.438   1.00 13.51 ? 51  LEU B CG  1 
ATOM   1060 C  CD1 . LEU B 1 51  ? 19.583  -11.021 6.540   1.00 17.86 ? 51  LEU B CD1 1 
ATOM   1061 C  CD2 . LEU B 1 51  ? 19.335  -10.912 4.093   1.00 13.38 ? 51  LEU B CD2 1 
ATOM   1062 N  N   . LEU B 1 52  ? 14.661  -11.591 3.358   1.00 12.73 ? 52  LEU B N   1 
ATOM   1063 C  CA  A LEU B 1 52  ? 13.426  -12.308 3.124   0.50 11.75 ? 52  LEU B CA  1 
ATOM   1064 C  CA  B LEU B 1 52  ? 13.423  -12.321 3.100   0.50 13.15 ? 52  LEU B CA  1 
ATOM   1065 C  C   . LEU B 1 52  ? 13.737  -13.750 2.682   1.00 13.29 ? 52  LEU B C   1 
ATOM   1066 O  O   . LEU B 1 52  ? 14.503  -13.950 1.702   1.00 13.99 ? 52  LEU B O   1 
ATOM   1067 C  CB  A LEU B 1 52  ? 12.637  -11.550 2.046   0.50 11.70 ? 52  LEU B CB  1 
ATOM   1068 C  CB  B LEU B 1 52  ? 12.657  -11.660 1.944   0.50 13.38 ? 52  LEU B CB  1 
ATOM   1069 C  CG  A LEU B 1 52  ? 11.348  -12.134 1.505   0.50 7.96  ? 52  LEU B CG  1 
ATOM   1070 C  CG  B LEU B 1 52  ? 11.487  -10.733 2.196   0.50 14.44 ? 52  LEU B CG  1 
ATOM   1071 C  CD1 A LEU B 1 52  ? 10.375  -12.314 2.640   0.50 9.87  ? 52  LEU B CD1 1 
ATOM   1072 C  CD1 B LEU B 1 52  ? 10.818  -10.410 0.843   0.50 14.98 ? 52  LEU B CD1 1 
ATOM   1073 C  CD2 A LEU B 1 52  ? 10.778  -11.225 0.393   0.50 10.06 ? 52  LEU B CD2 1 
ATOM   1074 C  CD2 B LEU B 1 52  ? 10.502  -11.391 3.144   0.50 14.86 ? 52  LEU B CD2 1 
ATOM   1075 N  N   . THR B 1 53  ? 13.163  -14.723 3.408   1.00 11.56 ? 53  THR B N   1 
ATOM   1076 C  CA  . THR B 1 53  ? 13.187  -16.124 3.007   1.00 10.81 ? 53  THR B CA  1 
ATOM   1077 C  C   . THR B 1 53  ? 11.802  -16.488 2.451   1.00 10.91 ? 53  THR B C   1 
ATOM   1078 O  O   . THR B 1 53  ? 10.809  -16.343 3.133   1.00 10.09 ? 53  THR B O   1 
ATOM   1079 C  CB  . THR B 1 53  ? 13.529  -17.035 4.205   1.00 9.80  ? 53  THR B CB  1 
ATOM   1080 O  OG1 . THR B 1 53  ? 14.796  -16.611 4.747   1.00 9.84  ? 53  THR B OG1 1 
ATOM   1081 C  CG2 . THR B 1 53  ? 13.760  -18.475 3.725   1.00 10.52 ? 53  THR B CG2 1 
ATOM   1082 N  N   . LEU B 1 54  ? 11.774  -16.965 1.196   1.00 10.65 ? 54  LEU B N   1 
ATOM   1083 C  CA  . LEU B 1 54  ? 10.553  -17.336 0.524   1.00 11.36 ? 54  LEU B CA  1 
ATOM   1084 C  C   . LEU B 1 54  ? 10.403  -18.840 0.697   1.00 13.08 ? 54  LEU B C   1 
ATOM   1085 O  O   . LEU B 1 54  ? 11.401  -19.543 0.936   1.00 13.08 ? 54  LEU B O   1 
ATOM   1086 C  CB  . LEU B 1 54  ? 10.623  -16.942 -0.967  1.00 10.91 ? 54  LEU B CB  1 
ATOM   1087 C  CG  . LEU B 1 54  ? 10.762  -15.452 -1.292  1.00 12.34 ? 54  LEU B CG  1 
ATOM   1088 C  CD1 . LEU B 1 54  ? 10.583  -15.228 -2.789  1.00 12.79 ? 54  LEU B CD1 1 
ATOM   1089 C  CD2 . LEU B 1 54  ? 9.724   -14.641 -0.474  1.00 13.42 ? 54  LEU B CD2 1 
ATOM   1090 N  N   . PRO B 1 55  ? 9.166   -19.345 0.623   1.00 14.36 ? 55  PRO B N   1 
ATOM   1091 C  CA  . PRO B 1 55  ? 8.909   -20.761 0.950   1.00 15.48 ? 55  PRO B CA  1 
ATOM   1092 C  C   . PRO B 1 55  ? 9.630   -21.789 0.067   1.00 16.90 ? 55  PRO B C   1 
ATOM   1093 O  O   . PRO B 1 55  ? 9.786   -22.960 0.492   1.00 17.11 ? 55  PRO B O   1 
ATOM   1094 C  CB  . PRO B 1 55  ? 7.379   -20.898 0.817   1.00 15.72 ? 55  PRO B CB  1 
ATOM   1095 C  CG  . PRO B 1 55  ? 6.929   -19.702 0.018   1.00 14.53 ? 55  PRO B CG  1 
ATOM   1096 C  CD  . PRO B 1 55  ? 7.936   -18.603 0.290   1.00 13.40 ? 55  PRO B CD  1 
ATOM   1097 N  N   . ASP B 1 56  ? 10.056  -21.389 -1.132  1.00 17.62 ? 56  ASP B N   1 
ATOM   1098 C  CA  . ASP B 1 56  ? 10.620  -22.379 -2.061  1.00 19.22 ? 56  ASP B CA  1 
ATOM   1099 C  C   . ASP B 1 56  ? 12.120  -22.647 -1.916  1.00 19.56 ? 56  ASP B C   1 
ATOM   1100 O  O   . ASP B 1 56  ? 12.649  -23.573 -2.553  1.00 19.33 ? 56  ASP B O   1 
ATOM   1101 C  CB  . ASP B 1 56  ? 10.328  -21.987 -3.512  1.00 19.67 ? 56  ASP B CB  1 
ATOM   1102 C  CG  . ASP B 1 56  ? 11.157  -20.812 -3.965  1.00 20.41 ? 56  ASP B CG  1 
ATOM   1103 O  OD1 . ASP B 1 56  ? 11.352  -19.871 -3.159  1.00 22.15 ? 56  ASP B OD1 1 
ATOM   1104 O  OD2 . ASP B 1 56  ? 11.651  -20.747 -5.110  0.75 22.19 ? 56  ASP B OD2 1 
ATOM   1105 N  N   . SER B 1 57  ? 12.804  -21.846 -1.104  1.00 19.58 ? 57  SER B N   1 
ATOM   1106 C  CA  . SER B 1 57  ? 14.265  -21.857 -1.089  1.00 20.28 ? 57  SER B CA  1 
ATOM   1107 C  C   . SER B 1 57  ? 14.804  -21.453 0.259   1.00 20.70 ? 57  SER B C   1 
ATOM   1108 O  O   . SER B 1 57  ? 14.208  -20.619 0.945   1.00 20.58 ? 57  SER B O   1 
ATOM   1109 C  CB  . SER B 1 57  ? 14.795  -20.883 -2.140  1.00 20.44 ? 57  SER B CB  1 
ATOM   1110 O  OG  . SER B 1 57  ? 16.193  -20.989 -2.277  1.00 20.57 ? 57  SER B OG  1 
ATOM   1111 N  N   . SER B 1 58  ? 15.947  -22.031 0.618   1.00 20.79 ? 58  SER B N   1 
ATOM   1112 C  CA  . SER B 1 58  ? 16.662  -21.671 1.845   1.00 21.62 ? 58  SER B CA  1 
ATOM   1113 C  C   . SER B 1 58  ? 17.332  -20.302 1.752   1.00 21.41 ? 58  SER B C   1 
ATOM   1114 O  O   . SER B 1 58  ? 17.748  -19.749 2.764   1.00 21.71 ? 58  SER B O   1 
ATOM   1115 C  CB  . SER B 1 58  ? 17.739  -22.717 2.145   1.00 21.87 ? 58  SER B CB  1 
ATOM   1116 O  OG  . SER B 1 58  ? 18.813  -22.583 1.224   1.00 23.03 ? 58  SER B OG  1 
ATOM   1117 N  N   . GLU B 1 59  ? 17.458  -19.796 0.523   1.00 21.50 ? 59  GLU B N   1 
ATOM   1118 C  CA  . GLU B 1 59  ? 18.249  -18.605 0.186   1.00 21.08 ? 59  GLU B CA  1 
ATOM   1119 C  C   . GLU B 1 59  ? 17.579  -17.345 0.749   1.00 19.59 ? 59  GLU B C   1 
ATOM   1120 O  O   . GLU B 1 59  ? 16.364  -17.200 0.672   1.00 18.38 ? 59  GLU B O   1 
ATOM   1121 C  CB  . GLU B 1 59  ? 18.377  -18.516 -1.339  1.00 21.43 ? 59  GLU B CB  1 
ATOM   1122 C  CG  . GLU B 1 59  ? 19.618  -17.783 -1.838  1.00 25.10 ? 59  GLU B CG  1 
ATOM   1123 C  CD  . GLU B 1 59  ? 19.307  -16.441 -2.486  1.00 27.69 ? 59  GLU B CD  1 
ATOM   1124 O  OE1 . GLU B 1 59  ? 18.404  -16.404 -3.360  1.00 30.72 ? 59  GLU B OE1 1 
ATOM   1125 O  OE2 . GLU B 1 59  ? 19.985  -15.429 -2.154  1.00 29.20 ? 59  GLU B OE2 1 
ATOM   1126 N  N   . ARG B 1 60  ? 18.363  -16.470 1.367   1.00 18.58 ? 60  ARG B N   1 
ATOM   1127 C  CA  . ARG B 1 60  ? 17.818  -15.219 1.896   1.00 18.32 ? 60  ARG B CA  1 
ATOM   1128 C  C   . ARG B 1 60  ? 17.990  -14.133 0.848   1.00 17.59 ? 60  ARG B C   1 
ATOM   1129 O  O   . ARG B 1 60  ? 19.080  -13.959 0.302   1.00 18.62 ? 60  ARG B O   1 
ATOM   1130 C  CB  . ARG B 1 60  ? 18.503  -14.839 3.200   1.00 18.36 ? 60  ARG B CB  1 
ATOM   1131 C  CG  . ARG B 1 60  ? 18.428  -15.919 4.270   1.00 18.05 ? 60  ARG B CG  1 
ATOM   1132 C  CD  . ARG B 1 60  ? 19.154  -15.563 5.553   1.00 20.70 ? 60  ARG B CD  1 
ATOM   1133 N  NE  . ARG B 1 60  ? 18.271  -14.789 6.437   1.00 23.55 ? 60  ARG B NE  1 
ATOM   1134 C  CZ  . ARG B 1 60  ? 18.638  -14.224 7.591   1.00 24.79 ? 60  ARG B CZ  1 
ATOM   1135 N  NH1 . ARG B 1 60  ? 19.898  -14.334 8.040   1.00 23.23 ? 60  ARG B NH1 1 
ATOM   1136 N  NH2 . ARG B 1 60  ? 17.735  -13.556 8.309   1.00 23.40 ? 60  ARG B NH2 1 
ATOM   1137 N  N   . LEU B 1 61  ? 16.912  -13.437 0.529   1.00 15.81 ? 61  LEU B N   1 
ATOM   1138 C  CA  . LEU B 1 61  ? 16.970  -12.361 -0.441  1.00 15.66 ? 61  LEU B CA  1 
ATOM   1139 C  C   . LEU B 1 61  ? 17.165  -11.043 0.318   1.00 14.21 ? 61  LEU B C   1 
ATOM   1140 O  O   . LEU B 1 61  ? 16.252  -10.647 1.061   1.00 13.84 ? 61  LEU B O   1 
ATOM   1141 C  CB  . LEU B 1 61  ? 15.638  -12.296 -1.192  1.00 15.31 ? 61  LEU B CB  1 
ATOM   1142 C  CG  . LEU B 1 61  ? 15.333  -13.304 -2.311  1.00 19.68 ? 61  LEU B CG  1 
ATOM   1143 C  CD1 . LEU B 1 61  ? 15.769  -14.714 -2.005  1.00 21.29 ? 61  LEU B CD1 1 
ATOM   1144 C  CD2 . LEU B 1 61  ? 13.856  -13.289 -2.689  1.00 17.19 ? 61  LEU B CD2 1 
ATOM   1145 N  N   . PRO B 1 62  ? 18.295  -10.359 0.140   1.00 12.89 ? 62  PRO B N   1 
ATOM   1146 C  CA  . PRO B 1 62  ? 18.475  -9.052  0.796   1.00 12.73 ? 62  PRO B CA  1 
ATOM   1147 C  C   . PRO B 1 62  ? 17.844  -7.973  -0.045  1.00 13.05 ? 62  PRO B C   1 
ATOM   1148 O  O   . PRO B 1 62  ? 17.911  -8.036  -1.298  1.00 13.47 ? 62  PRO B O   1 
ATOM   1149 C  CB  . PRO B 1 62  ? 19.994  -8.886  0.833   1.00 12.21 ? 62  PRO B CB  1 
ATOM   1150 C  CG  . PRO B 1 62  ? 20.456  -9.651  -0.461  1.00 14.24 ? 62  PRO B CG  1 
ATOM   1151 C  CD  . PRO B 1 62  ? 19.478  -10.767 -0.648  1.00 13.81 ? 62  PRO B CD  1 
ATOM   1152 N  N   . VAL B 1 63  ? 17.141  -7.055  0.589   1.00 11.97 ? 63  VAL B N   1 
ATOM   1153 C  CA  A VAL B 1 63  ? 16.608  -5.923  -0.161  0.50 11.81 ? 63  VAL B CA  1 
ATOM   1154 C  CA  B VAL B 1 63  ? 16.476  -5.954  -0.128  0.50 12.08 ? 63  VAL B CA  1 
ATOM   1155 C  C   . VAL B 1 63  ? 16.675  -4.672  0.689   1.00 11.42 ? 63  VAL B C   1 
ATOM   1156 O  O   . VAL B 1 63  ? 16.440  -4.699  1.897   1.00 11.90 ? 63  VAL B O   1 
ATOM   1157 C  CB  A VAL B 1 63  ? 15.205  -6.193  -0.734  0.50 12.60 ? 63  VAL B CB  1 
ATOM   1158 C  CB  B VAL B 1 63  ? 14.934  -6.220  -0.396  0.50 12.66 ? 63  VAL B CB  1 
ATOM   1159 C  CG1 A VAL B 1 63  ? 14.172  -6.366  0.357   0.50 11.00 ? 63  VAL B CG1 1 
ATOM   1160 C  CG1 B VAL B 1 63  ? 14.597  -7.727  -0.597  0.50 12.75 ? 63  VAL B CG1 1 
ATOM   1161 C  CG2 A VAL B 1 63  ? 14.805  -5.123  -1.754  0.50 12.04 ? 63  VAL B CG2 1 
ATOM   1162 C  CG2 B VAL B 1 63  ? 14.040  -5.626  0.666   0.50 13.60 ? 63  VAL B CG2 1 
ATOM   1163 N  N   . ALA B 1 64  ? 17.113  -3.575  0.079   1.00 11.39 ? 64  ALA B N   1 
ATOM   1164 C  CA  . ALA B 1 64  ? 17.130  -2.312  0.843   1.00 11.67 ? 64  ALA B CA  1 
ATOM   1165 C  C   . ALA B 1 64  ? 15.786  -1.649  0.592   1.00 12.19 ? 64  ALA B C   1 
ATOM   1166 O  O   . ALA B 1 64  ? 15.572  -1.008  -0.440  1.00 10.36 ? 64  ALA B O   1 
ATOM   1167 C  CB  . ALA B 1 64  ? 18.306  -1.392  0.442   1.00 13.51 ? 64  ALA B CB  1 
ATOM   1168 N  N   . GLY B 1 65  ? 14.867  -1.862  1.523   1.00 12.03 ? 65  GLY B N   1 
ATOM   1169 C  CA  . GLY B 1 65  ? 13.504  -1.366  1.383   1.00 11.90 ? 65  GLY B CA  1 
ATOM   1170 C  C   . GLY B 1 65  ? 13.269  -0.009  1.995   1.00 12.64 ? 65  GLY B C   1 
ATOM   1171 O  O   . GLY B 1 65  ? 14.202  0.593   2.553   1.00 13.76 ? 65  GLY B O   1 
ATOM   1172 N  N   . LYS B 1 66  ? 12.025  0.481   1.906   1.00 11.40 ? 66  LYS B N   1 
ATOM   1173 C  CA  . LYS B 1 66  ? 11.652  1.734   2.553   1.00 11.05 ? 66  LYS B CA  1 
ATOM   1174 C  C   . LYS B 1 66  ? 10.372  1.496   3.381   1.00 10.92 ? 66  LYS B C   1 
ATOM   1175 O  O   . LYS B 1 66  ? 9.415   0.858   2.900   1.00 10.96 ? 66  LYS B O   1 
ATOM   1176 C  CB  . LYS B 1 66  ? 11.463  2.850   1.496   1.00 11.32 ? 66  LYS B CB  1 
ATOM   1177 C  CG  . LYS B 1 66  ? 10.967  4.154   2.058   1.00 13.07 ? 66  LYS B CG  1 
ATOM   1178 C  CD  . LYS B 1 66  ? 10.590  5.099   0.932   1.00 15.73 ? 66  LYS B CD  1 
ATOM   1179 C  CE  . LYS B 1 66  ? 9.739   6.254   1.414   1.00 17.31 ? 66  LYS B CE  1 
ATOM   1180 N  NZ  . LYS B 1 66  ? 9.372   7.157   0.251   1.00 18.38 ? 66  LYS B NZ  1 
ATOM   1181 N  N   . VAL B 1 67  ? 10.346  2.013   4.608   1.00 11.18 ? 67  VAL B N   1 
ATOM   1182 C  CA  . VAL B 1 67  ? 9.159   1.872   5.445   1.00 10.91 ? 67  VAL B CA  1 
ATOM   1183 C  C   . VAL B 1 67  ? 8.071   2.785   4.915   1.00 11.33 ? 67  VAL B C   1 
ATOM   1184 O  O   . VAL B 1 67  ? 8.248   4.018   4.880   1.00 11.71 ? 67  VAL B O   1 
ATOM   1185 C  CB  . VAL B 1 67  ? 9.434   2.218   6.932   1.00 11.29 ? 67  VAL B CB  1 
ATOM   1186 C  CG1 . VAL B 1 67  ? 8.166   2.039   7.779   1.00 11.92 ? 67  VAL B CG1 1 
ATOM   1187 C  CG2 . VAL B 1 67  ? 10.523  1.356   7.480   1.00 12.21 ? 67  VAL B CG2 1 
ATOM   1188 N  N   . ILE B 1 68  ? 6.952   2.195   4.501   1.00 11.25 ? 68  ILE B N   1 
ATOM   1189 C  CA  . ILE B 1 68  ? 5.842   3.004   3.968   1.00 12.50 ? 68  ILE B CA  1 
ATOM   1190 C  C   . ILE B 1 68  ? 4.591   3.020   4.851   1.00 14.42 ? 68  ILE B C   1 
ATOM   1191 O  O   . ILE B 1 68  ? 3.683   3.813   4.610   1.00 13.62 ? 68  ILE B O   1 
ATOM   1192 C  CB  . ILE B 1 68  ? 5.488   2.617   2.517   1.00 12.66 ? 68  ILE B CB  1 
ATOM   1193 C  CG1 . ILE B 1 68  ? 5.426   1.081   2.388   1.00 11.89 ? 68  ILE B CG1 1 
ATOM   1194 C  CG2 . ILE B 1 68  ? 6.534   3.199   1.566   1.00 11.59 ? 68  ILE B CG2 1 
ATOM   1195 C  CD1 . ILE B 1 68  ? 4.579   0.548   1.272   1.00 11.79 ? 68  ILE B CD1 1 
ATOM   1196 N  N   . TRP B 1 69  ? 4.518   2.135   5.843   1.00 16.78 ? 69  TRP B N   1 
ATOM   1197 C  CA  . TRP B 1 69  ? 3.504   2.297   6.869   1.00 19.81 ? 69  TRP B CA  1 
ATOM   1198 C  C   . TRP B 1 69  ? 3.802   1.413   8.053   1.00 20.31 ? 69  TRP B C   1 
ATOM   1199 O  O   . TRP B 1 69  ? 4.727   0.589   8.020   1.00 19.51 ? 69  TRP B O   1 
ATOM   1200 C  CB  . TRP B 1 69  ? 2.097   2.060   6.338   1.00 20.41 ? 69  TRP B CB  1 
ATOM   1201 C  CG  . TRP B 1 69  ? 1.932   0.767   5.627   1.00 22.22 ? 69  TRP B CG  1 
ATOM   1202 C  CD1 . TRP B 1 69  ? 2.037   0.533   4.269   1.00 23.85 ? 69  TRP B CD1 1 
ATOM   1203 C  CD2 . TRP B 1 69  ? 1.603   -0.469  6.217   1.00 22.96 ? 69  TRP B CD2 1 
ATOM   1204 N  NE1 . TRP B 1 69  ? 1.787   -0.791  3.998   1.00 24.06 ? 69  TRP B NE1 1 
ATOM   1205 C  CE2 . TRP B 1 69  ? 1.518   -1.427  5.183   1.00 22.80 ? 69  TRP B CE2 1 
ATOM   1206 C  CE3 . TRP B 1 69  ? 1.369   -0.877  7.525   1.00 20.80 ? 69  TRP B CE3 1 
ATOM   1207 C  CZ2 . TRP B 1 69  ? 1.213   -2.755  5.427   1.00 22.86 ? 69  TRP B CZ2 1 
ATOM   1208 C  CZ3 . TRP B 1 69  ? 1.060   -2.194  7.759   1.00 23.85 ? 69  TRP B CZ3 1 
ATOM   1209 C  CH2 . TRP B 1 69  ? 0.983   -3.116  6.717   1.00 22.91 ? 69  TRP B CH2 1 
ATOM   1210 N  N   . THR B 1 70  ? 3.036   1.632   9.115   1.00 20.87 ? 70  THR B N   1 
ATOM   1211 C  CA  . THR B 1 70  ? 3.161   0.818   10.330  1.00 21.81 ? 70  THR B CA  1 
ATOM   1212 C  C   . THR B 1 70  ? 1.777   0.425   10.836  1.00 21.72 ? 70  THR B C   1 
ATOM   1213 O  O   . THR B 1 70  ? 0.845   1.232   10.755  1.00 22.28 ? 70  THR B O   1 
ATOM   1214 C  CB  . THR B 1 70  ? 3.858   1.631   11.425  1.00 22.57 ? 70  THR B CB  1 
ATOM   1215 O  OG1 . THR B 1 70  ? 2.992   2.714   11.802  1.00 21.02 ? 70  THR B OG1 1 
ATOM   1216 C  CG2 . THR B 1 70  ? 5.144   2.309   10.883  1.00 22.15 ? 70  THR B CG2 1 
ATOM   1217 N  N   . THR B 1 71  ? 1.652   -0.789  11.379  1.00 21.69 ? 71  THR B N   1 
ATOM   1218 C  CA  . THR B 1 71  ? 0.420   -1.244  12.030  1.00 21.50 ? 71  THR B CA  1 
ATOM   1219 C  C   . THR B 1 71  ? 0.700   -1.883  13.384  1.00 20.88 ? 71  THR B C   1 
ATOM   1220 O  O   . THR B 1 71  ? 1.679   -2.609  13.517  1.00 19.72 ? 71  THR B O   1 
ATOM   1221 C  CB  . THR B 1 71  ? -0.336  -2.274  11.165  1.00 21.94 ? 71  THR B CB  1 
ATOM   1222 O  OG1 . THR B 1 71  ? 0.529   -3.385  10.886  1.00 23.53 ? 71  THR B OG1 1 
ATOM   1223 C  CG2 . THR B 1 71  ? -0.669  -1.711  9.782   1.00 22.60 ? 71  THR B CG2 1 
ATOM   1224 N  N   . PRO B 1 72  ? -0.158  -1.605  14.370  1.00 20.54 ? 72  PRO B N   1 
ATOM   1225 C  CA  . PRO B 1 72  ? -0.159  -2.329  15.653  1.00 20.79 ? 72  PRO B CA  1 
ATOM   1226 C  C   . PRO B 1 72  ? -0.832  -3.702  15.521  1.00 21.11 ? 72  PRO B C   1 
ATOM   1227 O  O   . PRO B 1 72  ? -1.426  -3.988  14.477  1.00 21.42 ? 72  PRO B O   1 
ATOM   1228 C  CB  . PRO B 1 72  ? -1.025  -1.442  16.551  1.00 20.85 ? 72  PRO B CB  1 
ATOM   1229 C  CG  . PRO B 1 72  ? -1.999  -0.818  15.607  1.00 21.07 ? 72  PRO B CG  1 
ATOM   1230 C  CD  . PRO B 1 72  ? -1.206  -0.567  14.332  1.00 20.80 ? 72  PRO B CD  1 
ATOM   1231 N  N   . ALA B 1 73  ? -0.769  -4.519  16.571  1.00 21.49 ? 73  ALA B N   1 
ATOM   1232 C  CA  . ALA B 1 73  ? -1.299  -5.883  16.533  1.00 21.41 ? 73  ALA B CA  1 
ATOM   1233 C  C   . ALA B 1 73  ? -2.825  -5.917  16.518  1.00 21.39 ? 73  ALA B C   1 
ATOM   1234 O  O   . ALA B 1 73  ? -3.481  -5.215  17.287  1.00 21.31 ? 73  ALA B O   1 
ATOM   1235 C  CB  . ALA B 1 73  ? -0.759  -6.692  17.703  0.30 21.49 ? 73  ALA B CB  1 
ATOM   1236 N  N   . ALA B 1 80  ? -0.114  -8.991  13.770  1.00 17.33 ? 80  ALA B N   1 
ATOM   1237 C  CA  . ALA B 1 80  ? 0.941   -8.590  14.707  1.00 16.61 ? 80  ALA B CA  1 
ATOM   1238 C  C   . ALA B 1 80  ? 1.424   -7.185  14.382  1.00 15.51 ? 80  ALA B C   1 
ATOM   1239 O  O   . ALA B 1 80  ? 1.225   -6.712  13.280  1.00 15.78 ? 80  ALA B O   1 
ATOM   1240 C  CB  . ALA B 1 80  ? 2.117   -9.582  14.643  1.00 16.88 ? 80  ALA B CB  1 
ATOM   1241 N  N   . ALA B 1 81  ? 2.074   -6.524  15.333  1.00 14.25 ? 81  ALA B N   1 
ATOM   1242 C  CA  . ALA B 1 81  ? 2.688   -5.232  15.053  1.00 13.48 ? 81  ALA B CA  1 
ATOM   1243 C  C   . ALA B 1 81  ? 3.665   -5.414  13.878  1.00 12.65 ? 81  ALA B C   1 
ATOM   1244 O  O   . ALA B 1 81  ? 4.305   -6.467  13.747  1.00 11.96 ? 81  ALA B O   1 
ATOM   1245 C  CB  . ALA B 1 81  ? 3.416   -4.716  16.312  1.00 13.55 ? 81  ALA B CB  1 
ATOM   1246 N  N   . GLY B 1 82  ? 3.762   -4.428  12.988  1.00 12.24 ? 82  GLY B N   1 
ATOM   1247 C  CA  . GLY B 1 82  ? 4.727   -4.544  11.920  1.00 12.15 ? 82  GLY B CA  1 
ATOM   1248 C  C   . GLY B 1 82  ? 4.809   -3.308  11.049  1.00 12.19 ? 82  GLY B C   1 
ATOM   1249 O  O   . GLY B 1 82  ? 4.306   -2.213  11.390  1.00 11.81 ? 82  GLY B O   1 
ATOM   1250 N  N   . ILE B 1 83  ? 5.402   -3.490  9.884   1.00 11.90 ? 83  ILE B N   1 
ATOM   1251 C  CA  . ILE B 1 83  ? 5.600   -2.370  8.973   1.00 11.83 ? 83  ILE B CA  1 
ATOM   1252 C  C   . ILE B 1 83  ? 5.358   -2.821  7.542   1.00 12.21 ? 83  ILE B C   1 
ATOM   1253 O  O   . ILE B 1 83  ? 5.550   -4.013  7.207   1.00 11.40 ? 83  ILE B O   1 
ATOM   1254 C  CB  . ILE B 1 83  ? 7.020   -1.798  9.099   1.00 12.69 ? 83  ILE B CB  1 
ATOM   1255 C  CG1 . ILE B 1 83  ? 8.093   -2.883  8.830   1.00 13.51 ? 83  ILE B CG1 1 
ATOM   1256 C  CG2 . ILE B 1 83  ? 7.269   -1.175  10.487  1.00 12.19 ? 83  ILE B CG2 1 
ATOM   1257 C  CD1 . ILE B 1 83  ? 9.517   -2.315  8.548   1.00 12.62 ? 83  ILE B CD1 1 
ATOM   1258 N  N   . GLY B 1 84  ? 4.948   -1.870  6.697   1.00 12.12 ? 84  GLY B N   1 
ATOM   1259 C  CA  . GLY B 1 84  ? 4.872   -2.117  5.259   1.00 11.87 ? 84  GLY B CA  1 
ATOM   1260 C  C   . GLY B 1 84  ? 6.232   -1.674  4.714   1.00 12.04 ? 84  GLY B C   1 
ATOM   1261 O  O   . GLY B 1 84  ? 6.708   -0.576  5.030   1.00 12.25 ? 84  GLY B O   1 
ATOM   1262 N  N   . VAL B 1 85  ? 6.864   -2.533  3.921   1.00 12.50 ? 85  VAL B N   1 
ATOM   1263 C  CA  . VAL B 1 85  ? 8.168   -2.254  3.291   1.00 11.36 ? 85  VAL B CA  1 
ATOM   1264 C  C   . VAL B 1 85  ? 8.003   -2.188  1.761   1.00 11.69 ? 85  VAL B C   1 
ATOM   1265 O  O   . VAL B 1 85  ? 7.542   -3.149  1.163   1.00 11.40 ? 85  VAL B O   1 
ATOM   1266 C  CB  . VAL B 1 85  ? 9.178   -3.358  3.633   1.00 11.82 ? 85  VAL B CB  1 
ATOM   1267 C  CG1 . VAL B 1 85  ? 10.556  -3.061  2.952   1.00 11.51 ? 85  VAL B CG1 1 
ATOM   1268 C  CG2 . VAL B 1 85  ? 9.316   -3.404  5.183   1.00 11.40 ? 85  VAL B CG2 1 
ATOM   1269 N  N   . GLN B 1 86  ? 8.391   -1.067  1.165   1.00 10.68 ? 86  GLN B N   1 
ATOM   1270 C  CA  . GLN B 1 86  ? 8.351   -0.883  -0.280  1.00 11.59 ? 86  GLN B CA  1 
ATOM   1271 C  C   . GLN B 1 86  ? 9.690   -1.338  -0.883  1.00 12.14 ? 86  GLN B C   1 
ATOM   1272 O  O   . GLN B 1 86  ? 10.780  -0.965  -0.383  1.00 11.00 ? 86  GLN B O   1 
ATOM   1273 C  CB  . GLN B 1 86  ? 8.157   0.589   -0.581  1.00 10.80 ? 86  GLN B CB  1 
ATOM   1274 C  CG  . GLN B 1 86  ? 8.216   0.922   -2.125  1.00 10.98 ? 86  GLN B CG  1 
ATOM   1275 C  CD  . GLN B 1 86  ? 7.808   2.332   -2.347  1.00 13.04 ? 86  GLN B CD  1 
ATOM   1276 O  OE1 . GLN B 1 86  ? 8.183   3.184   -1.561  1.00 12.67 ? 86  GLN B OE1 1 
ATOM   1277 N  NE2 . GLN B 1 86  ? 6.961   2.581   -3.351  1.00 10.50 ? 86  GLN B NE2 1 
ATOM   1278 N  N   . PHE B 1 87  ? 9.624   -2.137  -1.948  1.00 12.03 ? 87  PHE B N   1 
ATOM   1279 C  CA  . PHE B 1 87  ? 10.882  -2.529  -2.600  1.00 12.04 ? 87  PHE B CA  1 
ATOM   1280 C  C   . PHE B 1 87  ? 11.418  -1.363  -3.432  1.00 11.99 ? 87  PHE B C   1 
ATOM   1281 O  O   . PHE B 1 87  ? 10.608  -0.586  -3.950  1.00 13.97 ? 87  PHE B O   1 
ATOM   1282 C  CB  . PHE B 1 87  ? 10.671  -3.746  -3.505  1.00 11.45 ? 87  PHE B CB  1 
ATOM   1283 C  CG  . PHE B 1 87  ? 10.109  -4.945  -2.778  1.00 12.09 ? 87  PHE B CG  1 
ATOM   1284 C  CD1 . PHE B 1 87  ? 10.465  -5.200  -1.459  1.00 15.84 ? 87  PHE B CD1 1 
ATOM   1285 C  CD2 . PHE B 1 87  ? 9.248   -5.834  -3.443  1.00 11.05 ? 87  PHE B CD2 1 
ATOM   1286 C  CE1 . PHE B 1 87  ? 9.954   -6.311  -0.784  1.00 14.80 ? 87  PHE B CE1 1 
ATOM   1287 C  CE2 . PHE B 1 87  ? 8.720   -6.933  -2.775  1.00 14.01 ? 87  PHE B CE2 1 
ATOM   1288 C  CZ  . PHE B 1 87  ? 9.072   -7.165  -1.440  1.00 11.73 ? 87  PHE B CZ  1 
ATOM   1289 N  N   . PRO B 1 88  ? 12.741  -1.244  -3.601  1.00 12.58 ? 88  PRO B N   1 
ATOM   1290 C  CA  . PRO B 1 88  ? 13.296  -0.173  -4.436  1.00 12.42 ? 88  PRO B CA  1 
ATOM   1291 C  C   . PRO B 1 88  ? 12.858  -0.328  -5.893  1.00 13.57 ? 88  PRO B C   1 
ATOM   1292 O  O   . PRO B 1 88  ? 12.627  -1.452  -6.369  1.00 12.99 ? 88  PRO B O   1 
ATOM   1293 C  CB  . PRO B 1 88  ? 14.816  -0.340  -4.297  1.00 13.47 ? 88  PRO B CB  1 
ATOM   1294 C  CG  . PRO B 1 88  ? 15.019  -1.676  -3.736  1.00 12.99 ? 88  PRO B CG  1 
ATOM   1295 C  CD  . PRO B 1 88  ? 13.799  -2.089  -3.013  1.00 10.97 ? 88  PRO B CD  1 
ATOM   1296 N  N   . ASP B 1 89  ? 12.765  0.813   -6.560  1.00 13.66 ? 89  ASP B N   1 
ATOM   1297 C  CA  . ASP B 1 89  ? 12.265  0.999   -7.925  1.00 16.68 ? 89  ASP B CA  1 
ATOM   1298 C  C   . ASP B 1 89  ? 13.058  0.303   -9.048  1.00 17.09 ? 89  ASP B C   1 
ATOM   1299 O  O   . ASP B 1 89  ? 12.475  -0.106  -10.080 1.00 19.30 ? 89  ASP B O   1 
ATOM   1300 C  CB  . ASP B 1 89  ? 12.231  2.526   -8.214  0.80 15.73 ? 89  ASP B CB  1 
ATOM   1301 C  CG  . ASP B 1 89  ? 11.216  2.915   -9.286  0.80 17.51 ? 89  ASP B CG  1 
ATOM   1302 O  OD1 . ASP B 1 89  ? 10.848  2.060   -10.113 0.80 19.08 ? 89  ASP B OD1 1 
ATOM   1303 O  OD2 . ASP B 1 89  ? 10.730  4.064   -9.392  0.80 16.30 ? 89  ASP B OD2 1 
ATOM   1304 N  N   . GLY B 1 90  ? 14.364  0.170   -8.875  1.00 16.63 ? 90  GLY B N   1 
ATOM   1305 C  CA  . GLY B 1 90  ? 15.212  -0.402  -9.934  1.00 17.14 ? 90  GLY B CA  1 
ATOM   1306 C  C   . GLY B 1 90  ? 15.386  -1.925  -9.964  1.00 16.90 ? 90  GLY B C   1 
ATOM   1307 O  O   . GLY B 1 90  ? 14.581  -2.644  -9.359  1.00 15.92 ? 90  GLY B O   1 
ATOM   1308 N  N   . PRO B 1 91  ? 16.451  -2.414  -10.624 1.00 16.55 ? 91  PRO B N   1 
ATOM   1309 C  CA  . PRO B 1 91  ? 16.689  -3.862  -10.798 1.00 17.10 ? 91  PRO B CA  1 
ATOM   1310 C  C   . PRO B 1 91  ? 16.899  -4.657  -9.511  1.00 17.82 ? 91  PRO B C   1 
ATOM   1311 O  O   . PRO B 1 91  ? 16.569  -5.853  -9.454  1.00 18.37 ? 91  PRO B O   1 
ATOM   1312 C  CB  . PRO B 1 91  ? 17.990  -3.919  -11.624 1.00 15.81 ? 91  PRO B CB  1 
ATOM   1313 C  CG  . PRO B 1 91  ? 18.144  -2.594  -12.164 1.00 16.12 ? 91  PRO B CG  1 
ATOM   1314 C  CD  . PRO B 1 91  ? 17.520  -1.612  -11.253 1.00 16.12 ? 91  PRO B CD  1 
ATOM   1315 N  N   . GLU B 1 92  ? 17.446  -4.021  -8.485  1.00 19.29 ? 92  GLU B N   1 
ATOM   1316 C  CA  . GLU B 1 92  ? 17.578  -4.679  -7.168  1.00 19.60 ? 92  GLU B CA  1 
ATOM   1317 C  C   . GLU B 1 92  ? 16.207  -5.067  -6.559  1.00 18.65 ? 92  GLU B C   1 
ATOM   1318 O  O   . GLU B 1 92  ? 16.033  -6.190  -6.004  1.00 18.07 ? 92  GLU B O   1 
ATOM   1319 C  CB  . GLU B 1 92  ? 18.412  -3.803  -6.213  1.00 20.49 ? 92  GLU B CB  1 
ATOM   1320 C  CG  . GLU B 1 92  ? 17.833  -2.398  -5.980  1.00 22.09 ? 92  GLU B CG  1 
ATOM   1321 C  CD  . GLU B 1 92  ? 18.723  -1.546  -5.073  0.75 21.29 ? 92  GLU B CD  1 
ATOM   1322 O  OE1 . GLU B 1 92  ? 19.901  -1.334  -5.429  0.75 24.64 ? 92  GLU B OE1 1 
ATOM   1323 O  OE2 . GLU B 1 92  ? 18.253  -1.075  -4.007  0.75 23.02 ? 92  GLU B OE2 1 
ATOM   1324 N  N   . GLY B 1 93  ? 15.222  -4.184  -6.727  1.00 16.87 ? 93  GLY B N   1 
ATOM   1325 C  CA  . GLY B 1 93  ? 13.892  -4.463  -6.251  1.00 15.71 ? 93  GLY B CA  1 
ATOM   1326 C  C   . GLY B 1 93  ? 13.172  -5.477  -7.127  1.00 15.00 ? 93  GLY B C   1 
ATOM   1327 O  O   . GLY B 1 93  ? 12.482  -6.334  -6.626  1.00 13.75 ? 93  GLY B O   1 
ATOM   1328 N  N   . GLU B 1 94  ? 13.370  -5.376  -8.427  1.00 15.90 ? 94  GLU B N   1 
ATOM   1329 C  CA  . GLU B 1 94  ? 12.645  -6.170  -9.441  1.00 16.26 ? 94  GLU B CA  1 
ATOM   1330 C  C   . GLU B 1 94  ? 12.847  -7.649  -9.215  1.00 15.91 ? 94  GLU B C   1 
ATOM   1331 O  O   . GLU B 1 94  ? 11.916  -8.445  -9.336  1.00 15.63 ? 94  GLU B O   1 
ATOM   1332 C  CB  . GLU B 1 94  ? 13.183  -5.821  -10.839 1.00 17.29 ? 94  GLU B CB  1 
ATOM   1333 C  CG  . GLU B 1 94  ? 12.151  -5.677  -11.943 0.50 16.67 ? 94  GLU B CG  1 
ATOM   1334 C  CD  . GLU B 1 94  ? 12.295  -4.363  -12.706 0.50 17.40 ? 94  GLU B CD  1 
ATOM   1335 O  OE1 . GLU B 1 94  ? 13.437  -3.893  -12.912 0.20 15.73 ? 94  GLU B OE1 1 
ATOM   1336 O  OE2 . GLU B 1 94  ? 11.248  -3.799  -13.111 0.70 19.84 ? 94  GLU B OE2 1 
ATOM   1337 N  N   . ALA B 1 95  ? 14.080  -8.005  -8.893  1.00 15.44 ? 95  ALA B N   1 
ATOM   1338 C  CA  . ALA B 1 95  ? 14.440  -9.390  -8.571  1.00 16.91 ? 95  ALA B CA  1 
ATOM   1339 C  C   . ALA B 1 95  ? 13.572  -10.022 -7.455  1.00 17.04 ? 95  ALA B C   1 
ATOM   1340 O  O   . ALA B 1 95  ? 13.060  -11.131 -7.589  1.00 16.82 ? 95  ALA B O   1 
ATOM   1341 C  CB  . ALA B 1 95  ? 15.880  -9.428  -8.163  1.00 16.93 ? 95  ALA B CB  1 
ATOM   1342 N  N   . VAL B 1 96  ? 13.458  -9.330  -6.323  1.00 17.05 ? 96  VAL B N   1 
ATOM   1343 C  CA  . VAL B 1 96  ? 12.597  -9.806  -5.255  1.00 16.13 ? 96  VAL B CA  1 
ATOM   1344 C  C   . VAL B 1 96  ? 11.161  -9.824  -5.718  1.00 16.14 ? 96  VAL B C   1 
ATOM   1345 O  O   . VAL B 1 96  ? 10.423  -10.798 -5.497  1.00 15.44 ? 96  VAL B O   1 
ATOM   1346 C  CB  . VAL B 1 96  ? 12.797  -8.960  -3.948  1.00 17.81 ? 96  VAL B CB  1 
ATOM   1347 C  CG1 . VAL B 1 96  ? 12.462  -7.480  -4.145  1.00 19.09 ? 96  VAL B CG1 1 
ATOM   1348 C  CG2 . VAL B 1 96  ? 11.997  -9.506  -2.790  1.00 18.14 ? 96  VAL B CG2 1 
ATOM   1349 N  N   . ARG B 1 97  ? 10.704  -8.775  -6.385  1.00 16.06 ? 97  ARG B N   1 
ATOM   1350 C  CA  A ARG B 1 97  ? 9.326   -8.755  -6.873  0.50 16.68 ? 97  ARG B CA  1 
ATOM   1351 C  CA  B ARG B 1 97  ? 9.300   -8.839  -6.763  0.50 16.57 ? 97  ARG B CA  1 
ATOM   1352 C  C   . ARG B 1 97  ? 9.060   -9.932  -7.819  1.00 17.13 ? 97  ARG B C   1 
ATOM   1353 O  O   . ARG B 1 97  ? 8.034   -10.637 -7.747  1.00 17.19 ? 97  ARG B O   1 
ATOM   1354 C  CB  A ARG B 1 97  ? 9.042   -7.460  -7.631  0.50 16.69 ? 97  ARG B CB  1 
ATOM   1355 C  CB  B ARG B 1 97  ? 8.713   -7.476  -7.134  0.50 17.08 ? 97  ARG B CB  1 
ATOM   1356 C  CG  A ARG B 1 97  ? 7.615   -7.455  -8.162  0.50 17.24 ? 97  ARG B CG  1 
ATOM   1357 C  CG  B ARG B 1 97  ? 9.598   -6.622  -7.942  0.50 16.32 ? 97  ARG B CG  1 
ATOM   1358 C  CD  A ARG B 1 97  ? 7.179   -6.195  -8.832  0.50 17.44 ? 97  ARG B CD  1 
ATOM   1359 C  CD  B ARG B 1 97  ? 8.983   -5.338  -8.431  0.50 17.34 ? 97  ARG B CD  1 
ATOM   1360 N  NE  A ARG B 1 97  ? 5.801   -5.946  -8.434  0.50 18.53 ? 97  ARG B NE  1 
ATOM   1361 N  NE  B ARG B 1 97  ? 9.923   -4.637  -9.300  0.50 15.30 ? 97  ARG B NE  1 
ATOM   1362 C  CZ  A ARG B 1 97  ? 5.134   -4.830  -8.660  0.50 16.71 ? 97  ARG B CZ  1 
ATOM   1363 C  CZ  B ARG B 1 97  ? 10.751  -3.665  -8.914  0.50 15.45 ? 97  ARG B CZ  1 
ATOM   1364 N  NH1 A ARG B 1 97  ? 5.694   -3.829  -9.326  0.50 15.25 ? 97  ARG B NH1 1 
ATOM   1365 N  NH1 B ARG B 1 97  ? 10.767  -3.199  -7.662  0.50 3.35  ? 97  ARG B NH1 1 
ATOM   1366 N  NH2 A ARG B 1 97  ? 3.888   -4.737  -8.224  0.50 15.71 ? 97  ARG B NH2 1 
ATOM   1367 N  NH2 B ARG B 1 97  ? 11.567  -3.143  -9.817  0.50 16.56 ? 97  ARG B NH2 1 
ATOM   1368 N  N   . ASN B 1 98  ? 9.966   -10.102 -8.774  1.00 15.89 ? 98  ASN B N   1 
ATOM   1369 C  CA  . ASN B 1 98  ? 9.824   -11.190 -9.746  1.00 16.04 ? 98  ASN B CA  1 
ATOM   1370 C  C   . ASN B 1 98  ? 9.800   -12.594 -9.110  1.00 15.73 ? 98  ASN B C   1 
ATOM   1371 O  O   . ASN B 1 98  ? 9.046   -13.463 -9.562  1.00 14.44 ? 98  ASN B O   1 
ATOM   1372 C  CB  . ASN B 1 98  ? 10.926  -11.109 -10.791 1.00 15.07 ? 98  ASN B CB  1 
ATOM   1373 C  CG  . ASN B 1 98  ? 10.833  -9.810  -11.619 1.00 18.97 ? 98  ASN B CG  1 
ATOM   1374 O  OD1 . ASN B 1 98  ? 9.784   -9.112  -11.588 1.00 19.84 ? 98  ASN B OD1 1 
ATOM   1375 N  ND2 . ASN B 1 98  ? 11.916  -9.465  -12.341 1.00 17.54 ? 98  ASN B ND2 1 
ATOM   1376 N  N   . LYS B 1 99  ? 10.678  -12.817 -8.137  1.00 15.51 ? 99  LYS B N   1 
ATOM   1377 C  CA  . LYS B 1 99  ? 10.704  -14.079 -7.408  1.00 15.27 ? 99  LYS B CA  1 
ATOM   1378 C  C   . LYS B 1 99  ? 9.389   -14.312 -6.701  1.00 14.67 ? 99  LYS B C   1 
ATOM   1379 O  O   . LYS B 1 99  ? 8.854   -15.414 -6.769  1.00 15.45 ? 99  LYS B O   1 
ATOM   1380 C  CB  . LYS B 1 99  ? 11.892  -14.152 -6.455  1.00 15.06 ? 99  LYS B CB  1 
ATOM   1381 C  CG  . LYS B 1 99  ? 13.202  -14.409 -7.218  1.00 17.85 ? 99  LYS B CG  1 
ATOM   1382 C  CD  . LYS B 1 99  ? 14.442  -14.442 -6.326  1.00 17.03 ? 99  LYS B CD  1 
ATOM   1383 C  CE  . LYS B 1 99  ? 15.707  -14.792 -7.109  0.25 16.64 ? 99  LYS B CE  1 
ATOM   1384 N  NZ  . LYS B 1 99  ? 16.019  -13.777 -8.152  0.25 15.68 ? 99  LYS B NZ  1 
ATOM   1385 N  N   . ILE B 1 100 ? 8.859   -13.302 -6.008  1.00 14.59 ? 100 ILE B N   1 
ATOM   1386 C  CA  . ILE B 1 100 ? 7.549   -13.425 -5.374  1.00 14.14 ? 100 ILE B CA  1 
ATOM   1387 C  C   . ILE B 1 100 ? 6.428   -13.732 -6.381  1.00 15.25 ? 100 ILE B C   1 
ATOM   1388 O  O   . ILE B 1 100 ? 5.596   -14.643 -6.177  1.00 15.60 ? 100 ILE B O   1 
ATOM   1389 C  CB  . ILE B 1 100 ? 7.243   -12.135 -4.620  1.00 13.42 ? 100 ILE B CB  1 
ATOM   1390 C  CG1 . ILE B 1 100 ? 8.154   -12.079 -3.385  1.00 11.60 ? 100 ILE B CG1 1 
ATOM   1391 C  CG2 . ILE B 1 100 ? 5.793   -12.141 -4.212  1.00 16.31 ? 100 ILE B CG2 1 
ATOM   1392 C  CD1 . ILE B 1 100 ? 8.233   -10.669 -2.714  1.00 10.85 ? 100 ILE B CD1 1 
ATOM   1393 N  N   . GLU B 1 101 ? 6.407   -12.967 -7.474  1.00 13.70 ? 101 GLU B N   1 
ATOM   1394 C  CA  . GLU B 1 101 ? 5.343   -13.155 -8.452  1.00 14.04 ? 101 GLU B CA  1 
ATOM   1395 C  C   . GLU B 1 101 ? 5.401   -14.525 -9.113  1.00 14.06 ? 101 GLU B C   1 
ATOM   1396 O  O   . GLU B 1 101 ? 4.360   -15.124 -9.380  1.00 13.18 ? 101 GLU B O   1 
ATOM   1397 C  CB  . GLU B 1 101 ? 5.362   -12.006 -9.436  1.00 14.56 ? 101 GLU B CB  1 
ATOM   1398 C  CG  . GLU B 1 101 ? 5.002   -10.736 -8.680  1.00 14.09 ? 101 GLU B CG  1 
ATOM   1399 C  CD  . GLU B 1 101 ? 4.268   -9.765  -9.529  1.00 17.72 ? 101 GLU B CD  1 
ATOM   1400 O  OE1 . GLU B 1 101 ? 3.782   -10.203 -10.602 1.00 20.62 ? 101 GLU B OE1 1 
ATOM   1401 O  OE2 . GLU B 1 101 ? 4.176   -8.578  -9.113  1.00 21.22 ? 101 GLU B OE2 1 
ATOM   1402 N  N   . THR B 1 102 ? 6.609   -15.047 -9.324  1.00 13.02 ? 102 THR B N   1 
ATOM   1403 C  CA  . THR B 1 102 ? 6.767   -16.385 -9.866  1.00 13.28 ? 102 THR B CA  1 
ATOM   1404 C  C   . THR B 1 102 ? 6.173   -17.425 -8.903  1.00 13.66 ? 102 THR B C   1 
ATOM   1405 O  O   . THR B 1 102 ? 5.447   -18.345 -9.323  1.00 12.25 ? 102 THR B O   1 
ATOM   1406 C  CB  . THR B 1 102 ? 8.267   -16.613 -10.187 1.00 12.18 ? 102 THR B CB  1 
ATOM   1407 O  OG1 . THR B 1 102 ? 8.569   -15.886 -11.403 1.00 10.89 ? 102 THR B OG1 1 
ATOM   1408 C  CG2 . THR B 1 102 ? 8.574   -18.072 -10.563 1.00 13.06 ? 102 THR B CG2 1 
ATOM   1409 N  N   . LEU B 1 103 ? 6.451   -17.257 -7.609  1.00 12.99 ? 103 LEU B N   1 
ATOM   1410 C  CA  . LEU B 1 103 ? 5.932   -18.209 -6.645  1.00 12.88 ? 103 LEU B CA  1 
ATOM   1411 C  C   . LEU B 1 103 ? 4.433   -18.155 -6.507  1.00 12.49 ? 103 LEU B C   1 
ATOM   1412 O  O   . LEU B 1 103 ? 3.788   -19.168 -6.310  1.00 11.80 ? 103 LEU B O   1 
ATOM   1413 C  CB  . LEU B 1 103 ? 6.592   -17.997 -5.268  1.00 13.07 ? 103 LEU B CB  1 
ATOM   1414 C  CG  . LEU B 1 103 ? 7.983   -18.542 -5.066  1.00 15.79 ? 103 LEU B CG  1 
ATOM   1415 C  CD1 . LEU B 1 103 ? 8.395   -18.260 -3.607  1.00 14.32 ? 103 LEU B CD1 1 
ATOM   1416 C  CD2 . LEU B 1 103 ? 8.036   -20.056 -5.315  1.00 16.56 ? 103 LEU B CD2 1 
ATOM   1417 N  N   . LEU B 1 104 ? 3.872   -16.962 -6.583  1.00 13.43 ? 104 LEU B N   1 
ATOM   1418 C  CA  . LEU B 1 104 ? 2.432   -16.806 -6.452  1.00 13.06 ? 104 LEU B CA  1 
ATOM   1419 C  C   . LEU B 1 104 ? 1.693   -17.179 -7.728  1.00 13.96 ? 104 LEU B C   1 
ATOM   1420 O  O   . LEU B 1 104 ? 0.507   -17.497 -7.663  1.00 13.37 ? 104 LEU B O   1 
ATOM   1421 C  CB  . LEU B 1 104 ? 2.049   -15.413 -5.971  1.00 12.81 ? 104 LEU B CB  1 
ATOM   1422 C  CG  . LEU B 1 104 ? 2.581   -15.004 -4.595  1.00 11.17 ? 104 LEU B CG  1 
ATOM   1423 C  CD1 . LEU B 1 104 ? 2.354   -13.528 -4.377  1.00 11.53 ? 104 LEU B CD1 1 
ATOM   1424 C  CD2 . LEU B 1 104 ? 2.005   -15.797 -3.449  1.00 11.56 ? 104 LEU B CD2 1 
ATOM   1425 N  N   . ALA B 1 105 ? 2.374   -17.185 -8.873  1.00 14.41 ? 105 ALA B N   1 
ATOM   1426 C  CA  . ALA B 1 105 ? 1.736   -17.720 -10.104 1.00 15.60 ? 105 ALA B CA  1 
ATOM   1427 C  C   . ALA B 1 105 ? 1.375   -19.188 -9.930  1.00 16.14 ? 105 ALA B C   1 
ATOM   1428 O  O   . ALA B 1 105 ? 0.405   -19.675 -10.514 1.00 17.54 ? 105 ALA B O   1 
ATOM   1429 C  CB  . ALA B 1 105 ? 2.630   -17.547 -11.314 1.00 15.32 ? 105 ALA B CB  1 
ATOM   1430 N  N   . GLY B 1 106 ? 2.183   -19.890 -9.145  1.00 17.45 ? 106 GLY B N   1 
ATOM   1431 C  CA  . GLY B 1 106 ? 1.879   -21.251 -8.719  1.00 17.94 ? 106 GLY B CA  1 
ATOM   1432 C  C   . GLY B 1 106 ? 1.247   -21.279 -7.344  1.00 17.91 ? 106 GLY B C   1 
ATOM   1433 O  O   . GLY B 1 106 ? 0.802   -22.343 -6.892  1.00 19.49 ? 106 GLY B O   1 
HETATM 1434 O  O   . HOH C 2 .   ? -7.474  -0.420  14.152  0.50 44.65 ? 106 HOH A O   1 
HETATM 1435 O  O   . HOH C 2 .   ? -16.979 19.340  -11.458 0.50 38.77 ? 107 HOH A O   1 
HETATM 1436 O  O   . HOH C 2 .   ? 0.300   11.362  2.483   1.00 34.89 ? 108 HOH A O   1 
HETATM 1437 O  O   . HOH C 2 .   ? -11.397 14.974  7.737   1.00 44.43 ? 109 HOH A O   1 
HETATM 1438 O  O   . HOH C 2 .   ? -17.538 13.695  -1.211  1.00 32.83 ? 110 HOH A O   1 
HETATM 1439 O  O   . HOH C 2 .   ? -19.093 1.760   -5.546  1.00 37.97 ? 111 HOH A O   1 
HETATM 1440 O  O   . HOH C 2 .   ? -22.470 14.966  -5.698  1.00 48.09 ? 112 HOH A O   1 
HETATM 1441 O  O   . HOH C 2 .   ? -12.135 7.435   -12.475 1.00 38.14 ? 113 HOH A O   1 
HETATM 1442 O  O   . HOH C 2 .   ? -12.936 19.190  -3.255  1.00 40.53 ? 114 HOH A O   1 
HETATM 1443 O  O   . HOH C 2 .   ? 0.162   11.575  -11.785 1.00 45.43 ? 115 HOH A O   1 
HETATM 1444 O  O   . HOH C 2 .   ? -15.571 7.912   4.251   1.00 42.36 ? 116 HOH A O   1 
HETATM 1445 O  O   . HOH C 2 .   ? 2.974   17.131  -2.664  1.00 44.92 ? 117 HOH A O   1 
HETATM 1446 O  O   . HOH C 2 .   ? -15.933 2.986   9.353   0.50 26.89 ? 118 HOH A O   1 
HETATM 1447 O  O   . HOH C 2 .   ? -3.070  2.801   -10.385 1.00 39.78 ? 119 HOH A O   1 
HETATM 1448 O  O   . HOH C 2 .   ? 2.781   5.560   -9.076  1.00 42.91 ? 120 HOH A O   1 
HETATM 1449 O  O   . HOH C 2 .   ? -0.863  -1.860  -9.038  1.00 39.31 ? 121 HOH A O   1 
HETATM 1450 O  O   . HOH C 2 .   ? -5.774  20.795  -5.591  1.00 38.06 ? 122 HOH A O   1 
HETATM 1451 O  O   . HOH C 2 .   ? -7.341  8.572   7.232   1.00 42.33 ? 123 HOH A O   1 
HETATM 1452 O  O   . HOH C 2 .   ? -22.252 -3.896  2.433   1.00 51.28 ? 124 HOH A O   1 
HETATM 1453 O  O   . HOH C 2 .   ? -7.847  1.425   -9.799  1.00 48.44 ? 125 HOH A O   1 
HETATM 1454 O  O   . HOH C 2 .   ? 3.793   15.555  -7.774  1.00 39.59 ? 126 HOH A O   1 
HETATM 1455 O  O   . HOH C 2 .   ? -7.396  11.542  7.672   1.00 43.94 ? 127 HOH A O   1 
HETATM 1456 O  O   . HOH C 2 .   ? -20.545 6.671   1.434   1.00 46.80 ? 128 HOH A O   1 
HETATM 1457 O  O   . HOH C 2 .   ? 0.223   18.336  -9.017  1.00 36.22 ? 129 HOH A O   1 
HETATM 1458 O  O   . HOH C 2 .   ? 1.325   16.170  -9.313  1.00 34.21 ? 130 HOH A O   1 
HETATM 1459 O  O   . HOH C 2 .   ? -15.533 -2.035  6.012   1.00 57.69 ? 131 HOH A O   1 
HETATM 1460 O  O   . HOH C 2 .   ? 4.399   15.533  -4.110  1.00 47.20 ? 132 HOH A O   1 
HETATM 1461 O  O   . HOH C 2 .   ? -17.513 -1.375  -11.886 0.50 39.30 ? 133 HOH A O   1 
HETATM 1462 O  O   . HOH C 2 .   ? 1.473   1.499   -15.702 0.50 31.49 ? 134 HOH A O   1 
HETATM 1463 O  O   . HOH C 2 .   ? -5.775  17.862  -11.524 1.00 64.59 ? 135 HOH A O   1 
HETATM 1464 O  O   . HOH C 2 .   ? 1.061   9.652   -14.397 0.50 35.31 ? 136 HOH A O   1 
HETATM 1465 O  O   . HOH C 2 .   ? -1.894  -1.043  3.676   1.00 54.99 ? 137 HOH A O   1 
HETATM 1466 O  O   . HOH C 2 .   ? -5.098  -4.927  5.014   0.50 43.78 ? 138 HOH A O   1 
HETATM 1467 O  O   . HOH C 2 .   ? -18.192 5.679   5.001   1.00 47.78 ? 139 HOH A O   1 
HETATM 1468 O  O   . HOH C 2 .   ? -6.897  -7.503  -7.542  1.00 57.09 ? 140 HOH A O   1 
HETATM 1469 O  O   . HOH C 2 .   ? -17.275 26.822  -4.638  1.00 60.05 ? 141 HOH A O   1 
HETATM 1470 O  O   . HOH C 2 .   ? -4.403  -6.150  -2.595  1.00 58.90 ? 142 HOH A O   1 
HETATM 1471 O  O   . HOH C 2 .   ? 4.472   22.250  6.618   1.00 63.55 ? 143 HOH A O   1 
HETATM 1472 O  O   . HOH C 2 .   ? -12.918 -2.718  6.146   0.50 32.33 ? 144 HOH A O   1 
HETATM 1473 O  O   . HOH C 2 .   ? -10.759 19.413  -5.280  1.00 44.79 ? 145 HOH A O   1 
HETATM 1474 O  O   . HOH C 2 .   ? -3.814  -5.237  -5.537  1.00 51.78 ? 146 HOH A O   1 
HETATM 1475 O  O   . HOH C 2 .   ? -20.814 3.846   1.729   1.00 53.39 ? 147 HOH A O   1 
HETATM 1476 O  O   . HOH C 2 .   ? -18.684 7.926   3.803   1.00 53.39 ? 148 HOH A O   1 
HETATM 1477 O  O   . HOH C 2 .   ? 4.005   20.206  2.401   1.00 57.72 ? 149 HOH A O   1 
HETATM 1478 O  O   . HOH C 2 .   ? -11.962 12.920  -10.582 1.00 48.75 ? 150 HOH A O   1 
HETATM 1479 O  O   . HOH C 2 .   ? -19.846 3.846   3.947   1.00 49.47 ? 151 HOH A O   1 
HETATM 1480 O  O   . HOH C 2 .   ? -21.804 15.388  -1.007  1.00 49.75 ? 152 HOH A O   1 
HETATM 1481 O  O   . HOH C 2 .   ? -3.611  -3.309  -7.813  1.00 52.45 ? 153 HOH A O   1 
HETATM 1482 O  O   . HOH C 2 .   ? -19.524 25.590  -5.441  1.00 63.84 ? 154 HOH A O   1 
HETATM 1483 O  O   . HOH C 2 .   ? 2.595   21.295  4.268   1.00 76.83 ? 155 HOH A O   1 
HETATM 1484 O  O   . HOH C 2 .   ? -9.403  8.649   5.548   1.00 42.73 ? 156 HOH A O   1 
HETATM 1485 O  O   . HOH C 2 .   ? 3.735   5.566   -6.334  1.00 46.99 ? 157 HOH A O   1 
HETATM 1486 O  O   . HOH C 2 .   ? -5.651  22.852  6.049   1.00 58.01 ? 158 HOH A O   1 
HETATM 1487 O  O   . HOH C 2 .   ? 5.732   7.098   -2.842  1.00 47.25 ? 159 HOH A O   1 
HETATM 1488 O  O   . HOH C 2 .   ? -2.113  -0.030  -11.369 1.00 51.37 ? 160 HOH A O   1 
HETATM 1489 O  O   . HOH C 2 .   ? -1.172  14.968  9.234   1.00 61.11 ? 161 HOH A O   1 
HETATM 1490 O  O   . HOH C 2 .   ? -17.433 15.100  10.791  1.00 56.99 ? 162 HOH A O   1 
HETATM 1491 O  O   . HOH C 2 .   ? -16.069 9.727   6.143   1.00 40.96 ? 163 HOH A O   1 
HETATM 1492 O  O   . HOH C 2 .   ? -3.342  7.534   -11.212 1.00 28.97 ? 164 HOH A O   1 
HETATM 1493 O  O   . HOH C 2 .   ? -14.298 -3.391  12.703  1.00 48.37 ? 165 HOH A O   1 
HETATM 1494 O  O   . HOH C 2 .   ? -15.980 -4.940  -9.521  1.00 51.67 ? 166 HOH A O   1 
HETATM 1495 O  O   . HOH C 2 .   ? 0.445   19.017  5.223   1.00 58.99 ? 167 HOH A O   1 
HETATM 1496 O  O   . HOH C 2 .   ? 0.941   22.360  2.319   1.00 60.69 ? 168 HOH A O   1 
HETATM 1497 O  O   . HOH D 2 .   ? 18.041  -3.675  -2.460  1.00 38.46 ? 107 HOH B O   1 
HETATM 1498 O  O   . HOH D 2 .   ? 17.521  -1.969  8.652   1.00 36.06 ? 108 HOH B O   1 
HETATM 1499 O  O   . HOH D 2 .   ? 14.095  -17.810 -0.226  1.00 44.23 ? 109 HOH B O   1 
HETATM 1500 O  O   . HOH D 2 .   ? -0.514  -10.889 -2.625  1.00 37.79 ? 110 HOH B O   1 
HETATM 1501 O  O   . HOH D 2 .   ? 15.133  -14.351 6.215   1.00 30.83 ? 111 HOH B O   1 
HETATM 1502 O  O   . HOH D 2 .   ? 5.009   -17.770 7.318   1.00 43.38 ? 112 HOH B O   1 
HETATM 1503 O  O   . HOH D 2 .   ? 8.371   -13.245 -12.381 1.00 38.53 ? 113 HOH B O   1 
HETATM 1504 O  O   . HOH D 2 .   ? 22.081  -14.893 6.241   1.00 52.11 ? 114 HOH B O   1 
HETATM 1505 O  O   . HOH D 2 .   ? 10.731  -17.571 -7.108  1.00 35.19 ? 115 HOH B O   1 
HETATM 1506 O  O   . HOH D 2 .   ? 9.335   -6.276  -11.677 1.00 47.32 ? 116 HOH B O   1 
HETATM 1507 O  O   . HOH D 2 .   ? 9.077   -10.609 10.489  1.00 36.38 ? 117 HOH B O   1 
HETATM 1508 O  O   . HOH D 2 .   ? 6.245   5.333   -4.479  1.00 36.33 ? 118 HOH B O   1 
HETATM 1509 O  O   . HOH D 2 .   ? 13.638  -0.085  18.084  1.00 44.25 ? 119 HOH B O   1 
HETATM 1510 O  O   . HOH D 2 .   ? 3.142   -23.544 -0.543  1.00 52.86 ? 120 HOH B O   1 
HETATM 1511 O  O   . HOH D 2 .   ? 9.288   1.191   -5.476  1.00 38.72 ? 121 HOH B O   1 
HETATM 1512 O  O   . HOH D 2 .   ? 4.780   -1.062  -9.582  1.00 42.09 ? 122 HOH B O   1 
HETATM 1513 O  O   . HOH D 2 .   ? 4.555   -10.565 -13.167 1.00 36.43 ? 123 HOH B O   1 
HETATM 1514 O  O   . HOH D 2 .   ? 2.232   -1.890  -8.418  1.00 38.74 ? 124 HOH B O   1 
HETATM 1515 O  O   . HOH D 2 .   ? 12.177  1.411   -1.467  1.00 46.56 ? 125 HOH B O   1 
HETATM 1516 O  O   . HOH D 2 .   ? 6.187   6.573   11.855  1.00 58.70 ? 126 HOH B O   1 
HETATM 1517 O  O   . HOH D 2 .   ? 5.370   -7.862  15.729  1.00 47.66 ? 127 HOH B O   1 
HETATM 1518 O  O   . HOH D 2 .   ? 4.064   -10.922 6.801   1.00 41.82 ? 128 HOH B O   1 
HETATM 1519 O  O   . HOH D 2 .   ? 13.709  -17.495 -2.916  1.00 41.14 ? 129 HOH B O   1 
HETATM 1520 O  O   . HOH D 2 .   ? 14.618  -9.278  12.459  1.00 48.39 ? 130 HOH B O   1 
HETATM 1521 O  O   . HOH D 2 .   ? 0.857   -3.312  18.971  0.50 29.41 ? 131 HOH B O   1 
HETATM 1522 O  O   . HOH D 2 .   ? 11.772  -7.485  14.395  1.00 50.02 ? 132 HOH B O   1 
HETATM 1523 O  O   . HOH D 2 .   ? 9.183   1.207   -8.571  0.50 44.13 ? 133 HOH B O   1 
HETATM 1524 O  O   . HOH D 2 .   ? 6.126   -15.936 8.682   1.00 55.39 ? 134 HOH B O   1 
HETATM 1525 O  O   . HOH D 2 .   ? -1.764  -19.485 -7.581  1.00 65.09 ? 135 HOH B O   1 
HETATM 1526 O  O   . HOH D 2 .   ? 18.987  1.679   -5.413  0.50 49.74 ? 136 HOH B O   1 
HETATM 1527 O  O   . HOH D 2 .   ? 18.241  -21.076 -4.341  1.00 64.84 ? 137 HOH B O   1 
HETATM 1528 O  O   . HOH D 2 .   ? 10.017  -9.405  13.592  1.00 49.13 ? 138 HOH B O   1 
HETATM 1529 O  O   . HOH D 2 .   ? 4.599   -0.956  13.582  1.00 52.61 ? 139 HOH B O   1 
HETATM 1530 O  O   . HOH D 2 .   ? 11.142  3.313   -2.574  1.00 43.93 ? 140 HOH B O   1 
HETATM 1531 O  O   . HOH D 2 .   ? -0.217  -8.704  5.963   1.00 60.24 ? 141 HOH B O   1 
HETATM 1532 O  O   . HOH D 2 .   ? 1.630   -11.879 -11.173 1.00 50.08 ? 142 HOH B O   1 
HETATM 1533 O  O   . HOH D 2 .   ? 14.879  1.550   -0.481  0.50 37.26 ? 143 HOH B O   1 
HETATM 1534 O  O   . HOH D 2 .   ? 12.202  6.366   -1.592  1.00 68.26 ? 144 HOH B O   1 
HETATM 1535 O  O   . HOH D 2 .   ? 18.612  -5.903  -3.498  0.50 38.74 ? 145 HOH B O   1 
HETATM 1536 O  O   . HOH D 2 .   ? -2.094  -9.587  1.095   1.00 59.98 ? 146 HOH B O   1 
HETATM 1537 O  O   . HOH D 2 .   ? 7.321   -10.928 -12.671 1.00 32.57 ? 147 HOH B O   1 
HETATM 1538 O  O   . HOH D 2 .   ? 9.832   -1.143  -9.952  1.00 56.24 ? 148 HOH B O   1 
HETATM 1539 O  O   . HOH D 2 .   ? -4.161  -20.264 -6.592  1.00 64.17 ? 149 HOH B O   1 
HETATM 1540 O  O   . HOH D 2 .   ? 12.565  -10.442 12.318  1.00 48.15 ? 150 HOH B O   1 
HETATM 1541 O  O   . HOH D 2 .   ? 17.686  -6.912  14.254  0.50 38.11 ? 151 HOH B O   1 
HETATM 1542 O  O   . HOH D 2 .   ? 14.499  -11.758 -12.216 1.00 58.37 ? 152 HOH B O   1 
HETATM 1543 O  O   . HOH D 2 .   ? 1.589   -14.048 5.742   1.00 47.56 ? 153 HOH B O   1 
HETATM 1544 O  O   . HOH D 2 .   ? -1.017  -6.333  6.298   1.00 61.05 ? 154 HOH B O   1 
HETATM 1545 O  O   . HOH D 2 .   ? -4.295  -22.413 -5.838  1.00 62.44 ? 155 HOH B O   1 
HETATM 1546 O  O   . HOH D 2 .   ? 21.555  -15.679 0.583   1.00 69.64 ? 156 HOH B O   1 
HETATM 1547 O  O   . HOH D 2 .   ? 6.848   -2.143  15.135  1.00 55.97 ? 157 HOH B O   1 
HETATM 1548 O  O   . HOH D 2 .   ? 17.231  -9.284  -3.535  0.50 37.21 ? 158 HOH B O   1 
HETATM 1549 O  O   . HOH D 2 .   ? 8.514   -13.080 11.240  1.00 38.58 ? 159 HOH B O   1 
HETATM 1550 O  O   . HOH D 2 .   ? 1.320   -11.211 6.507   1.00 44.54 ? 160 HOH B O   1 
HETATM 1551 O  O   . HOH D 2 .   ? 19.356  4.887   -0.418  1.00 58.60 ? 161 HOH B O   1 
HETATM 1552 O  O   . HOH D 2 .   ? -6.810  -22.561 -5.910  1.00 63.64 ? 162 HOH B O   1 
# 
